data_1VJ0
#
_entry.id   1VJ0
#
_cell.length_a   92.880
_cell.length_b   104.919
_cell.length_c   161.617
_cell.angle_alpha   90.00
_cell.angle_beta   90.00
_cell.angle_gamma   90.00
#
_symmetry.space_group_name_H-M   'P 21 21 21'
#
loop_
_entity.id
_entity.type
_entity.pdbx_description
1 polymer 'alcohol dehydrogenase, zinc-containing'
2 non-polymer 'ZINC ION'
3 non-polymer 'UNKNOWN LIGAND'
4 water water
#
_entity_poly.entity_id   1
_entity_poly.type   'polypeptide(L)'
_entity_poly.pdbx_seq_one_letter_code
;MGSDKIHHHHHHMMGLKAHAMVLEKFNQPLVYKEFEISDIPRGSILVEILSAGVCGSDVHMFRGEDPRVPLPIILGHEGA
GRVVEVNGEKRDLNGELLKPGDLIVWNRGITCGECYWCKVSKEPYLCPNRKVYGINRGCSEYPHLRGCYSSHIVLDPETD
VLKVSEKDDLDVLAMAMCSGATAYHAFDEYPESFAGKTVVIQGAGPLGLFGVVIARSLGAENVIVIAGSPNRLKLAEEIG
ADLTLNRRETSVEERRKAIMDITHGRGADFILEATGDSRALLEGSELLRRGGFYSVAGVAVPQDPVPFKVYEWLVLKNAT
FKGIWVSDTSHFVKTVSITSRNYQLLSKLITHRLPLKEANKALELMESREALKVILYPEG
;
_entity_poly.pdbx_strand_id   A,B,C,D
#
# COMPACT_ATOMS: atom_id res chain seq x y z
N MET A 14 -46.22 31.92 -6.99
CA MET A 14 -45.81 31.01 -8.12
C MET A 14 -44.59 30.17 -7.77
N GLY A 15 -43.65 30.76 -7.04
CA GLY A 15 -42.43 30.08 -6.61
C GLY A 15 -42.67 29.06 -5.50
N LEU A 16 -41.64 28.29 -5.19
CA LEU A 16 -41.69 27.36 -4.05
C LEU A 16 -41.46 28.13 -2.76
N LYS A 17 -42.33 27.91 -1.79
CA LYS A 17 -42.23 28.58 -0.48
C LYS A 17 -41.36 27.72 0.44
N ALA A 18 -40.19 28.25 0.84
CA ALA A 18 -39.30 27.55 1.75
C ALA A 18 -39.12 28.39 3.02
N HIS A 19 -38.58 27.77 4.06
CA HIS A 19 -38.25 28.44 5.30
C HIS A 19 -37.00 27.82 5.92
N ALA A 20 -36.35 28.60 6.78
CA ALA A 20 -35.13 28.15 7.42
C ALA A 20 -34.88 28.91 8.71
N MET A 21 -33.96 28.38 9.48
CA MET A 21 -33.49 28.96 10.71
C MET A 21 -32.11 29.52 10.46
N VAL A 22 -32.03 30.85 10.48
CA VAL A 22 -30.87 31.60 10.06
C VAL A 22 -30.08 32.11 11.28
N LEU A 23 -28.76 31.92 11.23
CA LEU A 23 -27.83 32.57 12.13
C LEU A 23 -27.49 33.93 11.53
N GLU A 24 -27.87 35.00 12.24
CA GLU A 24 -27.63 36.38 11.81
C GLU A 24 -26.44 37.01 12.51
N LYS A 25 -26.31 36.68 13.80
CA LYS A 25 -25.24 37.19 14.70
C LYS A 25 -24.83 36.06 15.65
N PHE A 26 -23.55 35.95 15.94
CA PHE A 26 -23.10 34.87 16.83
C PHE A 26 -23.69 35.05 18.22
N ASN A 27 -23.98 33.94 18.86
CA ASN A 27 -24.59 33.91 20.19
C ASN A 27 -25.98 34.50 20.33
N GLN A 28 -26.66 34.76 19.22
CA GLN A 28 -28.05 35.23 19.29
C GLN A 28 -28.92 34.14 18.65
N PRO A 29 -30.12 33.92 19.17
CA PRO A 29 -30.96 32.84 18.65
C PRO A 29 -31.03 32.82 17.10
N LEU A 30 -31.07 31.63 16.53
CA LEU A 30 -31.39 31.48 15.11
C LEU A 30 -32.79 32.03 14.85
N VAL A 31 -32.97 32.70 13.74
CA VAL A 31 -34.25 33.32 13.43
C VAL A 31 -34.94 32.65 12.23
N TYR A 32 -36.24 32.48 12.39
CA TYR A 32 -37.09 31.86 11.39
C TYR A 32 -37.26 32.84 10.22
N LYS A 33 -37.02 32.37 9.00
CA LYS A 33 -37.22 33.24 7.85
C LYS A 33 -37.81 32.45 6.68
N GLU A 34 -38.58 33.12 5.84
CA GLU A 34 -39.19 32.50 4.67
C GLU A 34 -38.52 32.99 3.43
N PHE A 35 -38.50 32.14 2.39
CA PHE A 35 -37.83 32.43 1.10
C PHE A 35 -38.73 31.96 -0.04
N GLU A 36 -38.66 32.59 -1.21
CA GLU A 36 -39.44 32.08 -2.34
C GLU A 36 -38.40 31.68 -3.37
N ILE A 37 -38.46 30.42 -3.81
CA ILE A 37 -37.42 29.92 -4.70
C ILE A 37 -38.08 29.75 -6.08
N SER A 38 -37.54 30.45 -7.09
CA SER A 38 -38.01 30.34 -8.47
C SER A 38 -36.89 29.67 -9.25
N ASP A 39 -36.05 30.44 -9.90
CA ASP A 39 -34.95 29.93 -10.66
C ASP A 39 -33.82 29.38 -9.75
N ILE A 40 -33.08 28.36 -10.19
CA ILE A 40 -31.85 27.92 -9.51
C ILE A 40 -30.68 27.86 -10.52
N PRO A 41 -29.43 27.95 -10.06
CA PRO A 41 -28.30 27.93 -10.99
C PRO A 41 -28.30 26.68 -11.87
N ARG A 42 -27.84 26.85 -13.10
CA ARG A 42 -27.74 25.75 -14.03
C ARG A 42 -27.11 24.52 -13.41
N GLY A 43 -27.78 23.39 -13.58
CA GLY A 43 -27.25 22.11 -13.16
C GLY A 43 -27.67 21.72 -11.72
N SER A 44 -28.22 22.69 -10.99
CA SER A 44 -28.50 22.55 -9.57
C SER A 44 -29.65 21.61 -9.32
N ILE A 45 -29.73 21.13 -8.07
CA ILE A 45 -30.77 20.24 -7.60
C ILE A 45 -31.52 20.88 -6.42
N LEU A 46 -32.82 21.08 -6.57
CA LEU A 46 -33.62 21.57 -5.45
C LEU A 46 -34.08 20.38 -4.65
N VAL A 47 -33.76 20.38 -3.38
CA VAL A 47 -34.00 19.25 -2.49
C VAL A 47 -34.85 19.65 -1.31
N GLU A 48 -35.89 18.88 -1.06
CA GLU A 48 -36.68 18.97 0.16
C GLU A 48 -35.94 18.23 1.27
N ILE A 49 -35.57 18.94 2.32
CA ILE A 49 -34.90 18.31 3.48
C ILE A 49 -35.89 17.43 4.24
N LEU A 50 -35.51 16.17 4.48
CA LEU A 50 -36.27 15.28 5.34
C LEU A 50 -35.61 15.01 6.69
N SER A 51 -34.29 15.01 6.73
CA SER A 51 -33.53 14.87 7.98
C SER A 51 -32.35 15.82 7.95
N ALA A 52 -32.14 16.55 9.05
CA ALA A 52 -30.96 17.37 9.26
C ALA A 52 -30.31 17.08 10.57
N GLY A 53 -29.08 16.59 10.54
CA GLY A 53 -28.36 16.35 11.79
C GLY A 53 -27.87 17.62 12.41
N VAL A 54 -27.96 17.70 13.73
CA VAL A 54 -27.33 18.76 14.50
C VAL A 54 -26.01 18.21 15.03
N CYS A 55 -24.91 18.82 14.58
CA CYS A 55 -23.55 18.41 14.93
C CYS A 55 -22.99 19.24 16.03
N GLY A 56 -22.09 18.66 16.82
CA GLY A 56 -21.50 19.42 17.93
C GLY A 56 -20.74 20.64 17.45
N SER A 57 -20.18 20.56 16.25
CA SER A 57 -19.50 21.72 15.65
C SER A 57 -20.46 22.89 15.30
N ASP A 58 -21.76 22.60 15.17
CA ASP A 58 -22.76 23.64 14.92
C ASP A 58 -22.79 24.60 16.13
N VAL A 59 -22.60 24.06 17.34
CA VAL A 59 -22.56 24.86 18.54
C VAL A 59 -21.43 25.87 18.50
N HIS A 60 -20.25 25.40 18.13
CA HIS A 60 -19.10 26.28 18.04
C HIS A 60 -19.26 27.35 17.00
N MET A 61 -19.85 26.99 15.87
CA MET A 61 -20.15 27.96 14.83
C MET A 61 -21.17 28.98 15.31
N PHE A 62 -22.23 28.54 15.98
CA PHE A 62 -23.22 29.46 16.57
C PHE A 62 -22.56 30.47 17.50
N ARG A 63 -21.55 30.01 18.23
CA ARG A 63 -20.90 30.80 19.24
C ARG A 63 -19.86 31.77 18.69
N GLY A 64 -19.58 31.67 17.40
CA GLY A 64 -18.60 32.51 16.75
C GLY A 64 -17.16 32.03 16.89
N GLU A 65 -16.95 30.73 17.02
CA GLU A 65 -15.62 30.19 17.30
C GLU A 65 -14.95 29.63 16.04
N ASP A 66 -15.70 29.40 14.96
CA ASP A 66 -15.15 28.80 13.72
C ASP A 66 -14.85 29.92 12.76
N PRO A 67 -13.58 30.15 12.43
CA PRO A 67 -13.23 31.30 11.62
C PRO A 67 -13.75 31.23 10.17
N ARG A 68 -14.25 30.08 9.74
CA ARG A 68 -14.77 29.92 8.35
C ARG A 68 -16.16 30.53 8.11
N VAL A 69 -16.86 30.91 9.18
CA VAL A 69 -18.30 31.12 9.10
C VAL A 69 -18.75 32.53 8.76
N PRO A 70 -19.31 32.70 7.56
CA PRO A 70 -19.87 33.96 7.16
C PRO A 70 -21.21 34.14 7.86
N LEU A 71 -21.64 35.39 7.98
CA LEU A 71 -23.00 35.75 8.42
C LEU A 71 -23.68 36.64 7.38
N PRO A 72 -24.97 36.43 7.12
CA PRO A 72 -25.76 35.36 7.78
C PRO A 72 -25.54 34.05 7.09
N ILE A 73 -25.97 32.97 7.75
CA ILE A 73 -25.81 31.62 7.23
C ILE A 73 -26.94 30.74 7.74
N ILE A 74 -27.37 29.81 6.89
CA ILE A 74 -28.15 28.66 7.30
C ILE A 74 -27.22 27.47 7.62
N LEU A 75 -27.16 27.12 8.91
CA LEU A 75 -26.30 26.05 9.35
C LEU A 75 -26.90 24.73 8.92
N GLY A 76 -26.14 23.65 9.21
CA GLY A 76 -26.60 22.29 8.97
C GLY A 76 -25.85 21.72 7.79
N HIS A 77 -24.90 20.84 8.05
CA HIS A 77 -24.10 20.22 6.98
C HIS A 77 -24.33 18.70 6.87
N GLU A 78 -25.32 18.21 7.61
CA GLU A 78 -25.68 16.79 7.63
C GLU A 78 -27.17 16.71 7.18
N GLY A 79 -27.40 16.18 5.98
CA GLY A 79 -28.70 16.15 5.38
C GLY A 79 -29.07 14.95 4.52
N ALA A 80 -30.35 14.65 4.50
CA ALA A 80 -30.94 13.69 3.55
C ALA A 80 -32.24 14.27 3.12
N GLY A 81 -32.61 14.02 1.88
CA GLY A 81 -33.90 14.50 1.41
C GLY A 81 -34.40 13.92 0.08
N ARG A 82 -35.32 14.65 -0.51
CA ARG A 82 -36.05 14.23 -1.65
C ARG A 82 -35.89 15.25 -2.76
N VAL A 83 -35.61 14.76 -3.96
CA VAL A 83 -35.42 15.62 -5.13
C VAL A 83 -36.74 16.29 -5.48
N VAL A 84 -36.71 17.62 -5.61
CA VAL A 84 -37.86 18.36 -6.07
C VAL A 84 -37.69 18.65 -7.55
N GLU A 85 -36.55 19.23 -7.92
CA GLU A 85 -36.29 19.49 -9.29
C GLU A 85 -34.78 19.54 -9.57
N VAL A 86 -34.44 19.29 -10.82
CA VAL A 86 -33.13 19.35 -11.33
C VAL A 86 -33.17 20.30 -12.50
N ASN A 87 -32.33 21.32 -12.45
CA ASN A 87 -32.20 22.30 -13.55
C ASN A 87 -31.25 21.74 -14.63
N GLY A 88 -31.74 20.96 -15.57
CA GLY A 88 -30.88 20.18 -16.46
C GLY A 88 -30.91 18.70 -16.06
N GLU A 89 -29.74 18.07 -16.00
CA GLU A 89 -29.62 16.65 -15.60
C GLU A 89 -28.58 16.48 -14.52
N LYS A 90 -28.82 15.51 -13.64
CA LYS A 90 -27.86 15.17 -12.59
C LYS A 90 -27.86 13.67 -12.35
N ARG A 91 -26.68 13.08 -12.43
CA ARG A 91 -26.49 11.68 -12.14
C ARG A 91 -25.87 11.52 -10.78
N ASP A 92 -26.33 10.50 -10.08
CA ASP A 92 -25.67 10.16 -8.83
C ASP A 92 -24.34 9.45 -9.12
N LEU A 93 -23.60 9.09 -8.06
CA LEU A 93 -22.27 8.51 -8.24
C LEU A 93 -22.23 7.14 -8.96
N ASN A 94 -23.37 6.45 -9.01
CA ASN A 94 -23.48 5.18 -9.74
C ASN A 94 -23.96 5.36 -11.16
N GLY A 95 -24.19 6.63 -11.55
CA GLY A 95 -24.59 6.95 -12.88
C GLY A 95 -26.08 7.09 -13.07
N GLU A 96 -26.86 7.00 -12.01
CA GLU A 96 -28.31 6.99 -12.22
C GLU A 96 -28.81 8.42 -12.25
N LEU A 97 -29.64 8.69 -13.23
CA LEU A 97 -30.30 9.96 -13.41
C LEU A 97 -31.32 10.25 -12.30
N LEU A 98 -31.14 11.38 -11.63
CA LEU A 98 -32.05 11.84 -10.59
C LEU A 98 -33.32 12.35 -11.25
N LYS A 99 -34.45 12.06 -10.59
CA LYS A 99 -35.75 12.56 -10.97
C LYS A 99 -36.51 13.04 -9.74
N PRO A 100 -37.49 13.93 -9.92
CA PRO A 100 -38.30 14.43 -8.80
C PRO A 100 -38.87 13.26 -8.00
N GLY A 101 -38.78 13.31 -6.69
CA GLY A 101 -39.24 12.18 -5.89
C GLY A 101 -38.14 11.25 -5.40
N ASP A 102 -36.97 11.23 -6.06
CA ASP A 102 -35.86 10.41 -5.58
C ASP A 102 -35.40 10.83 -4.18
N LEU A 103 -35.05 9.83 -3.36
CA LEU A 103 -34.42 10.08 -2.06
C LEU A 103 -32.96 10.07 -2.29
N ILE A 104 -32.27 11.02 -1.67
CA ILE A 104 -30.84 11.15 -1.79
C ILE A 104 -30.14 11.53 -0.51
N VAL A 105 -28.86 11.19 -0.46
CA VAL A 105 -27.94 11.80 0.43
C VAL A 105 -26.75 12.31 -0.42
N TRP A 106 -25.92 13.15 0.19
CA TRP A 106 -24.88 13.80 -0.55
C TRP A 106 -23.69 14.15 0.31
N ASN A 107 -22.57 14.29 -0.34
CA ASN A 107 -21.35 14.76 0.34
C ASN A 107 -21.50 16.28 0.60
N ARG A 108 -21.32 16.68 1.84
CA ARG A 108 -21.42 18.10 2.22
C ARG A 108 -20.40 19.01 1.56
N GLY A 109 -19.27 18.43 1.17
CA GLY A 109 -18.13 19.22 0.68
C GLY A 109 -17.93 19.09 -0.81
N ILE A 110 -17.66 20.21 -1.45
CA ILE A 110 -17.36 20.23 -2.89
C ILE A 110 -15.95 20.79 -2.99
N THR A 111 -15.13 20.08 -3.74
CA THR A 111 -13.73 20.47 -3.93
C THR A 111 -13.60 20.99 -5.35
N CYS A 112 -12.49 21.62 -5.65
CA CYS A 112 -12.30 22.33 -6.91
C CYS A 112 -12.07 21.42 -8.11
N GLY A 113 -11.49 20.24 -7.90
CA GLY A 113 -11.18 19.37 -8.99
C GLY A 113 -10.06 19.84 -9.91
N GLU A 114 -9.24 20.79 -9.45
CA GLU A 114 -8.20 21.45 -10.26
C GLU A 114 -6.84 21.60 -9.55
N CYS A 115 -6.79 21.45 -8.24
CA CYS A 115 -5.58 21.76 -7.53
C CYS A 115 -4.69 20.53 -7.35
N TYR A 116 -3.53 20.76 -6.77
CA TYR A 116 -2.58 19.71 -6.45
C TYR A 116 -3.22 18.57 -5.69
N TRP A 117 -4.03 18.92 -4.69
CA TRP A 117 -4.60 17.89 -3.85
C TRP A 117 -5.70 17.11 -4.55
N CYS A 118 -6.57 17.80 -5.27
CA CYS A 118 -7.62 17.15 -6.02
C CYS A 118 -7.05 16.32 -7.19
N LYS A 119 -5.99 16.78 -7.84
CA LYS A 119 -5.56 16.15 -9.11
C LYS A 119 -4.24 15.39 -9.09
N VAL A 120 -3.33 15.72 -8.18
CA VAL A 120 -2.02 15.13 -8.22
C VAL A 120 -1.87 14.15 -7.09
N SER A 121 -2.07 14.61 -5.86
CA SER A 121 -1.95 13.71 -4.71
C SER A 121 -3.22 12.91 -4.44
N LYS A 122 -4.34 13.28 -5.05
CA LYS A 122 -5.61 12.53 -4.87
C LYS A 122 -6.08 12.49 -3.41
N GLU A 123 -5.95 13.64 -2.74
CA GLU A 123 -6.42 13.88 -1.38
C GLU A 123 -7.39 15.06 -1.37
N PRO A 124 -8.57 14.89 -1.97
CA PRO A 124 -9.51 16.00 -2.11
C PRO A 124 -10.02 16.59 -0.80
N TYR A 125 -10.00 15.81 0.27
CA TYR A 125 -10.36 16.33 1.61
C TYR A 125 -9.41 17.46 1.99
N LEU A 126 -8.22 17.51 1.37
CA LEU A 126 -7.25 18.59 1.64
C LEU A 126 -7.31 19.82 0.69
N CYS A 127 -8.29 19.85 -0.19
CA CYS A 127 -8.43 20.92 -1.17
C CYS A 127 -8.57 22.25 -0.39
N PRO A 128 -7.75 23.25 -0.68
CA PRO A 128 -7.89 24.52 0.01
C PRO A 128 -9.16 25.32 -0.40
N ASN A 129 -9.90 24.87 -1.41
CA ASN A 129 -11.01 25.64 -1.96
C ASN A 129 -12.29 24.90 -1.64
N ARG A 130 -12.27 24.07 -0.62
CA ARG A 130 -13.41 23.17 -0.28
C ARG A 130 -14.60 23.98 0.30
N LYS A 131 -15.75 23.79 -0.33
CA LYS A 131 -16.98 24.53 -0.08
C LYS A 131 -17.96 23.57 0.61
N VAL A 132 -18.45 23.94 1.79
CA VAL A 132 -19.24 23.02 2.63
C VAL A 132 -20.57 23.68 2.99
N TYR A 133 -21.67 23.00 2.62
CA TYR A 133 -23.03 23.36 3.03
C TYR A 133 -23.07 23.55 4.53
N GLY A 134 -23.68 24.65 4.93
CA GLY A 134 -23.94 24.94 6.34
C GLY A 134 -22.73 25.36 7.16
N ILE A 135 -21.55 25.53 6.53
CA ILE A 135 -20.30 25.92 7.20
C ILE A 135 -19.67 27.20 6.61
N ASN A 136 -19.32 27.19 5.33
CA ASN A 136 -18.66 28.38 4.75
C ASN A 136 -19.42 28.93 3.55
N ARG A 137 -20.70 28.57 3.46
CA ARG A 137 -21.60 29.01 2.43
C ARG A 137 -22.75 29.76 3.07
N GLY A 138 -22.67 31.09 3.00
CA GLY A 138 -23.66 32.01 3.58
C GLY A 138 -25.00 31.99 2.84
N CYS A 139 -26.01 32.59 3.45
CA CYS A 139 -27.32 32.51 2.87
C CYS A 139 -27.82 33.83 2.29
N SER A 140 -26.97 34.86 2.20
CA SER A 140 -27.54 36.14 1.82
C SER A 140 -27.75 36.29 0.29
N GLU A 141 -26.93 35.65 -0.53
CA GLU A 141 -27.11 35.72 -2.01
C GLU A 141 -28.11 34.65 -2.45
N TYR A 142 -29.07 35.04 -3.29
CA TYR A 142 -30.05 34.12 -3.86
C TYR A 142 -29.26 33.01 -4.56
N PRO A 143 -29.64 31.72 -4.45
CA PRO A 143 -30.97 31.28 -3.98
C PRO A 143 -31.00 30.93 -2.48
N HIS A 144 -29.98 31.38 -1.73
CA HIS A 144 -29.99 31.44 -0.23
C HIS A 144 -29.79 30.14 0.54
N LEU A 145 -30.46 29.07 0.09
CA LEU A 145 -30.60 27.81 0.84
C LEU A 145 -29.39 26.92 0.66
N ARG A 146 -28.36 27.17 1.49
CA ARG A 146 -27.07 26.51 1.34
C ARG A 146 -26.68 25.75 2.62
N GLY A 147 -27.70 25.40 3.41
CA GLY A 147 -27.55 24.63 4.63
C GLY A 147 -28.79 23.80 4.90
N CYS A 148 -28.68 22.83 5.81
CA CYS A 148 -29.74 21.86 6.02
C CYS A 148 -30.78 22.23 7.07
N TYR A 149 -30.53 23.30 7.87
CA TYR A 149 -31.54 23.79 8.82
C TYR A 149 -32.57 24.61 8.05
N SER A 150 -33.31 23.91 7.19
CA SER A 150 -34.14 24.50 6.20
C SER A 150 -35.10 23.43 5.69
N SER A 151 -36.19 23.89 5.12
CA SER A 151 -37.18 23.05 4.47
C SER A 151 -36.59 22.46 3.21
N HIS A 152 -35.69 23.23 2.59
CA HIS A 152 -35.09 22.89 1.29
C HIS A 152 -33.65 23.30 1.25
N ILE A 153 -32.89 22.66 0.37
CA ILE A 153 -31.53 23.09 0.07
C ILE A 153 -31.35 23.05 -1.45
N VAL A 154 -30.55 23.97 -1.99
CA VAL A 154 -30.16 23.94 -3.38
C VAL A 154 -28.75 23.38 -3.48
N LEU A 155 -28.60 22.25 -4.16
CA LEU A 155 -27.30 21.58 -4.30
C LEU A 155 -26.72 21.97 -5.67
N ASP A 156 -25.48 22.38 -5.69
CA ASP A 156 -24.76 22.68 -6.94
C ASP A 156 -24.58 21.41 -7.79
N PRO A 157 -24.38 21.56 -9.09
CA PRO A 157 -24.18 20.40 -9.99
C PRO A 157 -22.99 19.58 -9.61
N GLU A 158 -22.00 20.21 -8.99
CA GLU A 158 -20.76 19.54 -8.62
C GLU A 158 -20.91 18.64 -7.38
N THR A 159 -22.03 18.75 -6.67
CA THR A 159 -22.25 17.91 -5.53
C THR A 159 -22.26 16.39 -5.88
N ASP A 160 -21.54 15.63 -5.06
CA ASP A 160 -21.63 14.17 -5.12
C ASP A 160 -22.85 13.67 -4.37
N VAL A 161 -23.70 12.97 -5.13
CA VAL A 161 -24.98 12.51 -4.64
C VAL A 161 -25.04 10.99 -4.76
N LEU A 162 -25.80 10.40 -3.84
CA LEU A 162 -26.14 8.99 -3.91
C LEU A 162 -27.67 8.85 -3.64
N LYS A 163 -28.38 8.23 -4.57
CA LYS A 163 -29.76 7.81 -4.44
C LYS A 163 -29.85 6.70 -3.41
N VAL A 164 -30.86 6.79 -2.57
CA VAL A 164 -31.15 5.77 -1.58
C VAL A 164 -32.59 5.35 -1.75
N SER A 165 -33.05 4.39 -0.95
CA SER A 165 -34.42 3.90 -1.07
C SER A 165 -35.25 4.16 0.17
N GLU A 166 -36.53 3.84 0.10
CA GLU A 166 -37.44 4.00 1.24
C GLU A 166 -37.13 3.00 2.36
N LYS A 167 -36.28 2.03 2.08
CA LYS A 167 -35.82 1.07 3.12
C LYS A 167 -34.59 1.57 3.90
N ASP A 168 -34.04 2.71 3.49
CA ASP A 168 -32.90 3.31 4.18
C ASP A 168 -33.38 4.24 5.27
N ASP A 169 -32.63 4.27 6.37
CA ASP A 169 -32.95 5.12 7.49
C ASP A 169 -32.29 6.49 7.28
N LEU A 170 -33.06 7.48 6.83
CA LEU A 170 -32.49 8.76 6.43
C LEU A 170 -31.96 9.57 7.59
N ASP A 171 -32.57 9.40 8.74
CA ASP A 171 -32.04 10.00 9.97
C ASP A 171 -30.66 9.48 10.27
N VAL A 172 -30.45 8.16 10.20
CA VAL A 172 -29.13 7.58 10.46
C VAL A 172 -28.16 8.02 9.39
N LEU A 173 -28.59 8.05 8.13
CA LEU A 173 -27.70 8.50 7.06
C LEU A 173 -27.25 9.95 7.23
N ALA A 174 -28.17 10.82 7.55
CA ALA A 174 -27.80 12.23 7.78
C ALA A 174 -26.68 12.37 8.83
N MET A 175 -26.86 11.73 9.97
CA MET A 175 -25.82 11.76 11.01
C MET A 175 -24.48 11.16 10.54
N ALA A 176 -24.55 10.09 9.77
CA ALA A 176 -23.39 9.34 9.34
C ALA A 176 -22.46 10.16 8.46
N MET A 177 -23.03 11.14 7.80
CA MET A 177 -22.35 11.90 6.77
C MET A 177 -21.17 12.63 7.36
N CYS A 178 -21.31 13.05 8.61
CA CYS A 178 -20.26 13.79 9.21
C CYS A 178 -19.37 12.86 10.05
N SER A 179 -19.82 12.55 11.28
CA SER A 179 -19.01 11.78 12.20
C SER A 179 -18.62 10.42 11.58
N GLY A 180 -19.54 9.78 10.89
CA GLY A 180 -19.27 8.48 10.31
C GLY A 180 -18.25 8.44 9.20
N ALA A 181 -18.26 9.41 8.31
CA ALA A 181 -17.27 9.43 7.25
C ALA A 181 -15.86 9.82 7.73
N THR A 182 -15.80 10.67 8.77
CA THR A 182 -14.53 10.98 9.35
C THR A 182 -13.97 9.74 10.06
N ALA A 183 -14.80 9.02 10.82
CA ALA A 183 -14.36 7.75 11.41
C ALA A 183 -13.93 6.74 10.31
N TYR A 184 -14.70 6.64 9.22
CA TYR A 184 -14.29 5.79 8.12
C TYR A 184 -12.91 6.18 7.60
N HIS A 185 -12.71 7.45 7.32
CA HIS A 185 -11.43 7.95 6.83
C HIS A 185 -10.32 7.41 7.75
N ALA A 186 -10.55 7.49 9.05
CA ALA A 186 -9.54 7.10 10.01
C ALA A 186 -9.12 5.68 9.92
N PHE A 187 -10.09 4.80 9.70
CA PHE A 187 -9.87 3.38 9.51
C PHE A 187 -9.30 3.05 8.16
N ASP A 188 -9.71 3.80 7.14
CA ASP A 188 -9.26 3.58 5.77
C ASP A 188 -7.77 3.86 5.64
N GLU A 189 -7.22 4.70 6.52
CA GLU A 189 -5.77 5.02 6.44
C GLU A 189 -4.87 3.85 6.93
N TYR A 190 -5.42 2.92 7.68
CA TYR A 190 -4.67 1.74 8.18
C TYR A 190 -4.24 0.83 7.01
N PRO A 191 -2.95 0.56 6.86
CA PRO A 191 -2.46 -0.12 5.65
C PRO A 191 -2.57 -1.64 5.62
N GLU A 192 -3.24 -2.28 6.57
CA GLU A 192 -3.43 -3.74 6.59
C GLU A 192 -4.92 -4.03 6.79
N SER A 193 -5.32 -5.29 6.67
CA SER A 193 -6.64 -5.71 7.15
C SER A 193 -6.73 -5.66 8.68
N PHE A 194 -7.95 -5.52 9.20
CA PHE A 194 -8.24 -5.54 10.61
C PHE A 194 -8.41 -6.96 11.20
N ALA A 195 -8.30 -7.99 10.36
CA ALA A 195 -8.35 -9.37 10.84
C ALA A 195 -7.27 -9.63 11.88
N GLY A 196 -7.68 -10.20 12.99
CA GLY A 196 -6.80 -10.48 14.10
C GLY A 196 -6.33 -9.24 14.86
N LYS A 197 -6.86 -8.05 14.55
CA LYS A 197 -6.35 -6.86 15.18
C LYS A 197 -7.20 -6.42 16.40
N THR A 198 -6.52 -5.70 17.29
CA THR A 198 -7.12 -5.07 18.47
C THR A 198 -7.16 -3.56 18.27
N VAL A 199 -8.39 -3.01 18.32
CA VAL A 199 -8.72 -1.60 18.13
C VAL A 199 -9.11 -0.99 19.46
N VAL A 200 -8.47 0.12 19.81
CA VAL A 200 -8.90 0.93 20.94
C VAL A 200 -9.44 2.25 20.42
N ILE A 201 -10.63 2.60 20.89
CA ILE A 201 -11.23 3.87 20.59
C ILE A 201 -11.31 4.72 21.82
N GLN A 202 -10.81 5.95 21.70
CA GLN A 202 -10.85 6.94 22.81
C GLN A 202 -11.98 7.89 22.51
N GLY A 203 -13.00 7.88 23.35
CA GLY A 203 -14.16 8.75 23.17
C GLY A 203 -15.35 7.93 22.73
N ALA A 204 -16.54 8.32 23.21
CA ALA A 204 -17.78 7.58 22.93
C ALA A 204 -18.92 8.53 22.57
N GLY A 205 -18.55 9.60 21.88
CA GLY A 205 -19.47 10.46 21.13
C GLY A 205 -19.73 9.81 19.78
N PRO A 206 -20.50 10.45 18.92
CA PRO A 206 -20.85 9.83 17.61
C PRO A 206 -19.65 9.35 16.80
N LEU A 207 -18.58 10.13 16.80
CA LEU A 207 -17.36 9.72 16.09
C LEU A 207 -16.82 8.39 16.61
N GLY A 208 -16.58 8.32 17.92
CA GLY A 208 -16.06 7.09 18.52
C GLY A 208 -17.03 5.91 18.37
N LEU A 209 -18.30 6.19 18.49
CA LEU A 209 -19.34 5.15 18.34
C LEU A 209 -19.49 4.60 16.91
N PHE A 210 -19.44 5.45 15.90
CA PHE A 210 -19.33 4.96 14.52
C PHE A 210 -18.06 4.13 14.34
N GLY A 211 -16.96 4.55 14.98
CA GLY A 211 -15.68 3.81 15.02
C GLY A 211 -15.89 2.35 15.44
N VAL A 212 -16.74 2.16 16.48
CA VAL A 212 -17.05 0.80 16.96
C VAL A 212 -17.65 -0.06 15.86
N VAL A 213 -18.68 0.45 15.21
CA VAL A 213 -19.36 -0.28 14.13
C VAL A 213 -18.46 -0.49 12.91
N ILE A 214 -17.62 0.50 12.57
CA ILE A 214 -16.73 0.38 11.43
C ILE A 214 -15.70 -0.65 11.79
N ALA A 215 -15.13 -0.57 12.99
CA ALA A 215 -14.10 -1.57 13.40
C ALA A 215 -14.65 -2.98 13.29
N ARG A 216 -15.85 -3.18 13.82
CA ARG A 216 -16.52 -4.48 13.76
C ARG A 216 -16.74 -4.91 12.29
N SER A 217 -17.22 -3.98 11.47
CA SER A 217 -17.54 -4.29 10.08
C SER A 217 -16.36 -4.67 9.20
N LEU A 218 -15.20 -4.12 9.52
CA LEU A 218 -13.94 -4.40 8.79
C LEU A 218 -13.23 -5.65 9.34
N GLY A 219 -13.76 -6.22 10.40
CA GLY A 219 -13.32 -7.52 10.87
C GLY A 219 -12.31 -7.51 11.99
N ALA A 220 -12.26 -6.42 12.76
CA ALA A 220 -11.36 -6.38 13.93
C ALA A 220 -11.69 -7.48 14.87
N GLU A 221 -10.66 -8.01 15.53
CA GLU A 221 -10.89 -9.07 16.48
C GLU A 221 -11.42 -8.56 17.82
N ASN A 222 -10.76 -7.54 18.35
CA ASN A 222 -11.18 -6.93 19.61
C ASN A 222 -11.41 -5.43 19.44
N VAL A 223 -12.50 -4.94 20.02
CA VAL A 223 -12.82 -3.50 19.99
C VAL A 223 -13.00 -3.00 21.42
N ILE A 224 -12.15 -2.09 21.84
CA ILE A 224 -12.18 -1.56 23.22
C ILE A 224 -12.42 -0.07 23.15
N VAL A 225 -13.35 0.42 23.99
CA VAL A 225 -13.63 1.85 24.08
C VAL A 225 -13.28 2.43 25.48
N ILE A 226 -12.57 3.56 25.50
CA ILE A 226 -12.20 4.27 26.73
C ILE A 226 -12.88 5.62 26.67
N ALA A 227 -13.69 5.90 27.66
CA ALA A 227 -14.42 7.16 27.82
C ALA A 227 -14.78 7.39 29.29
N GLY A 228 -15.43 8.51 29.56
CA GLY A 228 -15.85 8.90 30.89
C GLY A 228 -17.31 8.72 31.28
N SER A 229 -18.20 8.45 30.34
CA SER A 229 -19.62 8.42 30.60
C SER A 229 -20.13 6.98 30.63
N PRO A 230 -20.66 6.50 31.73
CA PRO A 230 -21.24 5.17 31.73
C PRO A 230 -22.33 4.90 30.69
N ASN A 231 -23.24 5.85 30.50
CA ASN A 231 -24.31 5.71 29.50
C ASN A 231 -23.75 5.48 28.12
N ARG A 232 -22.70 6.20 27.77
CA ARG A 232 -22.17 6.08 26.45
C ARG A 232 -21.34 4.84 26.28
N LEU A 233 -20.77 4.38 27.39
CA LEU A 233 -19.98 3.15 27.38
C LEU A 233 -20.92 1.96 27.25
N LYS A 234 -22.07 2.02 27.90
CA LYS A 234 -23.11 1.00 27.74
C LYS A 234 -23.57 0.96 26.27
N LEU A 235 -23.76 2.13 25.66
CA LEU A 235 -24.13 2.18 24.27
C LEU A 235 -23.04 1.55 23.40
N ALA A 236 -21.77 1.84 23.67
CA ALA A 236 -20.68 1.29 22.90
C ALA A 236 -20.71 -0.23 22.95
N GLU A 237 -20.95 -0.80 24.13
CA GLU A 237 -21.15 -2.26 24.25
C GLU A 237 -22.34 -2.79 23.45
N GLU A 238 -23.45 -2.10 23.53
CA GLU A 238 -24.63 -2.47 22.76
C GLU A 238 -24.43 -2.47 21.24
N ILE A 239 -23.49 -1.69 20.72
CA ILE A 239 -23.30 -1.63 19.24
C ILE A 239 -22.03 -2.36 18.79
N GLY A 240 -21.35 -3.01 19.73
CA GLY A 240 -20.39 -4.06 19.40
C GLY A 240 -19.04 -4.04 20.10
N ALA A 241 -18.78 -3.06 21.00
CA ALA A 241 -17.53 -3.06 21.76
C ALA A 241 -17.41 -4.33 22.62
N ASP A 242 -16.22 -4.94 22.65
CA ASP A 242 -15.96 -6.11 23.50
C ASP A 242 -15.66 -5.71 24.96
N LEU A 243 -15.10 -4.53 25.15
CA LEU A 243 -14.72 -4.04 26.47
C LEU A 243 -14.82 -2.58 26.46
N THR A 244 -15.29 -2.03 27.57
CA THR A 244 -15.22 -0.58 27.84
C THR A 244 -14.45 -0.32 29.11
N LEU A 245 -13.74 0.80 29.14
CA LEU A 245 -13.04 1.22 30.32
C LEU A 245 -13.37 2.68 30.62
N ASN A 246 -13.93 2.90 31.80
CA ASN A 246 -14.25 4.22 32.27
C ASN A 246 -13.03 4.93 32.87
N ARG A 247 -12.54 5.94 32.15
CA ARG A 247 -11.31 6.62 32.58
C ARG A 247 -11.48 7.48 33.82
N ARG A 248 -12.70 7.80 34.21
CA ARG A 248 -12.91 8.44 35.48
C ARG A 248 -12.88 7.44 36.65
N GLU A 249 -12.93 6.13 36.38
CA GLU A 249 -13.08 5.16 37.48
C GLU A 249 -11.96 4.12 37.57
N THR A 250 -10.95 4.30 36.73
CA THR A 250 -9.79 3.45 36.65
C THR A 250 -8.54 4.35 36.56
N SER A 251 -7.38 3.81 36.90
CA SER A 251 -6.12 4.49 36.60
C SER A 251 -5.64 4.18 35.19
N VAL A 252 -4.78 5.06 34.67
CA VAL A 252 -4.12 4.84 33.41
C VAL A 252 -3.42 3.47 33.43
N GLU A 253 -2.81 3.14 34.57
CA GLU A 253 -2.07 1.87 34.68
C GLU A 253 -2.99 0.64 34.54
N GLU A 254 -4.16 0.69 35.22
CA GLU A 254 -5.21 -0.35 35.09
C GLU A 254 -5.69 -0.53 33.66
N ARG A 255 -5.87 0.58 32.94
CA ARG A 255 -6.36 0.47 31.58
C ARG A 255 -5.28 -0.12 30.66
N ARG A 256 -4.03 0.23 30.92
CA ARG A 256 -2.96 -0.31 30.13
C ARG A 256 -2.81 -1.81 30.36
N LYS A 257 -2.92 -2.23 31.62
CA LYS A 257 -2.91 -3.65 31.95
C LYS A 257 -4.02 -4.42 31.23
N ALA A 258 -5.24 -3.86 31.22
CA ALA A 258 -6.35 -4.46 30.55
C ALA A 258 -6.05 -4.67 29.07
N ILE A 259 -5.52 -3.66 28.42
CA ILE A 259 -5.20 -3.78 27.01
C ILE A 259 -4.04 -4.73 26.79
N MET A 260 -3.01 -4.64 27.64
CA MET A 260 -1.88 -5.57 27.53
C MET A 260 -2.34 -7.05 27.69
N ASP A 261 -3.28 -7.33 28.59
CA ASP A 261 -3.76 -8.69 28.79
C ASP A 261 -4.45 -9.28 27.53
N ILE A 262 -5.29 -8.49 26.91
CA ILE A 262 -5.97 -8.87 25.71
C ILE A 262 -5.05 -9.04 24.51
N THR A 263 -3.86 -8.42 24.50
CA THR A 263 -2.97 -8.39 23.32
C THR A 263 -1.66 -9.07 23.62
N HIS A 264 -1.71 -9.98 24.58
CA HIS A 264 -0.58 -10.76 24.96
C HIS A 264 0.63 -9.92 25.25
N GLY A 265 0.41 -8.78 25.90
CA GLY A 265 1.49 -7.98 26.39
C GLY A 265 2.02 -7.05 25.33
N ARG A 266 1.41 -7.00 24.14
CA ARG A 266 1.92 -6.13 23.05
C ARG A 266 1.45 -4.66 23.09
N GLY A 267 0.16 -4.44 23.33
CA GLY A 267 -0.47 -3.14 23.08
C GLY A 267 -1.43 -3.25 21.90
N ALA A 268 -2.28 -2.24 21.77
CA ALA A 268 -3.20 -2.08 20.63
C ALA A 268 -2.50 -1.98 19.27
N ASP A 269 -3.12 -2.59 18.25
CA ASP A 269 -2.63 -2.53 16.87
C ASP A 269 -3.02 -1.17 16.23
N PHE A 270 -4.20 -0.67 16.65
CA PHE A 270 -4.82 0.49 16.04
C PHE A 270 -5.61 1.24 17.11
N ILE A 271 -5.33 2.52 17.23
CA ILE A 271 -6.08 3.41 18.11
C ILE A 271 -6.73 4.55 17.33
N LEU A 272 -7.95 4.91 17.75
CA LEU A 272 -8.63 6.09 17.22
C LEU A 272 -8.81 7.10 18.34
N GLU A 273 -8.22 8.29 18.18
CA GLU A 273 -8.49 9.39 19.07
C GLU A 273 -9.81 10.01 18.59
N ALA A 274 -10.84 9.97 19.42
CA ALA A 274 -12.15 10.52 19.11
C ALA A 274 -12.69 11.29 20.31
N THR A 275 -11.78 11.90 21.08
CA THR A 275 -12.20 12.63 22.29
C THR A 275 -12.35 14.11 22.07
N GLY A 276 -11.58 14.69 21.15
CA GLY A 276 -11.51 16.16 21.05
C GLY A 276 -10.51 16.84 21.98
N ASP A 277 -9.79 16.05 22.76
CA ASP A 277 -8.83 16.57 23.70
C ASP A 277 -7.43 16.09 23.33
N SER A 278 -6.52 17.01 23.09
CA SER A 278 -5.16 16.70 22.67
C SER A 278 -4.46 15.80 23.71
N ARG A 279 -4.85 15.92 24.98
CA ARG A 279 -4.23 15.16 26.05
C ARG A 279 -4.48 13.67 25.93
N ALA A 280 -5.47 13.26 25.14
CA ALA A 280 -5.70 11.83 24.88
C ALA A 280 -4.45 11.11 24.36
N LEU A 281 -3.59 11.81 23.60
CA LEU A 281 -2.40 11.19 23.05
C LEU A 281 -1.46 10.74 24.14
N LEU A 282 -1.50 11.39 25.29
CA LEU A 282 -0.63 11.00 26.40
C LEU A 282 -0.93 9.57 26.86
N GLU A 283 -2.21 9.22 26.94
CA GLU A 283 -2.58 7.81 27.27
C GLU A 283 -2.50 6.83 26.08
N GLY A 284 -3.05 7.22 24.95
CA GLY A 284 -3.04 6.39 23.77
C GLY A 284 -1.65 5.92 23.37
N SER A 285 -0.68 6.81 23.44
CA SER A 285 0.71 6.50 23.02
C SER A 285 1.25 5.37 23.85
N GLU A 286 0.90 5.33 25.12
CA GLU A 286 1.35 4.26 26.00
C GLU A 286 0.59 2.95 25.82
N LEU A 287 -0.56 2.96 25.16
CA LEU A 287 -1.32 1.76 24.87
C LEU A 287 -0.95 1.10 23.54
N LEU A 288 -0.26 1.85 22.68
CA LEU A 288 0.03 1.43 21.31
C LEU A 288 1.19 0.39 21.30
N ARG A 289 1.03 -0.71 20.55
CA ARG A 289 2.13 -1.61 20.40
C ARG A 289 3.23 -1.00 19.54
N ARG A 290 4.39 -1.57 19.72
CA ARG A 290 5.50 -1.34 18.79
C ARG A 290 5.00 -1.69 17.39
N GLY A 291 5.13 -0.78 16.46
CA GLY A 291 4.64 -0.91 15.06
C GLY A 291 3.18 -0.51 14.88
N GLY A 292 2.55 -0.07 15.97
CA GLY A 292 1.15 0.33 15.99
C GLY A 292 0.78 1.58 15.19
N PHE A 293 -0.52 1.74 14.95
CA PHE A 293 -1.08 2.84 14.15
C PHE A 293 -2.10 3.66 14.92
N TYR A 294 -1.89 4.95 15.00
CA TYR A 294 -2.75 5.81 15.80
C TYR A 294 -3.36 6.88 14.88
N SER A 295 -4.66 6.78 14.57
CA SER A 295 -5.38 7.77 13.80
C SER A 295 -5.94 8.77 14.76
N VAL A 296 -5.61 10.02 14.54
CA VAL A 296 -6.04 11.11 15.39
C VAL A 296 -7.07 11.93 14.64
N ALA A 297 -8.33 11.84 15.06
CA ALA A 297 -9.46 12.42 14.31
C ALA A 297 -10.38 13.30 15.13
N GLY A 298 -10.24 13.35 16.46
CA GLY A 298 -11.29 14.03 17.28
C GLY A 298 -10.95 15.48 17.57
N VAL A 299 -9.67 15.77 17.81
CA VAL A 299 -9.24 17.14 18.09
C VAL A 299 -9.65 18.05 16.94
N ALA A 300 -10.44 19.05 17.27
CA ALA A 300 -11.12 19.88 16.28
C ALA A 300 -10.86 21.40 16.39
N VAL A 301 -10.06 21.82 17.36
CA VAL A 301 -9.71 23.25 17.49
C VAL A 301 -8.30 23.35 18.04
N PRO A 302 -7.62 24.48 17.80
CA PRO A 302 -6.30 24.69 18.32
C PRO A 302 -6.37 24.54 19.84
N GLN A 303 -5.38 23.87 20.44
CA GLN A 303 -5.40 23.62 21.88
C GLN A 303 -3.97 23.81 22.37
N ASP A 304 -3.79 23.94 23.69
CA ASP A 304 -2.43 23.95 24.20
C ASP A 304 -1.68 22.76 23.68
N PRO A 305 -0.41 22.94 23.44
CA PRO A 305 0.45 21.83 23.07
C PRO A 305 0.55 20.80 24.19
N VAL A 306 0.71 19.54 23.83
CA VAL A 306 0.90 18.46 24.81
C VAL A 306 2.35 18.03 24.82
N PRO A 307 2.84 17.59 25.97
CA PRO A 307 4.23 17.14 26.10
C PRO A 307 4.41 15.78 25.44
N PHE A 308 5.02 15.79 24.26
CA PHE A 308 5.15 14.58 23.48
C PHE A 308 6.54 13.99 23.64
N LYS A 309 6.58 12.69 23.98
CA LYS A 309 7.83 11.98 24.15
C LYS A 309 8.25 11.33 22.83
N VAL A 310 9.13 12.01 22.11
CA VAL A 310 9.48 11.59 20.78
C VAL A 310 10.18 10.23 20.72
N TYR A 311 11.17 9.98 21.57
CA TYR A 311 11.86 8.71 21.52
C TYR A 311 10.95 7.52 21.85
N GLU A 312 10.26 7.64 22.98
CA GLU A 312 9.46 6.59 23.57
C GLU A 312 8.21 6.32 22.77
N TRP A 313 7.58 7.38 22.26
CA TRP A 313 6.30 7.21 21.57
C TRP A 313 6.37 7.09 20.08
N LEU A 314 7.38 7.68 19.44
CA LEU A 314 7.55 7.56 17.99
C LEU A 314 8.66 6.63 17.59
N VAL A 315 9.90 6.96 17.94
CA VAL A 315 11.07 6.25 17.37
C VAL A 315 11.18 4.81 17.87
N LEU A 316 11.31 4.67 19.19
CA LEU A 316 11.49 3.34 19.77
C LEU A 316 10.26 2.45 19.46
N LYS A 317 9.10 3.08 19.47
CA LYS A 317 7.89 2.37 19.07
C LYS A 317 7.71 2.07 17.58
N ASN A 318 8.49 2.69 16.69
CA ASN A 318 8.26 2.59 15.26
C ASN A 318 6.75 2.81 14.95
N ALA A 319 6.17 3.82 15.61
CA ALA A 319 4.74 4.08 15.58
C ALA A 319 4.35 5.00 14.44
N THR A 320 3.16 4.80 13.88
CA THR A 320 2.58 5.74 12.95
C THR A 320 1.50 6.53 13.66
N PHE A 321 1.63 7.86 13.66
CA PHE A 321 0.56 8.77 14.08
C PHE A 321 0.05 9.45 12.85
N LYS A 322 -1.23 9.36 12.61
CA LYS A 322 -1.79 9.87 11.37
C LYS A 322 -2.95 10.79 11.68
N GLY A 323 -2.85 12.09 11.37
CA GLY A 323 -3.98 12.97 11.60
C GLY A 323 -5.01 12.78 10.49
N ILE A 324 -6.29 12.94 10.85
CA ILE A 324 -7.41 12.73 9.94
C ILE A 324 -8.23 14.01 9.77
N TRP A 325 -8.24 14.55 8.56
CA TRP A 325 -9.00 15.74 8.24
C TRP A 325 -10.24 15.35 7.40
N VAL A 326 -11.42 15.62 7.96
CA VAL A 326 -12.70 15.41 7.27
C VAL A 326 -12.73 14.11 6.43
N SER A 327 -13.31 14.15 5.24
CA SER A 327 -13.49 12.97 4.44
C SER A 327 -13.79 13.42 3.05
N ASP A 328 -13.72 12.49 2.11
CA ASP A 328 -14.04 12.78 0.74
C ASP A 328 -15.14 11.85 0.23
N THR A 329 -15.44 11.94 -1.07
CA THR A 329 -16.49 11.15 -1.66
C THR A 329 -16.26 9.64 -1.61
N SER A 330 -15.01 9.17 -1.67
CA SER A 330 -14.75 7.75 -1.50
C SER A 330 -15.13 7.31 -0.08
N HIS A 331 -14.82 8.12 0.92
CA HIS A 331 -15.19 7.77 2.26
C HIS A 331 -16.70 7.80 2.46
N PHE A 332 -17.33 8.80 1.86
CA PHE A 332 -18.81 8.97 1.84
C PHE A 332 -19.55 7.67 1.39
N VAL A 333 -19.17 7.18 0.22
CA VAL A 333 -19.82 6.02 -0.35
C VAL A 333 -19.61 4.79 0.56
N LYS A 334 -18.39 4.60 1.03
CA LYS A 334 -18.12 3.43 1.86
C LYS A 334 -18.79 3.52 3.23
N THR A 335 -18.92 4.73 3.74
CA THR A 335 -19.65 4.96 5.01
C THR A 335 -21.13 4.66 4.85
N VAL A 336 -21.73 5.12 3.76
CA VAL A 336 -23.10 4.80 3.48
C VAL A 336 -23.27 3.28 3.40
N SER A 337 -22.35 2.56 2.75
CA SER A 337 -22.49 1.08 2.68
C SER A 337 -22.45 0.41 4.06
N ILE A 338 -21.46 0.77 4.87
CA ILE A 338 -21.36 0.20 6.22
C ILE A 338 -22.59 0.54 7.05
N THR A 339 -22.98 1.80 6.98
CA THR A 339 -24.10 2.30 7.75
C THR A 339 -25.39 1.51 7.42
N SER A 340 -25.57 1.23 6.13
CA SER A 340 -26.77 0.59 5.60
C SER A 340 -26.93 -0.84 6.13
N ARG A 341 -25.84 -1.48 6.54
CA ARG A 341 -25.91 -2.77 7.21
C ARG A 341 -26.05 -2.65 8.72
N ASN A 342 -26.13 -1.43 9.26
CA ASN A 342 -26.13 -1.28 10.71
C ASN A 342 -27.12 -0.24 11.20
N TYR A 343 -28.19 -0.05 10.43
CA TYR A 343 -29.20 0.96 10.79
C TYR A 343 -29.76 0.77 12.20
N GLN A 344 -30.11 -0.43 12.58
CA GLN A 344 -30.71 -0.63 13.88
C GLN A 344 -29.75 -0.32 15.05
N LEU A 345 -28.48 -0.70 14.92
CA LEU A 345 -27.48 -0.32 15.92
C LEU A 345 -27.26 1.17 15.93
N LEU A 346 -27.03 1.77 14.76
CA LEU A 346 -26.69 3.18 14.68
C LEU A 346 -27.86 4.09 15.03
N SER A 347 -29.10 3.62 14.90
CA SER A 347 -30.22 4.49 15.29
C SER A 347 -30.19 4.72 16.80
N LYS A 348 -29.52 3.87 17.56
CA LYS A 348 -29.41 4.08 18.98
C LYS A 348 -28.70 5.40 19.38
N LEU A 349 -27.93 5.97 18.50
CA LEU A 349 -27.22 7.20 18.74
C LEU A 349 -28.16 8.42 18.73
N ILE A 350 -29.31 8.31 18.06
CA ILE A 350 -30.24 9.46 17.95
C ILE A 350 -31.09 9.51 19.19
N THR A 351 -30.83 10.49 20.04
CA THR A 351 -31.53 10.58 21.30
C THR A 351 -32.69 11.53 21.25
N HIS A 352 -32.69 12.45 20.28
CA HIS A 352 -33.72 13.48 20.25
C HIS A 352 -34.06 13.79 18.79
N ARG A 353 -35.34 13.95 18.50
CA ARG A 353 -35.81 14.43 17.20
C ARG A 353 -36.68 15.63 17.44
N LEU A 354 -36.30 16.76 16.88
CA LEU A 354 -37.02 18.02 17.09
C LEU A 354 -37.49 18.59 15.78
N PRO A 355 -38.56 19.38 15.81
CA PRO A 355 -38.98 20.17 14.66
C PRO A 355 -37.93 21.20 14.28
N LEU A 356 -37.81 21.49 12.98
CA LEU A 356 -36.81 22.52 12.53
C LEU A 356 -36.91 23.83 13.31
N LYS A 357 -38.13 24.29 13.56
CA LYS A 357 -38.35 25.53 14.28
C LYS A 357 -37.85 25.57 15.72
N GLU A 358 -37.50 24.40 16.26
CA GLU A 358 -36.82 24.29 17.57
C GLU A 358 -35.28 24.12 17.47
N ALA A 359 -34.72 24.57 16.36
CA ALA A 359 -33.28 24.48 16.16
C ALA A 359 -32.47 25.09 17.34
N ASN A 360 -32.98 26.14 17.96
CA ASN A 360 -32.23 26.74 19.08
C ASN A 360 -32.15 25.77 20.25
N LYS A 361 -33.25 25.07 20.52
CA LYS A 361 -33.30 24.06 21.58
C LYS A 361 -32.40 22.87 21.24
N ALA A 362 -32.40 22.42 19.98
CA ALA A 362 -31.47 21.41 19.54
C ALA A 362 -30.02 21.72 19.87
N LEU A 363 -29.56 22.92 19.52
CA LEU A 363 -28.19 23.34 19.86
C LEU A 363 -27.97 23.36 21.38
N GLU A 364 -28.95 23.84 22.11
CA GLU A 364 -28.88 23.83 23.57
C GLU A 364 -28.63 22.40 24.10
N LEU A 365 -29.41 21.44 23.59
CA LEU A 365 -29.30 20.04 23.98
C LEU A 365 -27.93 19.46 23.63
N MET A 366 -27.41 19.83 22.48
CA MET A 366 -26.12 19.32 22.05
C MET A 366 -25.02 19.97 22.89
N GLU A 367 -25.19 21.24 23.22
CA GLU A 367 -24.18 21.94 24.03
C GLU A 367 -24.18 21.45 25.49
N SER A 368 -25.36 21.29 26.08
CA SER A 368 -25.45 20.78 27.45
C SER A 368 -25.07 19.31 27.57
N ARG A 369 -25.08 18.59 26.44
CA ARG A 369 -24.85 17.14 26.34
C ARG A 369 -25.99 16.31 26.91
N GLU A 370 -27.15 16.93 27.06
CA GLU A 370 -28.39 16.20 27.30
C GLU A 370 -28.69 15.30 26.08
N ALA A 371 -28.30 15.74 24.87
CA ALA A 371 -28.45 14.88 23.70
C ALA A 371 -27.09 14.34 23.31
N LEU A 372 -27.09 13.12 22.74
CA LEU A 372 -25.93 12.57 22.08
C LEU A 372 -25.94 13.03 20.61
N LYS A 373 -27.09 12.87 19.96
CA LYS A 373 -27.34 13.38 18.64
C LYS A 373 -28.81 13.78 18.48
N VAL A 374 -29.01 14.98 17.95
CA VAL A 374 -30.33 15.48 17.58
C VAL A 374 -30.47 15.52 16.07
N ILE A 375 -31.63 15.08 15.61
CA ILE A 375 -32.10 15.26 14.25
C ILE A 375 -33.26 16.27 14.18
N LEU A 376 -33.19 17.17 13.20
CA LEU A 376 -34.27 18.14 12.98
C LEU A 376 -35.08 17.70 11.80
N TYR A 377 -36.37 17.93 11.88
CA TYR A 377 -37.22 17.67 10.75
C TYR A 377 -38.09 18.89 10.43
N PRO A 378 -38.10 19.28 9.16
CA PRO A 378 -39.02 20.31 8.72
C PRO A 378 -40.48 19.81 8.83
N GLU A 379 -41.37 20.79 8.88
CA GLU A 379 -42.83 20.68 8.89
C GLU A 379 -43.28 20.55 10.33
N LEU B 16 -7.92 35.97 -35.05
CA LEU B 16 -6.62 35.24 -35.33
C LEU B 16 -6.77 34.20 -36.45
N LYS B 17 -5.80 34.15 -37.36
CA LYS B 17 -5.80 33.15 -38.46
C LYS B 17 -4.91 31.96 -38.07
N ALA B 18 -5.53 30.82 -37.80
CA ALA B 18 -4.80 29.59 -37.49
C ALA B 18 -4.75 28.73 -38.75
N HIS B 19 -3.84 27.78 -38.78
CA HIS B 19 -3.88 26.70 -39.77
C HIS B 19 -3.61 25.34 -39.13
N ALA B 20 -4.04 24.30 -39.80
CA ALA B 20 -3.88 22.94 -39.33
C ALA B 20 -3.79 21.95 -40.48
N MET B 21 -3.31 20.76 -40.14
CA MET B 21 -3.34 19.64 -41.06
C MET B 21 -4.48 18.71 -40.64
N VAL B 22 -5.50 18.64 -41.48
CA VAL B 22 -6.76 18.02 -41.07
C VAL B 22 -6.94 16.64 -41.71
N LEU B 23 -7.39 15.67 -40.90
CA LEU B 23 -7.81 14.36 -41.40
C LEU B 23 -9.28 14.45 -41.80
N GLU B 24 -9.53 14.32 -43.09
CA GLU B 24 -10.89 14.37 -43.65
C GLU B 24 -11.40 12.97 -44.03
N LYS B 25 -10.49 12.12 -44.51
CA LYS B 25 -10.84 10.75 -44.91
C LYS B 25 -9.72 9.84 -44.46
N PHE B 26 -10.06 8.70 -43.89
CA PHE B 26 -9.03 7.70 -43.49
C PHE B 26 -8.25 7.24 -44.71
N ASN B 27 -6.96 7.01 -44.49
CA ASN B 27 -6.03 6.59 -45.53
C ASN B 27 -5.83 7.58 -46.65
N GLN B 28 -6.42 8.78 -46.56
CA GLN B 28 -6.14 9.87 -47.48
C GLN B 28 -5.39 10.95 -46.76
N PRO B 29 -4.46 11.62 -47.46
CA PRO B 29 -3.53 12.51 -46.84
C PRO B 29 -4.19 13.64 -46.09
N LEU B 30 -3.56 14.02 -45.00
CA LEU B 30 -3.98 15.16 -44.20
C LEU B 30 -3.91 16.42 -45.08
N VAL B 31 -4.91 17.28 -44.94
CA VAL B 31 -5.00 18.41 -45.81
C VAL B 31 -4.82 19.70 -45.06
N TYR B 32 -4.13 20.66 -45.69
CA TYR B 32 -3.90 21.95 -45.08
C TYR B 32 -5.19 22.79 -45.06
N LYS B 33 -5.45 23.45 -43.94
CA LYS B 33 -6.69 24.20 -43.82
C LYS B 33 -6.53 25.39 -42.86
N GLU B 34 -7.19 26.47 -43.19
CA GLU B 34 -7.14 27.69 -42.40
C GLU B 34 -8.43 27.94 -41.64
N PHE B 35 -8.29 28.50 -40.45
CA PHE B 35 -9.37 28.73 -39.51
C PHE B 35 -9.22 30.13 -38.94
N GLU B 36 -10.29 30.89 -38.86
CA GLU B 36 -10.24 32.16 -38.20
C GLU B 36 -10.90 32.01 -36.85
N ILE B 37 -10.15 32.38 -35.82
CA ILE B 37 -10.54 32.23 -34.44
C ILE B 37 -10.85 33.65 -33.97
N SER B 38 -12.12 33.92 -33.66
CA SER B 38 -12.51 35.14 -32.97
C SER B 38 -12.75 34.76 -31.50
N ASP B 39 -13.99 34.70 -31.02
CA ASP B 39 -14.23 34.35 -29.63
C ASP B 39 -13.76 32.92 -29.35
N ILE B 40 -13.26 32.68 -28.14
CA ILE B 40 -13.07 31.31 -27.67
C ILE B 40 -14.05 31.09 -26.55
N PRO B 41 -14.39 29.84 -26.28
CA PRO B 41 -15.38 29.56 -25.29
C PRO B 41 -14.96 30.01 -23.90
N ARG B 42 -15.97 30.28 -23.09
CA ARG B 42 -15.77 30.72 -21.70
C ARG B 42 -14.80 29.83 -20.94
N GLY B 43 -13.81 30.47 -20.32
CA GLY B 43 -12.83 29.72 -19.55
C GLY B 43 -11.70 29.09 -20.36
N SER B 44 -11.76 29.17 -21.68
CA SER B 44 -10.82 28.43 -22.49
C SER B 44 -9.47 29.17 -22.56
N ILE B 45 -8.43 28.43 -22.93
CA ILE B 45 -7.08 28.94 -23.13
C ILE B 45 -6.69 28.71 -24.60
N LEU B 46 -6.40 29.78 -25.32
CA LEU B 46 -5.89 29.69 -26.67
C LEU B 46 -4.39 29.61 -26.56
N VAL B 47 -3.82 28.59 -27.20
CA VAL B 47 -2.42 28.31 -27.09
C VAL B 47 -1.76 28.22 -28.45
N GLU B 48 -0.59 28.86 -28.59
CA GLU B 48 0.19 28.71 -29.80
C GLU B 48 1.01 27.47 -29.65
N ILE B 49 0.88 26.54 -30.58
CA ILE B 49 1.65 25.28 -30.52
C ILE B 49 3.09 25.53 -30.88
N LEU B 50 4.00 25.07 -30.02
CA LEU B 50 5.43 25.18 -30.32
C LEU B 50 6.04 23.84 -30.73
N SER B 51 5.51 22.74 -30.21
CA SER B 51 5.99 21.39 -30.48
C SER B 51 4.79 20.46 -30.51
N ALA B 52 4.74 19.56 -31.48
CA ALA B 52 3.67 18.56 -31.52
C ALA B 52 4.29 17.23 -31.84
N GLY B 53 4.07 16.24 -30.98
CA GLY B 53 4.63 14.92 -31.17
C GLY B 53 3.76 14.11 -32.12
N VAL B 54 4.41 13.34 -32.95
CA VAL B 54 3.75 12.39 -33.81
C VAL B 54 3.92 11.03 -33.17
N CYS B 55 2.80 10.46 -32.74
CA CYS B 55 2.78 9.20 -32.03
C CYS B 55 2.48 8.08 -32.98
N GLY B 56 2.98 6.90 -32.67
CA GLY B 56 2.65 5.72 -33.45
C GLY B 56 1.16 5.45 -33.51
N SER B 57 0.43 5.77 -32.45
CA SER B 57 -1.02 5.62 -32.53
C SER B 57 -1.67 6.52 -33.59
N ASP B 58 -1.02 7.61 -33.99
CA ASP B 58 -1.62 8.56 -34.97
C ASP B 58 -1.70 7.92 -36.34
N VAL B 59 -0.73 7.04 -36.60
CA VAL B 59 -0.73 6.24 -37.83
C VAL B 59 -1.99 5.38 -37.88
N HIS B 60 -2.30 4.71 -36.79
CA HIS B 60 -3.48 3.85 -36.72
C HIS B 60 -4.78 4.61 -36.89
N MET B 61 -4.84 5.78 -36.27
CA MET B 61 -5.97 6.70 -36.43
C MET B 61 -6.08 7.15 -37.88
N PHE B 62 -4.96 7.55 -38.45
CA PHE B 62 -4.92 7.93 -39.86
C PHE B 62 -5.51 6.83 -40.77
N ARG B 63 -5.13 5.59 -40.45
CA ARG B 63 -5.49 4.44 -41.24
C ARG B 63 -6.95 3.96 -41.01
N GLY B 64 -7.69 4.61 -40.11
CA GLY B 64 -9.07 4.25 -39.79
C GLY B 64 -9.24 3.06 -38.83
N GLU B 65 -8.20 2.75 -38.05
CA GLU B 65 -8.20 1.55 -37.21
C GLU B 65 -8.69 1.80 -35.77
N ASP B 66 -8.88 3.06 -35.42
CA ASP B 66 -9.27 3.45 -34.08
C ASP B 66 -10.73 3.82 -34.13
N PRO B 67 -11.59 3.10 -33.41
CA PRO B 67 -13.02 3.35 -33.50
C PRO B 67 -13.52 4.64 -32.76
N ARG B 68 -12.67 5.25 -31.91
CA ARG B 68 -13.01 6.53 -31.22
C ARG B 68 -13.01 7.77 -32.15
N VAL B 69 -12.44 7.63 -33.35
CA VAL B 69 -11.99 8.77 -34.13
C VAL B 69 -13.06 9.28 -35.09
N PRO B 70 -13.62 10.46 -34.81
CA PRO B 70 -14.57 11.08 -35.70
C PRO B 70 -13.85 11.79 -36.84
N LEU B 71 -14.55 12.03 -37.93
CA LEU B 71 -13.99 12.84 -38.99
C LEU B 71 -14.94 14.01 -39.25
N PRO B 72 -14.41 15.15 -39.70
CA PRO B 72 -12.97 15.44 -39.72
C PRO B 72 -12.35 15.69 -38.35
N ILE B 73 -11.03 15.62 -38.25
CA ILE B 73 -10.35 15.76 -36.97
C ILE B 73 -8.96 16.28 -37.26
N ILE B 74 -8.52 17.19 -36.40
CA ILE B 74 -7.10 17.55 -36.30
C ILE B 74 -6.45 16.61 -35.27
N LEU B 75 -5.55 15.76 -35.77
CA LEU B 75 -4.85 14.79 -34.95
C LEU B 75 -3.81 15.49 -34.09
N GLY B 76 -3.16 14.70 -33.24
CA GLY B 76 -2.07 15.19 -32.40
C GLY B 76 -2.50 15.39 -30.98
N HIS B 77 -2.07 14.48 -30.12
CA HIS B 77 -2.47 14.52 -28.72
C HIS B 77 -1.30 14.83 -27.81
N GLU B 78 -0.16 15.22 -28.40
CA GLU B 78 1.09 15.43 -27.69
C GLU B 78 1.57 16.85 -27.99
N GLY B 79 1.41 17.78 -27.05
CA GLY B 79 1.71 19.17 -27.32
C GLY B 79 2.38 19.98 -26.22
N ALA B 80 3.16 20.98 -26.66
CA ALA B 80 3.68 22.02 -25.80
C ALA B 80 3.47 23.37 -26.49
N GLY B 81 3.19 24.42 -25.74
CA GLY B 81 2.98 25.71 -26.38
C GLY B 81 3.01 26.94 -25.51
N ARG B 82 2.60 28.03 -26.09
CA ARG B 82 2.64 29.33 -25.43
C ARG B 82 1.24 29.91 -25.31
N VAL B 83 0.88 30.35 -24.12
CA VAL B 83 -0.45 30.93 -23.93
C VAL B 83 -0.64 32.19 -24.73
N VAL B 84 -1.76 32.30 -25.44
CA VAL B 84 -2.07 33.53 -26.18
C VAL B 84 -3.13 34.30 -25.41
N GLU B 85 -4.18 33.60 -24.97
CA GLU B 85 -5.14 34.24 -24.13
C GLU B 85 -5.91 33.25 -23.32
N VAL B 86 -6.44 33.78 -22.22
CA VAL B 86 -7.30 33.03 -21.31
C VAL B 86 -8.62 33.79 -21.22
N ASN B 87 -9.71 33.08 -21.50
CA ASN B 87 -11.03 33.69 -21.40
C ASN B 87 -11.55 33.54 -19.98
N GLY B 88 -11.12 34.44 -19.11
CA GLY B 88 -11.31 34.34 -17.67
C GLY B 88 -9.95 34.19 -17.01
N GLU B 89 -9.88 33.37 -15.99
CA GLU B 89 -8.61 33.07 -15.38
C GLU B 89 -8.43 31.54 -15.36
N LYS B 90 -7.19 31.09 -15.49
CA LYS B 90 -6.88 29.66 -15.34
C LYS B 90 -5.62 29.47 -14.50
N ARG B 91 -5.71 28.63 -13.49
CA ARG B 91 -4.50 28.21 -12.78
C ARG B 91 -3.96 26.86 -13.28
N ASP B 92 -2.63 26.75 -13.30
CA ASP B 92 -2.01 25.48 -13.51
C ASP B 92 -2.13 24.63 -12.23
N LEU B 93 -1.62 23.43 -12.32
CA LEU B 93 -1.75 22.43 -11.25
C LEU B 93 -1.08 22.86 -9.96
N ASN B 94 -0.06 23.70 -10.07
CA ASN B 94 0.61 24.29 -8.90
C ASN B 94 -0.02 25.56 -8.41
N GLY B 95 -1.09 26.01 -9.08
CA GLY B 95 -1.88 27.14 -8.60
C GLY B 95 -1.45 28.43 -9.22
N GLU B 96 -0.50 28.40 -10.18
CA GLU B 96 -0.09 29.65 -10.84
C GLU B 96 -1.10 30.09 -11.89
N LEU B 97 -1.60 31.30 -11.78
CA LEU B 97 -2.44 31.88 -12.82
C LEU B 97 -1.66 32.01 -14.12
N LEU B 98 -2.23 31.49 -15.22
CA LEU B 98 -1.68 31.62 -16.53
C LEU B 98 -1.87 33.00 -17.07
N LYS B 99 -0.90 33.45 -17.86
CA LYS B 99 -0.96 34.74 -18.56
C LYS B 99 -0.31 34.61 -19.96
N PRO B 100 -0.67 35.51 -20.88
CA PRO B 100 -0.12 35.49 -22.21
C PRO B 100 1.40 35.50 -22.16
N GLY B 101 2.00 34.60 -22.94
CA GLY B 101 3.43 34.44 -22.92
C GLY B 101 3.92 33.22 -22.18
N ASP B 102 3.12 32.69 -21.24
CA ASP B 102 3.61 31.60 -20.42
C ASP B 102 3.80 30.39 -21.32
N LEU B 103 4.80 29.57 -21.02
CA LEU B 103 4.95 28.30 -21.70
C LEU B 103 4.27 27.22 -20.87
N ILE B 104 3.55 26.31 -21.54
CA ILE B 104 2.80 25.29 -20.83
C ILE B 104 2.85 23.95 -21.57
N VAL B 105 2.68 22.88 -20.78
CA VAL B 105 2.31 21.59 -21.27
C VAL B 105 1.02 21.23 -20.55
N TRP B 106 0.32 20.21 -21.02
CA TRP B 106 -0.99 19.88 -20.53
C TRP B 106 -1.31 18.41 -20.69
N ASN B 107 -2.17 17.90 -19.82
CA ASN B 107 -2.72 16.53 -20.00
C ASN B 107 -3.73 16.52 -21.16
N ARG B 108 -3.52 15.59 -22.11
CA ARG B 108 -4.39 15.45 -23.29
C ARG B 108 -5.80 15.02 -22.90
N GLY B 109 -5.96 14.37 -21.74
CA GLY B 109 -7.25 13.87 -21.34
C GLY B 109 -7.99 14.64 -20.29
N ILE B 110 -9.28 14.86 -20.51
CA ILE B 110 -10.14 15.46 -19.52
C ILE B 110 -11.19 14.41 -19.13
N THR B 111 -11.33 14.22 -17.82
CA THR B 111 -12.31 13.28 -17.28
C THR B 111 -13.50 14.04 -16.68
N CYS B 112 -14.58 13.32 -16.47
CA CYS B 112 -15.84 13.95 -16.10
C CYS B 112 -15.81 14.46 -14.67
N GLY B 113 -14.98 13.90 -13.81
CA GLY B 113 -14.96 14.32 -12.41
C GLY B 113 -16.22 14.03 -11.58
N GLU B 114 -17.11 13.17 -12.10
CA GLU B 114 -18.34 12.82 -11.38
C GLU B 114 -18.66 11.34 -11.27
N CYS B 115 -17.96 10.49 -12.01
CA CYS B 115 -18.34 9.05 -12.06
C CYS B 115 -17.63 8.24 -10.99
N TYR B 116 -17.93 6.93 -10.94
CA TYR B 116 -17.34 6.04 -9.95
C TYR B 116 -15.82 6.07 -9.96
N TRP B 117 -15.23 6.04 -11.15
CA TRP B 117 -13.79 6.03 -11.25
C TRP B 117 -13.11 7.37 -10.92
N CYS B 118 -13.71 8.49 -11.30
CA CYS B 118 -13.14 9.78 -10.98
C CYS B 118 -13.24 10.11 -9.49
N LYS B 119 -14.33 9.74 -8.85
CA LYS B 119 -14.63 10.20 -7.49
C LYS B 119 -14.61 9.12 -6.40
N VAL B 120 -14.84 7.86 -6.75
CA VAL B 120 -14.94 6.81 -5.75
C VAL B 120 -13.63 6.00 -5.73
N SER B 121 -13.28 5.37 -6.85
CA SER B 121 -12.06 4.54 -6.88
C SER B 121 -10.77 5.36 -7.15
N LYS B 122 -10.92 6.63 -7.51
CA LYS B 122 -9.80 7.51 -7.79
C LYS B 122 -8.87 6.95 -8.87
N GLU B 123 -9.48 6.45 -9.94
CA GLU B 123 -8.78 5.92 -11.13
C GLU B 123 -9.28 6.71 -12.36
N PRO B 124 -8.97 7.99 -12.47
CA PRO B 124 -9.56 8.84 -13.53
C PRO B 124 -9.26 8.36 -14.98
N TYR B 125 -8.13 7.70 -15.16
CA TYR B 125 -7.73 7.09 -16.44
C TYR B 125 -8.77 6.13 -16.94
N LEU B 126 -9.59 5.57 -16.02
CA LEU B 126 -10.66 4.64 -16.38
C LEU B 126 -12.02 5.32 -16.61
N CYS B 127 -12.06 6.62 -16.53
CA CYS B 127 -13.31 7.35 -16.76
C CYS B 127 -13.88 6.96 -18.14
N PRO B 128 -15.12 6.53 -18.18
CA PRO B 128 -15.73 6.19 -19.45
C PRO B 128 -16.07 7.42 -20.29
N ASN B 129 -15.94 8.62 -19.73
CA ASN B 129 -16.34 9.86 -20.39
C ASN B 129 -15.10 10.69 -20.79
N ARG B 130 -13.95 10.01 -20.88
CA ARG B 130 -12.69 10.69 -21.07
C ARG B 130 -12.61 11.32 -22.50
N LYS B 131 -12.29 12.62 -22.53
CA LYS B 131 -12.21 13.42 -23.76
C LYS B 131 -10.76 13.79 -24.00
N VAL B 132 -10.28 13.51 -25.21
CA VAL B 132 -8.83 13.56 -25.51
C VAL B 132 -8.57 14.34 -26.79
N TYR B 133 -7.76 15.40 -26.68
CA TYR B 133 -7.40 16.23 -27.81
C TYR B 133 -6.72 15.37 -28.86
N GLY B 134 -7.10 15.58 -30.11
CA GLY B 134 -6.50 14.90 -31.24
C GLY B 134 -6.92 13.45 -31.41
N ILE B 135 -7.81 12.95 -30.53
CA ILE B 135 -8.28 11.55 -30.59
C ILE B 135 -9.78 11.38 -30.80
N ASN B 136 -10.58 11.83 -29.83
CA ASN B 136 -12.02 11.75 -29.95
C ASN B 136 -12.74 13.10 -29.93
N ARG B 137 -11.98 14.14 -30.22
CA ARG B 137 -12.51 15.49 -30.35
C ARG B 137 -12.30 15.97 -31.79
N GLY B 138 -13.34 15.90 -32.61
CA GLY B 138 -13.26 16.38 -34.01
C GLY B 138 -13.12 17.90 -34.15
N CYS B 139 -12.89 18.35 -35.39
CA CYS B 139 -12.67 19.78 -35.64
C CYS B 139 -13.82 20.45 -36.41
N SER B 140 -14.96 19.77 -36.55
CA SER B 140 -16.08 20.33 -37.32
C SER B 140 -16.67 21.54 -36.62
N GLU B 141 -16.92 21.40 -35.33
CA GLU B 141 -17.61 22.47 -34.64
C GLU B 141 -16.65 23.51 -34.07
N TYR B 142 -16.99 24.78 -34.28
CA TYR B 142 -16.28 25.93 -33.67
C TYR B 142 -16.07 25.64 -32.17
N PRO B 143 -14.86 25.83 -31.63
CA PRO B 143 -13.78 26.62 -32.24
C PRO B 143 -12.78 25.77 -33.06
N HIS B 144 -13.13 24.51 -33.31
CA HIS B 144 -12.43 23.63 -34.27
C HIS B 144 -11.10 23.07 -33.80
N LEU B 145 -10.29 23.92 -33.17
CA LEU B 145 -8.87 23.62 -32.92
C LEU B 145 -8.70 22.76 -31.68
N ARG B 146 -8.89 21.45 -31.85
CA ARG B 146 -8.88 20.50 -30.76
C ARG B 146 -7.83 19.41 -30.94
N GLY B 147 -6.78 19.70 -31.69
CA GLY B 147 -5.64 18.83 -31.79
C GLY B 147 -4.36 19.60 -32.00
N CYS B 148 -3.23 18.91 -31.88
CA CYS B 148 -1.92 19.60 -31.88
C CYS B 148 -1.27 19.73 -33.23
N TYR B 149 -1.82 19.09 -34.27
CA TYR B 149 -1.28 19.26 -35.63
C TYR B 149 -1.88 20.57 -36.19
N SER B 150 -1.52 21.69 -35.57
CA SER B 150 -2.17 22.96 -35.78
C SER B 150 -1.18 24.02 -35.29
N SER B 151 -1.31 25.24 -35.80
CA SER B 151 -0.57 26.38 -35.25
C SER B 151 -1.05 26.74 -33.83
N HIS B 152 -2.28 26.35 -33.49
CA HIS B 152 -2.95 26.79 -32.25
C HIS B 152 -3.95 25.70 -31.83
N ILE B 153 -4.15 25.56 -30.52
CA ILE B 153 -5.19 24.70 -29.97
C ILE B 153 -5.96 25.52 -28.95
N VAL B 154 -7.25 25.20 -28.80
CA VAL B 154 -8.10 25.78 -27.76
C VAL B 154 -8.28 24.71 -26.67
N LEU B 155 -7.79 25.03 -25.48
CA LEU B 155 -7.91 24.16 -24.30
C LEU B 155 -9.10 24.53 -23.48
N ASP B 156 -9.92 23.55 -23.15
CA ASP B 156 -11.08 23.80 -22.26
C ASP B 156 -10.57 24.21 -20.88
N PRO B 157 -11.41 24.90 -20.10
CA PRO B 157 -11.03 25.32 -18.73
C PRO B 157 -10.68 24.17 -17.79
N GLU B 158 -11.24 23.00 -18.08
CA GLU B 158 -11.07 21.81 -17.26
C GLU B 158 -9.77 21.09 -17.53
N THR B 159 -9.03 21.54 -18.53
CA THR B 159 -7.73 20.94 -18.86
C THR B 159 -6.74 21.12 -17.70
N ASP B 160 -5.99 20.07 -17.41
CA ASP B 160 -4.96 20.17 -16.42
C ASP B 160 -3.67 20.60 -17.07
N VAL B 161 -3.16 21.71 -16.59
CA VAL B 161 -2.05 22.42 -17.24
C VAL B 161 -0.88 22.54 -16.25
N LEU B 162 0.33 22.53 -16.81
CA LEU B 162 1.52 22.84 -16.03
C LEU B 162 2.35 23.88 -16.74
N LYS B 163 2.68 24.96 -16.03
CA LYS B 163 3.66 25.90 -16.58
C LYS B 163 5.08 25.36 -16.63
N VAL B 164 5.79 25.67 -17.70
CA VAL B 164 7.18 25.26 -17.80
C VAL B 164 7.98 26.52 -18.12
N SER B 165 9.29 26.39 -18.30
CA SER B 165 10.15 27.55 -18.47
C SER B 165 11.00 27.45 -19.71
N GLU B 166 11.80 28.49 -19.96
CA GLU B 166 12.70 28.50 -21.13
C GLU B 166 13.82 27.50 -20.95
N LYS B 167 14.09 27.05 -19.72
CA LYS B 167 15.08 25.99 -19.52
C LYS B 167 14.52 24.57 -19.74
N ASP B 168 13.26 24.45 -20.12
CA ASP B 168 12.72 23.13 -20.38
C ASP B 168 12.80 22.87 -21.86
N ASP B 169 13.03 21.61 -22.23
CA ASP B 169 12.99 21.15 -23.61
C ASP B 169 11.57 20.76 -24.02
N LEU B 170 10.92 21.63 -24.79
CA LEU B 170 9.52 21.44 -25.15
C LEU B 170 9.28 20.30 -26.13
N ASP B 171 10.25 20.01 -26.98
CA ASP B 171 10.14 18.83 -27.86
C ASP B 171 10.11 17.53 -27.08
N VAL B 172 11.02 17.42 -26.12
CA VAL B 172 11.05 16.25 -25.24
C VAL B 172 9.77 16.19 -24.43
N LEU B 173 9.32 17.32 -23.88
CA LEU B 173 8.10 17.30 -23.08
C LEU B 173 6.88 16.85 -23.90
N ALA B 174 6.71 17.34 -25.11
CA ALA B 174 5.58 16.89 -25.93
C ALA B 174 5.53 15.33 -26.06
N MET B 175 6.66 14.76 -26.48
CA MET B 175 6.84 13.31 -26.59
C MET B 175 6.54 12.59 -25.30
N ALA B 176 6.98 13.15 -24.19
CA ALA B 176 6.90 12.46 -22.92
C ALA B 176 5.47 12.31 -22.47
N MET B 177 4.61 13.16 -23.02
CA MET B 177 3.23 13.32 -22.52
C MET B 177 2.46 12.03 -22.65
N CYS B 178 2.80 11.30 -23.69
CA CYS B 178 2.10 10.13 -24.04
C CYS B 178 2.84 8.88 -23.56
N SER B 179 3.83 8.43 -24.36
CA SER B 179 4.56 7.24 -24.02
C SER B 179 5.19 7.32 -22.61
N GLY B 180 5.70 8.47 -22.23
CA GLY B 180 6.36 8.63 -20.95
C GLY B 180 5.38 8.45 -19.79
N ALA B 181 4.20 9.03 -19.90
CA ALA B 181 3.24 9.01 -18.81
C ALA B 181 2.60 7.64 -18.65
N THR B 182 2.41 6.92 -19.75
CA THR B 182 2.02 5.48 -19.69
C THR B 182 3.09 4.59 -19.07
N ALA B 183 4.34 4.81 -19.47
CA ALA B 183 5.43 4.12 -18.84
C ALA B 183 5.45 4.43 -17.36
N TYR B 184 5.29 5.70 -16.97
CA TYR B 184 5.28 6.06 -15.56
C TYR B 184 4.15 5.32 -14.81
N HIS B 185 2.95 5.36 -15.36
CA HIS B 185 1.82 4.61 -14.79
C HIS B 185 2.18 3.14 -14.54
N ALA B 186 2.85 2.51 -15.50
CA ALA B 186 3.25 1.09 -15.37
C ALA B 186 4.16 0.86 -14.15
N PHE B 187 5.07 1.80 -13.91
CA PHE B 187 5.99 1.68 -12.76
C PHE B 187 5.34 2.09 -11.47
N ASP B 188 4.39 3.00 -11.54
CA ASP B 188 3.73 3.54 -10.35
C ASP B 188 2.83 2.51 -9.66
N GLU B 189 2.40 1.49 -10.39
CA GLU B 189 1.54 0.43 -9.82
C GLU B 189 2.34 -0.58 -9.00
N TYR B 190 3.65 -0.60 -9.17
CA TYR B 190 4.50 -1.44 -8.36
C TYR B 190 4.42 -1.05 -6.87
N PRO B 191 4.02 -1.97 -5.97
CA PRO B 191 3.78 -1.57 -4.60
C PRO B 191 4.99 -1.49 -3.67
N GLU B 192 6.20 -1.56 -4.17
CA GLU B 192 7.40 -1.43 -3.34
C GLU B 192 8.34 -0.43 -3.99
N SER B 193 9.41 -0.03 -3.31
CA SER B 193 10.45 0.72 -4.03
C SER B 193 11.21 -0.18 -5.00
N PHE B 194 11.90 0.45 -5.95
CA PHE B 194 12.75 -0.28 -6.89
C PHE B 194 14.16 -0.53 -6.43
N ALA B 195 14.48 -0.09 -5.21
CA ALA B 195 15.82 -0.35 -4.67
C ALA B 195 16.09 -1.88 -4.61
N GLY B 196 17.26 -2.26 -5.11
CA GLY B 196 17.64 -3.66 -5.19
C GLY B 196 16.87 -4.52 -6.18
N LYS B 197 16.08 -3.92 -7.05
CA LYS B 197 15.23 -4.69 -7.96
C LYS B 197 15.84 -4.77 -9.36
N THR B 198 15.54 -5.89 -10.03
CA THR B 198 15.86 -6.10 -11.42
C THR B 198 14.62 -5.98 -12.25
N VAL B 199 14.71 -5.06 -13.19
CA VAL B 199 13.67 -4.68 -14.09
C VAL B 199 14.02 -5.21 -15.49
N VAL B 200 13.06 -5.85 -16.12
CA VAL B 200 13.20 -6.26 -17.54
C VAL B 200 12.15 -5.51 -18.32
N ILE B 201 12.57 -4.83 -19.40
CA ILE B 201 11.69 -4.14 -20.34
C ILE B 201 11.71 -4.85 -21.69
N GLN B 202 10.49 -5.21 -22.15
CA GLN B 202 10.31 -5.87 -23.42
C GLN B 202 9.87 -4.82 -24.40
N GLY B 203 10.76 -4.51 -25.33
CA GLY B 203 10.52 -3.49 -26.31
C GLY B 203 11.37 -2.27 -26.15
N ALA B 204 11.71 -1.64 -27.26
CA ALA B 204 12.58 -0.49 -27.31
C ALA B 204 12.08 0.55 -28.28
N GLY B 205 10.77 0.78 -28.27
CA GLY B 205 10.20 2.00 -28.85
C GLY B 205 10.17 3.06 -27.76
N PRO B 206 9.51 4.18 -28.03
CA PRO B 206 9.39 5.24 -27.01
C PRO B 206 8.93 4.78 -25.64
N LEU B 207 7.93 3.90 -25.59
CA LEU B 207 7.42 3.41 -24.35
C LEU B 207 8.45 2.68 -23.49
N GLY B 208 9.12 1.69 -24.09
CA GLY B 208 10.19 0.95 -23.38
C GLY B 208 11.38 1.83 -23.04
N LEU B 209 11.74 2.74 -23.95
CA LEU B 209 12.90 3.62 -23.72
C LEU B 209 12.61 4.59 -22.56
N PHE B 210 11.41 5.14 -22.54
CA PHE B 210 11.03 5.89 -21.35
C PHE B 210 11.12 5.05 -20.11
N GLY B 211 10.70 3.81 -20.19
CA GLY B 211 10.82 2.82 -19.09
C GLY B 211 12.21 2.65 -18.57
N VAL B 212 13.20 2.66 -19.46
CA VAL B 212 14.62 2.61 -19.04
C VAL B 212 14.94 3.81 -18.11
N VAL B 213 14.58 5.00 -18.54
CA VAL B 213 14.90 6.21 -17.80
C VAL B 213 14.13 6.27 -16.49
N ILE B 214 12.86 5.87 -16.49
CA ILE B 214 12.04 5.86 -15.28
C ILE B 214 12.59 4.82 -14.28
N ALA B 215 12.85 3.63 -14.76
CA ALA B 215 13.45 2.58 -13.90
C ALA B 215 14.73 3.04 -13.20
N ARG B 216 15.64 3.65 -13.99
CA ARG B 216 16.88 4.17 -13.49
C ARG B 216 16.59 5.24 -12.45
N SER B 217 15.64 6.12 -12.76
CA SER B 217 15.31 7.27 -11.96
C SER B 217 14.68 6.89 -10.62
N LEU B 218 13.96 5.78 -10.58
CA LEU B 218 13.35 5.31 -9.36
C LEU B 218 14.25 4.41 -8.54
N GLY B 219 15.46 4.14 -9.01
CA GLY B 219 16.41 3.42 -8.21
C GLY B 219 16.63 1.94 -8.49
N ALA B 220 16.17 1.44 -9.64
CA ALA B 220 16.29 0.05 -9.97
C ALA B 220 17.77 -0.37 -9.90
N GLU B 221 18.08 -1.57 -9.42
CA GLU B 221 19.45 -2.06 -9.43
C GLU B 221 19.90 -2.44 -10.84
N ASN B 222 19.08 -3.18 -11.57
CA ASN B 222 19.46 -3.63 -12.91
C ASN B 222 18.33 -3.36 -13.85
N VAL B 223 18.65 -2.84 -15.02
CA VAL B 223 17.64 -2.59 -16.04
C VAL B 223 18.09 -3.30 -17.33
N ILE B 224 17.28 -4.25 -17.77
CA ILE B 224 17.62 -5.09 -18.91
C ILE B 224 16.56 -4.87 -19.97
N VAL B 225 16.95 -4.71 -21.24
CA VAL B 225 15.96 -4.46 -22.31
C VAL B 225 16.08 -5.58 -23.36
N ILE B 226 14.94 -6.14 -23.75
CA ILE B 226 14.88 -7.19 -24.76
C ILE B 226 14.12 -6.59 -25.97
N ALA B 227 14.75 -6.58 -27.12
CA ALA B 227 14.08 -6.14 -28.33
C ALA B 227 14.84 -6.69 -29.51
N GLY B 228 14.42 -6.32 -30.73
CA GLY B 228 14.90 -6.90 -31.95
C GLY B 228 15.79 -6.00 -32.80
N SER B 229 15.86 -4.72 -32.48
CA SER B 229 16.61 -3.74 -33.27
C SER B 229 17.91 -3.32 -32.57
N PRO B 230 19.06 -3.57 -33.18
CA PRO B 230 20.34 -3.14 -32.62
C PRO B 230 20.44 -1.60 -32.40
N ASN B 231 19.94 -0.81 -33.33
CA ASN B 231 19.95 0.65 -33.17
C ASN B 231 19.18 1.10 -31.93
N ARG B 232 18.01 0.53 -31.72
CA ARG B 232 17.24 0.87 -30.53
C ARG B 232 17.86 0.35 -29.25
N LEU B 233 18.46 -0.83 -29.34
CA LEU B 233 19.19 -1.39 -28.17
C LEU B 233 20.45 -0.58 -27.79
N LYS B 234 21.16 -0.05 -28.77
CA LYS B 234 22.28 0.83 -28.48
C LYS B 234 21.76 2.08 -27.76
N LEU B 235 20.64 2.59 -28.22
CA LEU B 235 20.04 3.76 -27.59
C LEU B 235 19.65 3.46 -26.15
N ALA B 236 19.09 2.28 -25.90
CA ALA B 236 18.66 1.92 -24.57
C ALA B 236 19.85 1.88 -23.63
N GLU B 237 20.96 1.36 -24.10
CA GLU B 237 22.24 1.39 -23.35
C GLU B 237 22.68 2.81 -23.07
N GLU B 238 22.59 3.64 -24.10
CA GLU B 238 22.99 5.04 -23.96
C GLU B 238 22.18 5.79 -22.94
N ILE B 239 20.93 5.43 -22.74
CA ILE B 239 20.11 6.17 -21.79
C ILE B 239 19.93 5.47 -20.44
N GLY B 240 20.67 4.38 -20.21
CA GLY B 240 20.72 3.75 -18.88
C GLY B 240 20.60 2.25 -18.68
N ALA B 241 20.30 1.49 -19.72
CA ALA B 241 20.17 0.07 -19.56
C ALA B 241 21.52 -0.53 -19.21
N ASP B 242 21.51 -1.46 -18.27
CA ASP B 242 22.70 -2.24 -17.93
C ASP B 242 23.05 -3.34 -18.97
N LEU B 243 22.01 -3.85 -19.62
CA LEU B 243 22.13 -4.98 -20.54
C LEU B 243 20.97 -4.93 -21.54
N THR B 244 21.31 -5.23 -22.77
CA THR B 244 20.36 -5.46 -23.80
C THR B 244 20.56 -6.85 -24.37
N LEU B 245 19.45 -7.44 -24.78
CA LEU B 245 19.40 -8.79 -25.34
C LEU B 245 18.60 -8.70 -26.62
N ASN B 246 19.25 -8.96 -27.72
CA ASN B 246 18.61 -8.93 -29.02
C ASN B 246 17.91 -10.25 -29.31
N ARG B 247 16.61 -10.14 -29.36
CA ARG B 247 15.67 -11.26 -29.51
C ARG B 247 15.83 -11.97 -30.81
N ARG B 248 16.32 -11.28 -31.83
CA ARG B 248 16.61 -11.94 -33.10
C ARG B 248 17.96 -12.69 -33.18
N GLU B 249 18.87 -12.41 -32.24
CA GLU B 249 20.23 -12.96 -32.29
C GLU B 249 20.58 -13.82 -31.07
N THR B 250 19.61 -14.06 -30.22
CA THR B 250 19.75 -14.95 -29.08
C THR B 250 18.54 -15.84 -29.01
N SER B 251 18.69 -16.96 -28.32
CA SER B 251 17.59 -17.85 -28.03
C SER B 251 16.85 -17.43 -26.79
N VAL B 252 15.60 -17.87 -26.70
CA VAL B 252 14.80 -17.66 -25.50
C VAL B 252 15.53 -18.16 -24.24
N GLU B 253 16.20 -19.31 -24.37
CA GLU B 253 16.93 -19.95 -23.27
C GLU B 253 18.18 -19.16 -22.83
N GLU B 254 18.93 -18.62 -23.80
CA GLU B 254 20.03 -17.71 -23.50
C GLU B 254 19.58 -16.46 -22.76
N ARG B 255 18.46 -15.88 -23.16
CA ARG B 255 18.00 -14.69 -22.53
C ARG B 255 17.54 -15.01 -21.11
N ARG B 256 16.87 -16.14 -20.92
CA ARG B 256 16.47 -16.56 -19.57
C ARG B 256 17.69 -16.83 -18.67
N LYS B 257 18.69 -17.51 -19.19
CA LYS B 257 19.92 -17.72 -18.45
C LYS B 257 20.58 -16.41 -18.02
N ALA B 258 20.60 -15.42 -18.91
CA ALA B 258 21.22 -14.15 -18.61
C ALA B 258 20.47 -13.46 -17.47
N ILE B 259 19.16 -13.48 -17.52
CA ILE B 259 18.40 -12.84 -16.47
C ILE B 259 18.50 -13.66 -15.14
N MET B 260 18.55 -14.98 -15.23
CA MET B 260 18.73 -15.84 -14.03
C MET B 260 20.08 -15.58 -13.37
N ASP B 261 21.13 -15.37 -14.19
CA ASP B 261 22.48 -15.16 -13.66
C ASP B 261 22.53 -13.85 -12.87
N ILE B 262 21.84 -12.83 -13.37
CA ILE B 262 21.80 -11.53 -12.77
C ILE B 262 20.99 -11.55 -11.48
N THR B 263 19.95 -12.39 -11.41
CA THR B 263 18.99 -12.41 -10.25
C THR B 263 19.18 -13.63 -9.36
N HIS B 264 20.38 -14.23 -9.42
CA HIS B 264 20.74 -15.39 -8.63
C HIS B 264 19.80 -16.54 -8.73
N GLY B 265 19.30 -16.78 -9.94
CA GLY B 265 18.41 -17.90 -10.18
C GLY B 265 16.96 -17.61 -9.91
N ARG B 266 16.58 -16.39 -9.54
CA ARG B 266 15.21 -16.11 -9.14
C ARG B 266 14.32 -15.69 -10.31
N GLY B 267 14.87 -14.87 -11.20
CA GLY B 267 14.10 -14.12 -12.18
C GLY B 267 13.90 -12.64 -11.87
N ALA B 268 13.28 -11.93 -12.80
CA ALA B 268 13.08 -10.51 -12.72
C ALA B 268 12.05 -10.21 -11.64
N ASP B 269 12.28 -9.12 -10.95
CA ASP B 269 11.31 -8.60 -9.98
C ASP B 269 10.13 -7.89 -10.65
N PHE B 270 10.43 -7.15 -11.72
CA PHE B 270 9.44 -6.35 -12.39
C PHE B 270 9.70 -6.45 -13.88
N ILE B 271 8.65 -6.71 -14.67
CA ILE B 271 8.72 -6.75 -16.14
C ILE B 271 7.71 -5.78 -16.71
N LEU B 272 8.16 -4.98 -17.66
CA LEU B 272 7.30 -4.10 -18.41
C LEU B 272 7.14 -4.65 -19.85
N GLU B 273 5.89 -4.92 -20.23
CA GLU B 273 5.61 -5.32 -21.59
C GLU B 273 5.40 -4.03 -22.37
N ALA B 274 6.27 -3.78 -23.33
CA ALA B 274 6.22 -2.55 -24.09
C ALA B 274 6.46 -2.85 -25.57
N THR B 275 5.93 -3.98 -26.05
CA THR B 275 6.19 -4.44 -27.43
C THR B 275 5.01 -4.19 -28.32
N GLY B 276 3.83 -4.24 -27.74
CA GLY B 276 2.58 -4.15 -28.53
C GLY B 276 2.09 -5.51 -28.98
N ASP B 277 2.82 -6.57 -28.64
CA ASP B 277 2.49 -7.91 -29.07
C ASP B 277 2.15 -8.74 -27.84
N SER B 278 0.93 -9.27 -27.80
CA SER B 278 0.42 -10.14 -26.70
C SER B 278 1.33 -11.34 -26.45
N ARG B 279 1.97 -11.83 -27.50
CA ARG B 279 2.86 -12.97 -27.39
C ARG B 279 4.09 -12.71 -26.54
N ALA B 280 4.41 -11.44 -26.30
CA ALA B 280 5.46 -11.10 -25.35
C ALA B 280 5.26 -11.73 -23.94
N LEU B 281 4.02 -12.00 -23.53
CA LEU B 281 3.79 -12.62 -22.21
C LEU B 281 4.27 -14.07 -22.13
N LEU B 282 4.42 -14.74 -23.27
CA LEU B 282 4.85 -16.12 -23.26
C LEU B 282 6.30 -16.17 -22.74
N GLU B 283 7.15 -15.26 -23.20
CA GLU B 283 8.52 -15.17 -22.76
C GLU B 283 8.64 -14.48 -21.41
N GLY B 284 7.98 -13.34 -21.26
CA GLY B 284 8.03 -12.62 -20.04
C GLY B 284 7.61 -13.47 -18.84
N SER B 285 6.60 -14.31 -19.00
CA SER B 285 6.12 -15.09 -17.84
C SER B 285 7.16 -16.07 -17.30
N GLU B 286 8.02 -16.58 -18.16
CA GLU B 286 9.04 -17.46 -17.75
C GLU B 286 10.28 -16.74 -17.19
N LEU B 287 10.41 -15.43 -17.41
CA LEU B 287 11.47 -14.65 -16.81
C LEU B 287 11.13 -14.13 -15.39
N LEU B 288 9.85 -14.11 -15.04
CA LEU B 288 9.37 -13.46 -13.84
C LEU B 288 9.66 -14.31 -12.63
N ARG B 289 10.21 -13.70 -11.57
CA ARG B 289 10.44 -14.50 -10.36
C ARG B 289 9.11 -14.85 -9.69
N ARG B 290 9.15 -15.88 -8.86
CA ARG B 290 8.00 -16.15 -7.95
C ARG B 290 7.77 -14.91 -7.09
N GLY B 291 6.54 -14.43 -7.08
CA GLY B 291 6.16 -13.21 -6.37
C GLY B 291 6.41 -11.95 -7.18
N GLY B 292 6.88 -12.05 -8.42
CA GLY B 292 7.10 -10.84 -9.23
C GLY B 292 5.87 -10.16 -9.79
N PHE B 293 6.12 -9.08 -10.52
CA PHE B 293 5.10 -8.12 -10.92
C PHE B 293 5.33 -7.84 -12.38
N TYR B 294 4.31 -8.13 -13.20
CA TYR B 294 4.40 -7.89 -14.66
C TYR B 294 3.40 -6.80 -15.05
N SER B 295 3.88 -5.61 -15.44
CA SER B 295 3.02 -4.52 -15.94
C SER B 295 2.93 -4.64 -17.43
N VAL B 296 1.70 -4.71 -17.91
CA VAL B 296 1.41 -4.91 -19.31
C VAL B 296 0.80 -3.61 -19.89
N ALA B 297 1.60 -2.90 -20.67
CA ALA B 297 1.24 -1.59 -21.15
C ALA B 297 1.38 -1.38 -22.64
N GLY B 298 1.90 -2.35 -23.39
CA GLY B 298 2.21 -2.08 -24.76
C GLY B 298 1.09 -2.49 -25.72
N VAL B 299 0.49 -3.64 -25.47
CA VAL B 299 -0.56 -4.16 -26.36
C VAL B 299 -1.66 -3.09 -26.42
N ALA B 300 -2.04 -2.69 -27.63
CA ALA B 300 -2.88 -1.51 -27.80
C ALA B 300 -4.07 -1.75 -28.69
N VAL B 301 -4.24 -2.99 -29.16
CA VAL B 301 -5.37 -3.37 -30.00
C VAL B 301 -5.74 -4.77 -29.65
N PRO B 302 -7.01 -5.13 -29.87
CA PRO B 302 -7.46 -6.49 -29.70
C PRO B 302 -6.61 -7.41 -30.58
N GLN B 303 -6.09 -8.49 -30.00
CA GLN B 303 -5.24 -9.45 -30.71
C GLN B 303 -5.77 -10.85 -30.48
N ASP B 304 -5.25 -11.83 -31.23
CA ASP B 304 -5.58 -13.25 -30.95
C ASP B 304 -5.20 -13.54 -29.47
N PRO B 305 -6.01 -14.33 -28.77
CA PRO B 305 -5.63 -14.79 -27.43
C PRO B 305 -4.30 -15.56 -27.43
N VAL B 306 -3.56 -15.49 -26.35
CA VAL B 306 -2.34 -16.25 -26.18
C VAL B 306 -2.57 -17.41 -25.22
N PRO B 307 -1.88 -18.54 -25.43
CA PRO B 307 -2.06 -19.69 -24.55
C PRO B 307 -1.45 -19.42 -23.18
N PHE B 308 -2.30 -19.17 -22.21
CA PHE B 308 -1.84 -18.75 -20.92
C PHE B 308 -1.86 -19.91 -19.94
N LYS B 309 -0.71 -20.19 -19.34
CA LYS B 309 -0.56 -21.30 -18.38
C LYS B 309 -0.92 -20.82 -16.96
N VAL B 310 -2.16 -21.06 -16.55
CA VAL B 310 -2.67 -20.42 -15.31
C VAL B 310 -1.91 -20.90 -14.07
N TYR B 311 -1.73 -22.22 -13.95
CA TYR B 311 -1.01 -22.75 -12.79
C TYR B 311 0.47 -22.27 -12.75
N GLU B 312 1.20 -22.51 -13.82
CA GLU B 312 2.62 -22.26 -13.85
C GLU B 312 2.93 -20.77 -13.79
N TRP B 313 2.11 -19.95 -14.46
CA TRP B 313 2.49 -18.53 -14.58
C TRP B 313 1.82 -17.59 -13.58
N LEU B 314 0.68 -18.00 -13.01
CA LEU B 314 -0.01 -17.14 -12.03
C LEU B 314 0.01 -17.74 -10.64
N VAL B 315 -0.60 -18.90 -10.49
CA VAL B 315 -0.81 -19.51 -9.14
C VAL B 315 0.49 -19.94 -8.45
N LEU B 316 1.23 -20.84 -9.10
CA LEU B 316 2.45 -21.36 -8.50
C LEU B 316 3.49 -20.25 -8.32
N LYS B 317 3.48 -19.32 -9.26
CA LYS B 317 4.39 -18.20 -9.20
C LYS B 317 3.93 -17.11 -8.23
N ASN B 318 2.69 -17.15 -7.74
CA ASN B 318 2.13 -16.09 -6.92
C ASN B 318 2.41 -14.73 -7.60
N ALA B 319 2.20 -14.66 -8.90
CA ALA B 319 2.60 -13.48 -9.64
C ALA B 319 1.46 -12.45 -9.75
N THR B 320 1.82 -11.17 -9.93
CA THR B 320 0.87 -10.11 -10.30
C THR B 320 1.01 -9.76 -11.75
N PHE B 321 -0.07 -9.87 -12.50
CA PHE B 321 -0.13 -9.33 -13.84
C PHE B 321 -1.03 -8.10 -13.75
N LYS B 322 -0.48 -6.94 -14.16
CA LYS B 322 -1.19 -5.69 -14.08
C LYS B 322 -1.27 -5.01 -15.41
N GLY B 323 -2.49 -4.90 -15.95
CA GLY B 323 -2.71 -4.17 -17.17
C GLY B 323 -2.68 -2.63 -16.86
N ILE B 324 -2.15 -1.89 -17.81
CA ILE B 324 -1.98 -0.43 -17.69
C ILE B 324 -2.70 0.29 -18.78
N TRP B 325 -3.73 1.08 -18.42
CA TRP B 325 -4.48 1.87 -19.35
C TRP B 325 -4.13 3.36 -19.22
N VAL B 326 -3.58 3.91 -20.30
CA VAL B 326 -3.18 5.29 -20.39
C VAL B 326 -2.55 5.84 -19.07
N SER B 327 -2.93 7.04 -18.67
CA SER B 327 -2.34 7.74 -17.51
C SER B 327 -3.27 8.86 -17.14
N ASP B 328 -3.11 9.41 -15.93
CA ASP B 328 -3.89 10.54 -15.47
C ASP B 328 -2.97 11.71 -15.10
N THR B 329 -3.54 12.72 -14.47
CA THR B 329 -2.82 13.93 -14.14
C THR B 329 -1.71 13.74 -13.15
N SER B 330 -1.85 12.80 -12.21
CA SER B 330 -0.77 12.51 -11.26
C SER B 330 0.37 11.92 -12.02
N HIS B 331 0.11 11.03 -12.97
CA HIS B 331 1.18 10.44 -13.75
C HIS B 331 1.92 11.49 -14.63
N PHE B 332 1.15 12.43 -15.19
CA PHE B 332 1.58 13.52 -16.04
C PHE B 332 2.58 14.38 -15.32
N VAL B 333 2.21 14.81 -14.13
CA VAL B 333 3.10 15.65 -13.32
C VAL B 333 4.38 14.92 -12.97
N LYS B 334 4.29 13.66 -12.55
CA LYS B 334 5.47 12.87 -12.15
C LYS B 334 6.39 12.62 -13.32
N THR B 335 5.76 12.45 -14.48
CA THR B 335 6.51 12.22 -15.72
C THR B 335 7.28 13.47 -16.15
N VAL B 336 6.64 14.62 -16.04
CA VAL B 336 7.33 15.87 -16.42
C VAL B 336 8.54 16.03 -15.50
N SER B 337 8.36 15.72 -14.22
CA SER B 337 9.46 15.89 -13.25
C SER B 337 10.68 14.99 -13.52
N ILE B 338 10.45 13.72 -13.83
CA ILE B 338 11.49 12.82 -14.25
C ILE B 338 12.14 13.23 -15.56
N THR B 339 11.31 13.59 -16.51
CA THR B 339 11.74 13.99 -17.83
C THR B 339 12.67 15.20 -17.73
N SER B 340 12.29 16.12 -16.87
CA SER B 340 13.04 17.34 -16.68
C SER B 340 14.46 17.08 -16.16
N ARG B 341 14.73 15.98 -15.46
CA ARG B 341 16.06 15.68 -14.98
C ARG B 341 16.84 14.87 -16.04
N ASN B 342 16.25 14.64 -17.21
CA ASN B 342 16.82 13.74 -18.18
C ASN B 342 16.69 14.22 -19.62
N TYR B 343 16.62 15.53 -19.82
CA TYR B 343 16.37 16.07 -21.15
C TYR B 343 17.41 15.65 -22.17
N GLN B 344 18.69 15.66 -21.81
CA GLN B 344 19.73 15.31 -22.75
C GLN B 344 19.68 13.83 -23.20
N LEU B 345 19.37 12.91 -22.30
CA LEU B 345 19.20 11.51 -22.68
C LEU B 345 17.96 11.36 -23.57
N LEU B 346 16.85 11.91 -23.11
CA LEU B 346 15.59 11.71 -23.78
C LEU B 346 15.46 12.41 -25.14
N SER B 347 16.26 13.48 -25.34
CA SER B 347 16.25 14.14 -26.62
C SER B 347 16.76 13.21 -27.70
N LYS B 348 17.49 12.16 -27.33
CA LYS B 348 18.05 11.20 -28.31
C LYS B 348 16.98 10.37 -29.02
N LEU B 349 15.79 10.28 -28.44
CA LEU B 349 14.65 9.61 -29.08
C LEU B 349 14.09 10.36 -30.26
N ILE B 350 14.34 11.67 -30.36
CA ILE B 350 13.79 12.43 -31.47
C ILE B 350 14.71 12.34 -32.64
N THR B 351 14.24 11.67 -33.67
CA THR B 351 15.11 11.46 -34.82
C THR B 351 14.83 12.43 -35.94
N HIS B 352 13.64 13.05 -35.93
CA HIS B 352 13.18 13.93 -36.99
C HIS B 352 12.38 15.09 -36.43
N ARG B 353 12.64 16.28 -36.94
CA ARG B 353 11.82 17.45 -36.62
C ARG B 353 11.37 17.99 -37.96
N LEU B 354 10.08 18.12 -38.17
CA LEU B 354 9.55 18.56 -39.47
C LEU B 354 8.57 19.71 -39.27
N PRO B 355 8.45 20.59 -40.29
CA PRO B 355 7.41 21.62 -40.24
C PRO B 355 6.01 20.99 -40.29
N LEU B 356 5.03 21.66 -39.71
CA LEU B 356 3.69 21.11 -39.63
C LEU B 356 3.12 20.68 -40.99
N LYS B 357 3.42 21.45 -42.02
CA LYS B 357 2.90 21.16 -43.33
C LYS B 357 3.46 19.86 -43.90
N GLU B 358 4.56 19.36 -43.36
CA GLU B 358 5.06 18.02 -43.77
C GLU B 358 4.54 16.92 -42.86
N ALA B 359 3.35 17.12 -42.28
CA ALA B 359 2.80 16.13 -41.39
C ALA B 359 2.59 14.75 -42.03
N ASN B 360 2.19 14.71 -43.29
CA ASN B 360 2.00 13.44 -43.98
C ASN B 360 3.29 12.64 -44.07
N LYS B 361 4.41 13.30 -44.40
CA LYS B 361 5.76 12.63 -44.34
C LYS B 361 6.07 12.13 -42.92
N ALA B 362 5.68 12.89 -41.89
CA ALA B 362 5.95 12.45 -40.52
C ALA B 362 5.26 11.14 -40.20
N LEU B 363 4.01 11.02 -40.63
CA LEU B 363 3.25 9.81 -40.40
C LEU B 363 3.92 8.63 -41.12
N GLU B 364 4.44 8.89 -42.32
CA GLU B 364 5.05 7.87 -43.16
C GLU B 364 6.37 7.36 -42.54
N LEU B 365 7.19 8.29 -42.09
CA LEU B 365 8.38 8.00 -41.27
C LEU B 365 8.08 7.12 -40.03
N MET B 366 7.07 7.49 -39.26
CA MET B 366 6.71 6.70 -38.07
C MET B 366 6.17 5.33 -38.44
N GLU B 367 5.39 5.27 -39.51
CA GLU B 367 4.81 4.01 -39.95
C GLU B 367 5.92 3.06 -40.43
N SER B 368 6.87 3.58 -41.21
CA SER B 368 7.97 2.78 -41.74
C SER B 368 9.04 2.45 -40.70
N ARG B 369 8.94 3.03 -39.51
CA ARG B 369 10.00 3.00 -38.49
C ARG B 369 11.34 3.54 -38.99
N GLU B 370 11.32 4.40 -40.00
CA GLU B 370 12.49 5.16 -40.38
C GLU B 370 12.78 6.15 -39.25
N ALA B 371 11.72 6.59 -38.58
CA ALA B 371 11.81 7.44 -37.42
C ALA B 371 11.44 6.62 -36.16
N LEU B 372 12.00 7.06 -35.06
CA LEU B 372 11.65 6.60 -33.74
C LEU B 372 10.61 7.58 -33.20
N LYS B 373 10.93 8.87 -33.29
CA LYS B 373 10.00 9.90 -32.90
C LYS B 373 10.20 11.17 -33.76
N VAL B 374 9.08 11.72 -34.22
CA VAL B 374 8.99 12.94 -35.01
C VAL B 374 8.26 13.99 -34.22
N ILE B 375 8.83 15.19 -34.21
CA ILE B 375 8.23 16.39 -33.67
C ILE B 375 7.88 17.32 -34.86
N LEU B 376 6.69 17.89 -34.82
CA LEU B 376 6.31 18.93 -35.78
C LEU B 376 6.36 20.29 -35.11
N TYR B 377 6.67 21.31 -35.89
CA TYR B 377 6.63 22.67 -35.42
C TYR B 377 5.91 23.51 -36.48
N PRO B 378 4.97 24.36 -36.04
CA PRO B 378 4.30 25.29 -36.95
C PRO B 378 5.23 26.33 -37.53
N GLU B 379 4.93 26.63 -38.80
CA GLU B 379 5.42 27.72 -39.68
C GLU B 379 6.67 27.33 -40.39
N LEU C 16 43.95 -19.61 16.05
CA LEU C 16 44.62 -18.31 15.72
C LEU C 16 44.54 -17.32 16.87
N LYS C 17 45.39 -16.31 16.79
CA LYS C 17 45.43 -15.32 17.87
C LYS C 17 44.79 -14.06 17.33
N ALA C 18 43.58 -13.83 17.73
CA ALA C 18 42.89 -12.59 17.37
C ALA C 18 43.20 -11.52 18.41
N HIS C 19 42.91 -10.27 18.06
CA HIS C 19 43.02 -9.16 19.00
C HIS C 19 41.81 -8.25 18.86
N ALA C 20 41.45 -7.59 19.95
CA ALA C 20 40.26 -6.76 19.94
C ALA C 20 40.44 -5.67 20.96
N MET C 21 39.60 -4.64 20.87
CA MET C 21 39.61 -3.52 21.83
C MET C 21 38.36 -3.67 22.70
N VAL C 22 38.58 -3.91 23.98
CA VAL C 22 37.53 -4.32 24.87
C VAL C 22 37.12 -3.19 25.80
N LEU C 23 35.80 -3.07 25.96
CA LEU C 23 35.20 -2.16 26.92
C LEU C 23 34.96 -2.94 28.21
N GLU C 24 35.73 -2.65 29.25
CA GLU C 24 35.65 -3.35 30.55
C GLU C 24 34.64 -2.72 31.53
N LYS C 25 34.73 -1.39 31.63
CA LYS C 25 33.86 -0.59 32.48
C LYS C 25 33.42 0.60 31.67
N PHE C 26 32.23 1.11 31.91
CA PHE C 26 31.83 2.35 31.23
C PHE C 26 32.81 3.47 31.57
N ASN C 27 33.09 4.32 30.58
CA ASN C 27 34.03 5.45 30.66
C ASN C 27 35.52 5.08 30.82
N GLN C 28 35.83 3.78 30.93
CA GLN C 28 37.23 3.35 30.99
C GLN C 28 37.69 3.16 29.55
N PRO C 29 38.86 3.69 29.22
CA PRO C 29 39.42 3.44 27.87
C PRO C 29 39.41 1.95 27.44
N LEU C 30 39.07 1.73 26.17
CA LEU C 30 39.10 0.40 25.56
C LEU C 30 40.48 -0.21 25.68
N VAL C 31 40.51 -1.50 25.97
CA VAL C 31 41.77 -2.19 26.22
C VAL C 31 42.05 -3.22 25.14
N TYR C 32 43.27 -3.17 24.64
CA TYR C 32 43.75 -4.13 23.66
C TYR C 32 43.98 -5.49 24.32
N LYS C 33 43.32 -6.53 23.80
CA LYS C 33 43.47 -7.87 24.28
C LYS C 33 43.59 -8.89 23.17
N GLU C 34 44.32 -9.95 23.46
CA GLU C 34 44.47 -11.06 22.52
C GLU C 34 43.55 -12.23 22.98
N PHE C 35 42.99 -12.95 22.01
CA PHE C 35 42.07 -14.05 22.25
C PHE C 35 42.55 -15.22 21.40
N GLU C 36 42.80 -16.36 22.04
CA GLU C 36 43.25 -17.54 21.27
C GLU C 36 42.01 -18.31 20.81
N ILE C 37 41.83 -18.41 19.51
CA ILE C 37 40.67 -19.08 18.95
C ILE C 37 41.03 -20.50 18.47
N SER C 38 40.42 -21.51 19.07
CA SER C 38 40.81 -22.91 18.83
C SER C 38 39.87 -23.61 17.90
N ASP C 39 38.60 -23.37 18.14
CA ASP C 39 37.55 -23.86 17.30
C ASP C 39 36.29 -23.07 17.56
N ILE C 40 35.40 -23.14 16.60
CA ILE C 40 34.30 -22.22 16.64
C ILE C 40 33.07 -23.09 16.61
N PRO C 41 31.96 -22.56 17.08
CA PRO C 41 30.72 -23.34 17.13
C PRO C 41 30.22 -23.79 15.74
N ARG C 42 29.49 -24.89 15.74
CA ARG C 42 29.02 -25.53 14.53
C ARG C 42 28.17 -24.57 13.71
N GLY C 43 28.48 -24.45 12.43
CA GLY C 43 27.75 -23.58 11.55
C GLY C 43 28.22 -22.13 11.61
N SER C 44 29.08 -21.79 12.56
CA SER C 44 29.49 -20.41 12.71
C SER C 44 30.54 -20.04 11.66
N ILE C 45 30.71 -18.74 11.44
CA ILE C 45 31.63 -18.26 10.46
C ILE C 45 32.66 -17.36 11.12
N LEU C 46 33.94 -17.72 10.95
CA LEU C 46 35.06 -16.91 11.45
C LEU C 46 35.45 -15.92 10.33
N VAL C 47 35.36 -14.63 10.64
CA VAL C 47 35.56 -13.56 9.66
C VAL C 47 36.72 -12.63 10.10
N GLU C 48 37.67 -12.43 9.20
CA GLU C 48 38.70 -11.41 9.32
C GLU C 48 38.05 -10.05 8.99
N ILE C 49 38.01 -9.18 9.98
CA ILE C 49 37.50 -7.81 9.82
C ILE C 49 38.47 -7.04 8.95
N LEU C 50 37.95 -6.39 7.91
CA LEU C 50 38.73 -5.53 7.05
C LEU C 50 38.41 -4.05 7.32
N SER C 51 37.15 -3.72 7.65
CA SER C 51 36.74 -2.36 7.94
C SER C 51 35.76 -2.43 9.08
N ALA C 52 35.91 -1.57 10.08
CA ALA C 52 34.97 -1.52 11.17
C ALA C 52 34.57 -0.04 11.35
N GLY C 53 33.28 0.28 11.24
CA GLY C 53 32.82 1.64 11.36
C GLY C 53 32.65 1.98 12.84
N VAL C 54 33.04 3.19 13.18
CA VAL C 54 32.81 3.77 14.49
C VAL C 54 31.61 4.70 14.39
N CYS C 55 30.54 4.37 15.13
CA CYS C 55 29.25 5.10 15.07
C CYS C 55 29.17 6.01 16.28
N GLY C 56 28.49 7.16 16.15
CA GLY C 56 28.18 7.99 17.29
C GLY C 56 27.48 7.23 18.42
N SER C 57 26.66 6.23 18.09
CA SER C 57 25.98 5.42 19.13
C SER C 57 27.02 4.64 20.00
N ASP C 58 28.19 4.35 19.47
CA ASP C 58 29.29 3.69 20.24
C ASP C 58 29.78 4.58 21.38
N VAL C 59 29.82 5.87 21.14
CA VAL C 59 30.15 6.84 22.20
C VAL C 59 29.15 6.78 23.39
N HIS C 60 27.85 6.76 23.13
CA HIS C 60 26.85 6.58 24.19
C HIS C 60 27.02 5.27 24.95
N MET C 61 27.30 4.22 24.18
CA MET C 61 27.52 2.91 24.80
C MET C 61 28.72 2.99 25.72
N PHE C 62 29.82 3.52 25.19
CA PHE C 62 31.07 3.66 25.94
C PHE C 62 30.83 4.37 27.31
N ARG C 63 29.99 5.41 27.29
CA ARG C 63 29.67 6.15 28.54
C ARG C 63 28.63 5.52 29.47
N GLY C 64 28.08 4.38 29.08
CA GLY C 64 27.14 3.70 29.93
C GLY C 64 25.72 4.31 29.87
N GLU C 65 25.43 4.98 28.75
CA GLU C 65 24.11 5.54 28.52
C GLU C 65 23.15 4.58 27.84
N ASP C 66 23.63 3.41 27.40
CA ASP C 66 22.78 2.48 26.66
C ASP C 66 22.55 1.28 27.58
N PRO C 67 21.30 1.05 28.00
CA PRO C 67 21.05 0.07 29.05
C PRO C 67 21.11 -1.40 28.56
N ARG C 68 21.19 -1.60 27.24
CA ARG C 68 21.32 -2.94 26.64
C ARG C 68 22.72 -3.60 26.80
N VAL C 69 23.72 -2.79 27.21
CA VAL C 69 25.14 -3.13 26.98
C VAL C 69 25.73 -3.96 28.11
N PRO C 70 26.02 -5.25 27.88
CA PRO C 70 26.69 -6.02 28.92
C PRO C 70 28.18 -5.63 29.00
N LEU C 71 28.85 -5.92 30.14
CA LEU C 71 30.31 -5.75 30.24
C LEU C 71 30.96 -7.05 30.73
N PRO C 72 32.17 -7.38 30.26
CA PRO C 72 32.84 -6.68 29.14
C PRO C 72 32.22 -6.93 27.77
N ILE C 73 32.55 -6.05 26.82
CA ILE C 73 32.08 -6.20 25.44
C ILE C 73 33.10 -5.67 24.40
N ILE C 74 33.15 -6.32 23.24
CA ILE C 74 33.83 -5.77 22.10
C ILE C 74 32.77 -5.06 21.34
N LEU C 75 32.90 -3.74 21.28
CA LEU C 75 31.92 -2.90 20.55
C LEU C 75 32.16 -3.05 19.06
N GLY C 76 31.36 -2.37 18.25
CA GLY C 76 31.53 -2.40 16.83
C GLY C 76 30.43 -3.18 16.22
N HIS C 77 29.49 -2.48 15.59
CA HIS C 77 28.35 -3.14 14.96
C HIS C 77 28.26 -2.88 13.49
N GLU C 78 29.31 -2.28 12.92
CA GLU C 78 29.39 -2.00 11.48
C GLU C 78 30.66 -2.68 10.98
N GLY C 79 30.51 -3.68 10.13
CA GLY C 79 31.63 -4.50 9.73
C GLY C 79 31.58 -4.94 8.27
N ALA C 80 32.77 -5.10 7.67
CA ALA C 80 32.95 -5.81 6.41
C ALA C 80 34.20 -6.64 6.56
N GLY C 81 34.22 -7.79 5.91
CA GLY C 81 35.31 -8.70 6.14
C GLY C 81 35.47 -9.76 5.11
N ARG C 82 36.45 -10.59 5.37
CA ARG C 82 36.81 -11.70 4.54
C ARG C 82 36.58 -12.99 5.33
N VAL C 83 35.86 -13.93 4.71
CA VAL C 83 35.66 -15.26 5.37
C VAL C 83 37.00 -15.99 5.58
N VAL C 84 37.25 -16.42 6.83
CA VAL C 84 38.37 -17.28 7.15
C VAL C 84 37.94 -18.75 7.10
N GLU C 85 36.85 -19.06 7.79
CA GLU C 85 36.40 -20.45 7.89
C GLU C 85 34.91 -20.50 8.25
N VAL C 86 34.18 -21.45 7.66
CA VAL C 86 32.82 -21.83 8.14
C VAL C 86 32.90 -23.23 8.75
N ASN C 87 32.43 -23.37 9.98
CA ASN C 87 32.47 -24.71 10.58
C ASN C 87 31.25 -25.52 10.13
N GLY C 88 31.34 -26.08 8.92
CA GLY C 88 30.18 -26.57 8.22
C GLY C 88 30.01 -25.78 6.94
N GLU C 89 28.78 -25.40 6.66
CA GLU C 89 28.41 -24.63 5.47
C GLU C 89 27.44 -23.49 5.85
N LYS C 90 27.56 -22.38 5.14
CA LYS C 90 26.72 -21.21 5.34
C LYS C 90 26.40 -20.62 3.95
N ARG C 91 25.13 -20.33 3.73
CA ARG C 91 24.67 -19.69 2.51
C ARG C 91 24.48 -18.21 2.77
N ASP C 92 24.85 -17.39 1.79
CA ASP C 92 24.45 -16.01 1.89
C ASP C 92 22.98 -15.81 1.51
N LEU C 93 22.51 -14.56 1.52
CA LEU C 93 21.09 -14.28 1.30
C LEU C 93 20.61 -14.65 -0.12
N ASN C 94 21.54 -14.65 -1.08
CA ASN C 94 21.23 -15.12 -2.43
C ASN C 94 21.37 -16.61 -2.63
N GLY C 95 21.77 -17.33 -1.57
CA GLY C 95 21.94 -18.77 -1.59
C GLY C 95 23.35 -19.24 -1.92
N GLU C 96 24.29 -18.32 -2.08
CA GLU C 96 25.63 -18.71 -2.43
C GLU C 96 26.36 -19.27 -1.23
N LEU C 97 27.05 -20.38 -1.42
CA LEU C 97 27.83 -20.97 -0.32
C LEU C 97 29.07 -20.13 -0.03
N LEU C 98 29.23 -19.70 1.20
CA LEU C 98 30.45 -19.00 1.59
C LEU C 98 31.70 -19.88 1.64
N LYS C 99 32.82 -19.31 1.27
CA LYS C 99 34.06 -20.06 1.31
C LYS C 99 35.22 -19.14 1.73
N PRO C 100 36.32 -19.71 2.23
CA PRO C 100 37.45 -18.88 2.66
C PRO C 100 37.88 -17.91 1.54
N GLY C 101 38.11 -16.64 1.90
CA GLY C 101 38.51 -15.61 0.94
C GLY C 101 37.40 -14.72 0.42
N ASP C 102 36.15 -15.15 0.56
CA ASP C 102 34.99 -14.37 0.15
C ASP C 102 34.93 -13.14 0.98
N LEU C 103 34.60 -12.03 0.33
CA LEU C 103 34.35 -10.78 0.99
C LEU C 103 32.87 -10.68 1.29
N ILE C 104 32.55 -10.28 2.52
CA ILE C 104 31.18 -10.22 2.98
C ILE C 104 30.83 -9.02 3.80
N VAL C 105 29.54 -8.69 3.76
CA VAL C 105 28.94 -7.84 4.78
C VAL C 105 27.76 -8.59 5.37
N TRP C 106 27.26 -8.13 6.48
CA TRP C 106 26.20 -8.84 7.18
C TRP C 106 25.35 -7.91 7.98
N ASN C 107 24.11 -8.33 8.23
CA ASN C 107 23.22 -7.61 9.14
C ASN C 107 23.70 -7.82 10.61
N ARG C 108 23.90 -6.72 11.32
CA ARG C 108 24.31 -6.78 12.70
C ARG C 108 23.34 -7.46 13.61
N GLY C 109 22.05 -7.44 13.25
CA GLY C 109 20.98 -7.93 14.12
C GLY C 109 20.50 -9.31 13.70
N ILE C 110 20.31 -10.18 14.66
CA ILE C 110 19.70 -11.48 14.41
C ILE C 110 18.40 -11.49 15.20
N THR C 111 17.29 -11.87 14.56
CA THR C 111 16.00 -11.89 15.27
C THR C 111 15.57 -13.32 15.48
N CYS C 112 14.56 -13.52 16.33
CA CYS C 112 14.20 -14.86 16.70
C CYS C 112 13.52 -15.70 15.62
N GLY C 113 12.87 -15.07 14.64
CA GLY C 113 12.08 -15.83 13.65
C GLY C 113 10.84 -16.59 14.14
N GLU C 114 10.39 -16.33 15.37
CA GLU C 114 9.31 -17.07 16.03
C GLU C 114 8.20 -16.22 16.67
N CYS C 115 8.47 -14.94 16.90
CA CYS C 115 7.54 -14.07 17.65
C CYS C 115 6.50 -13.40 16.74
N TYR C 116 5.62 -12.61 17.33
CA TYR C 116 4.57 -11.91 16.57
C TYR C 116 5.14 -10.96 15.49
N TRP C 117 6.18 -10.25 15.86
CA TRP C 117 6.76 -9.29 14.93
C TRP C 117 7.50 -10.01 13.81
N CYS C 118 8.21 -11.08 14.13
CA CYS C 118 8.98 -11.77 13.09
C CYS C 118 8.08 -12.54 12.14
N LYS C 119 7.03 -13.15 12.65
CA LYS C 119 6.20 -14.07 11.88
C LYS C 119 4.79 -13.56 11.51
N VAL C 120 4.20 -12.68 12.31
CA VAL C 120 2.85 -12.22 12.01
C VAL C 120 2.82 -10.82 11.35
N SER C 121 3.39 -9.80 12.00
CA SER C 121 3.32 -8.45 11.40
C SER C 121 4.46 -8.22 10.42
N LYS C 122 5.39 -9.16 10.37
CA LYS C 122 6.56 -9.06 9.50
C LYS C 122 7.39 -7.74 9.68
N GLU C 123 7.67 -7.42 10.93
CA GLU C 123 8.47 -6.27 11.32
C GLU C 123 9.58 -6.78 12.25
N PRO C 124 10.54 -7.51 11.69
CA PRO C 124 11.62 -8.11 12.45
C PRO C 124 12.53 -7.15 13.22
N TYR C 125 12.68 -5.93 12.73
CA TYR C 125 13.30 -4.84 13.46
C TYR C 125 12.67 -4.60 14.84
N LEU C 126 11.41 -5.01 15.04
CA LEU C 126 10.77 -4.83 16.33
C LEU C 126 10.86 -6.09 17.19
N CYS C 127 11.59 -7.11 16.73
CA CYS C 127 11.73 -8.34 17.52
C CYS C 127 12.21 -7.97 18.94
N PRO C 128 11.54 -8.43 19.99
CA PRO C 128 12.03 -8.16 21.32
C PRO C 128 13.24 -9.00 21.70
N ASN C 129 13.58 -10.01 20.89
CA ASN C 129 14.68 -10.90 21.20
C ASN C 129 15.89 -10.61 20.30
N ARG C 130 15.94 -9.41 19.73
CA ARG C 130 16.94 -9.06 18.71
C ARG C 130 18.36 -8.98 19.34
N LYS C 131 19.29 -9.76 18.81
CA LYS C 131 20.68 -9.89 19.30
C LYS C 131 21.61 -9.18 18.32
N VAL C 132 22.47 -8.31 18.83
CA VAL C 132 23.16 -7.38 17.97
C VAL C 132 24.67 -7.36 18.29
N TYR C 133 25.49 -7.70 17.29
CA TYR C 133 26.94 -7.69 17.45
C TYR C 133 27.39 -6.31 17.90
N GLY C 134 28.28 -6.29 18.88
CA GLY C 134 28.84 -5.09 19.44
C GLY C 134 27.89 -4.24 20.27
N ILE C 135 26.67 -4.70 20.51
CA ILE C 135 25.74 -3.89 21.26
C ILE C 135 25.22 -4.66 22.46
N ASN C 136 24.64 -5.82 22.26
CA ASN C 136 24.13 -6.57 23.43
C ASN C 136 24.67 -7.98 23.52
N ARG C 137 25.77 -8.22 22.82
CA ARG C 137 26.51 -9.46 22.94
C ARG C 137 27.88 -9.19 23.56
N GLY C 138 28.03 -9.60 24.83
CA GLY C 138 29.27 -9.47 25.55
C GLY C 138 30.33 -10.40 25.03
N CYS C 139 31.58 -10.15 25.47
CA CYS C 139 32.70 -10.96 24.99
C CYS C 139 33.26 -11.94 26.05
N SER C 140 32.62 -12.10 27.21
CA SER C 140 33.25 -12.95 28.21
C SER C 140 33.16 -14.46 27.92
N GLU C 141 32.05 -14.95 27.38
CA GLU C 141 31.91 -16.36 27.02
C GLU C 141 32.56 -16.65 25.68
N TYR C 142 33.40 -17.69 25.67
CA TYR C 142 33.96 -18.24 24.42
C TYR C 142 32.77 -18.44 23.45
N PRO C 143 32.89 -18.12 22.15
CA PRO C 143 34.14 -17.78 21.48
C PRO C 143 34.51 -16.28 21.53
N HIS C 144 33.80 -15.48 22.32
CA HIS C 144 34.19 -14.10 22.74
C HIS C 144 34.00 -13.03 21.68
N LEU C 145 34.38 -13.33 20.44
CA LEU C 145 34.51 -12.31 19.38
C LEU C 145 33.17 -12.03 18.74
N ARG C 146 32.43 -11.14 19.39
CA ARG C 146 31.04 -10.85 19.05
C ARG C 146 30.88 -9.33 18.72
N GLY C 147 31.98 -8.68 18.35
CA GLY C 147 31.93 -7.30 17.89
C GLY C 147 33.02 -7.00 16.87
N CYS C 148 32.88 -5.87 16.17
CA CYS C 148 33.73 -5.54 15.00
C CYS C 148 35.05 -4.79 15.33
N TYR C 149 35.19 -4.28 16.57
CA TYR C 149 36.46 -3.64 16.99
C TYR C 149 37.47 -4.71 17.33
N SER C 150 37.85 -5.45 16.29
CA SER C 150 38.53 -6.69 16.46
C SER C 150 39.19 -7.06 15.18
N SER C 151 40.17 -7.94 15.26
CA SER C 151 40.80 -8.47 14.03
C SER C 151 39.88 -9.52 13.36
N HIS C 152 39.01 -10.13 14.17
CA HIS C 152 38.14 -11.20 13.73
C HIS C 152 36.82 -11.19 14.52
N ILE C 153 35.75 -11.61 13.88
CA ILE C 153 34.43 -11.79 14.51
C ILE C 153 33.97 -13.22 14.19
N VAL C 154 33.27 -13.85 15.14
CA VAL C 154 32.63 -15.12 14.91
C VAL C 154 31.12 -14.87 14.73
N LEU C 155 30.62 -15.08 13.52
CA LEU C 155 29.21 -14.87 13.24
C LEU C 155 28.41 -16.15 13.46
N ASP C 156 27.27 -16.07 14.10
CA ASP C 156 26.42 -17.26 14.28
C ASP C 156 25.87 -17.77 12.93
N PRO C 157 25.50 -19.06 12.80
CA PRO C 157 24.95 -19.56 11.54
C PRO C 157 23.72 -18.78 11.12
N GLU C 158 22.99 -18.18 12.09
CA GLU C 158 21.73 -17.50 11.80
C GLU C 158 21.91 -16.11 11.20
N THR C 159 23.15 -15.61 11.14
CA THR C 159 23.42 -14.26 10.65
C THR C 159 23.04 -14.12 9.19
N ASP C 160 22.42 -12.98 8.84
CA ASP C 160 22.14 -12.70 7.44
C ASP C 160 23.37 -12.09 6.76
N VAL C 161 23.89 -12.79 5.76
CA VAL C 161 25.14 -12.39 5.10
C VAL C 161 24.90 -12.14 3.64
N LEU C 162 25.69 -11.25 3.05
CA LEU C 162 25.74 -10.96 1.64
C LEU C 162 27.19 -10.97 1.12
N LYS C 163 27.49 -11.77 0.12
CA LYS C 163 28.77 -11.68 -0.54
C LYS C 163 28.89 -10.42 -1.34
N VAL C 164 30.09 -9.85 -1.34
CA VAL C 164 30.42 -8.69 -2.14
C VAL C 164 31.69 -9.02 -2.89
N SER C 165 32.22 -8.07 -3.64
CA SER C 165 33.36 -8.35 -4.49
C SER C 165 34.42 -7.33 -4.28
N GLU C 166 35.53 -7.50 -5.01
CA GLU C 166 36.61 -6.53 -4.93
C GLU C 166 36.24 -5.22 -5.65
N LYS C 167 35.10 -5.18 -6.35
CA LYS C 167 34.62 -3.92 -6.94
C LYS C 167 33.84 -3.08 -5.93
N ASP C 168 33.57 -3.62 -4.75
CA ASP C 168 32.83 -2.89 -3.76
C ASP C 168 33.81 -2.14 -2.83
N ASP C 169 33.39 -0.99 -2.32
CA ASP C 169 34.14 -0.25 -1.32
C ASP C 169 33.66 -0.69 0.07
N LEU C 170 34.49 -1.49 0.75
CA LEU C 170 34.15 -2.09 2.02
C LEU C 170 34.09 -1.07 3.15
N ASP C 171 34.87 0.01 3.04
CA ASP C 171 34.82 1.08 4.04
C ASP C 171 33.47 1.72 4.01
N VAL C 172 33.01 1.99 2.79
CA VAL C 172 31.72 2.56 2.60
C VAL C 172 30.61 1.60 3.02
N LEU C 173 30.71 0.32 2.66
CA LEU C 173 29.68 -0.63 3.03
C LEU C 173 29.55 -0.73 4.56
N ALA C 174 30.67 -0.77 5.29
CA ALA C 174 30.60 -0.88 6.79
C ALA C 174 29.76 0.22 7.40
N MET C 175 30.11 1.45 7.05
CA MET C 175 29.33 2.64 7.38
C MET C 175 27.86 2.55 7.00
N ALA C 176 27.57 2.08 5.81
CA ALA C 176 26.22 2.09 5.30
C ALA C 176 25.30 1.22 6.12
N MET C 177 25.87 0.30 6.89
CA MET C 177 25.15 -0.82 7.50
C MET C 177 24.26 -0.31 8.59
N CYS C 178 24.73 0.75 9.20
CA CYS C 178 24.00 1.32 10.25
C CYS C 178 23.13 2.52 9.78
N SER C 179 23.77 3.69 9.66
CA SER C 179 23.10 4.94 9.30
C SER C 179 22.41 4.80 7.97
N GLY C 180 23.04 4.10 7.05
CA GLY C 180 22.51 3.98 5.71
C GLY C 180 21.20 3.21 5.74
N ALA C 181 21.18 2.08 6.44
CA ALA C 181 20.01 1.19 6.48
C ALA C 181 18.85 1.80 7.29
N THR C 182 19.17 2.54 8.36
CA THR C 182 18.15 3.35 9.04
C THR C 182 17.59 4.44 8.15
N ALA C 183 18.43 5.18 7.43
CA ALA C 183 17.93 6.14 6.46
C ALA C 183 17.01 5.45 5.43
N TYR C 184 17.46 4.32 4.91
CA TYR C 184 16.68 3.59 3.91
C TYR C 184 15.33 3.18 4.51
N HIS C 185 15.30 2.62 5.70
CA HIS C 185 14.04 2.29 6.35
C HIS C 185 13.11 3.51 6.38
N ALA C 186 13.67 4.66 6.73
CA ALA C 186 12.85 5.87 6.81
C ALA C 186 12.21 6.22 5.49
N PHE C 187 12.93 6.06 4.37
CA PHE C 187 12.35 6.30 3.03
C PHE C 187 11.43 5.18 2.56
N ASP C 188 11.78 3.95 2.93
CA ASP C 188 10.96 2.80 2.59
C ASP C 188 9.51 2.87 3.13
N GLU C 189 9.29 3.54 4.23
CA GLU C 189 7.97 3.70 4.82
C GLU C 189 7.03 4.65 4.04
N TYR C 190 7.58 5.50 3.19
CA TYR C 190 6.77 6.44 2.38
C TYR C 190 5.93 5.63 1.36
N PRO C 191 4.60 5.79 1.36
CA PRO C 191 3.73 4.97 0.55
C PRO C 191 3.55 5.33 -0.93
N GLU C 192 4.34 6.27 -1.42
CA GLU C 192 4.29 6.64 -2.83
C GLU C 192 5.67 6.71 -3.45
N SER C 193 5.73 6.87 -4.76
CA SER C 193 7.04 7.16 -5.38
C SER C 193 7.50 8.53 -4.95
N PHE C 194 8.81 8.75 -5.06
CA PHE C 194 9.43 10.06 -4.83
C PHE C 194 9.47 10.95 -6.05
N ALA C 195 8.96 10.50 -7.17
CA ALA C 195 8.88 11.28 -8.38
C ALA C 195 8.02 12.53 -8.12
N GLY C 196 8.58 13.67 -8.51
CA GLY C 196 7.96 14.95 -8.28
C GLY C 196 7.96 15.50 -6.86
N LYS C 197 8.65 14.82 -5.95
CA LYS C 197 8.49 15.18 -4.56
C LYS C 197 9.66 15.99 -4.05
N THR C 198 9.36 16.81 -3.06
CA THR C 198 10.37 17.58 -2.36
C THR C 198 10.60 16.99 -0.97
N VAL C 199 11.89 16.72 -0.73
CA VAL C 199 12.39 16.11 0.46
C VAL C 199 13.21 17.13 1.25
N VAL C 200 12.88 17.25 2.53
CA VAL C 200 13.66 18.06 3.46
C VAL C 200 14.30 17.13 4.48
N ILE C 201 15.62 17.24 4.62
CA ILE C 201 16.40 16.49 5.56
C ILE C 201 16.93 17.40 6.66
N GLN C 202 16.60 17.06 7.89
CA GLN C 202 17.09 17.82 9.07
C GLN C 202 18.28 17.09 9.64
N GLY C 203 19.45 17.70 9.52
CA GLY C 203 20.67 17.17 10.07
C GLY C 203 21.52 16.66 8.94
N ALA C 204 22.82 16.71 9.14
CA ALA C 204 23.80 16.40 8.11
C ALA C 204 24.98 15.58 8.66
N GLY C 205 24.71 14.72 9.64
CA GLY C 205 25.61 13.63 9.99
C GLY C 205 25.37 12.49 9.02
N PRO C 206 25.98 11.33 9.24
CA PRO C 206 25.87 10.21 8.28
C PRO C 206 24.43 9.77 7.92
N LEU C 207 23.51 9.82 8.87
CA LEU C 207 22.13 9.46 8.64
C LEU C 207 21.50 10.41 7.62
N GLY C 208 21.63 11.72 7.84
CA GLY C 208 21.09 12.70 6.91
C GLY C 208 21.73 12.71 5.54
N LEU C 209 23.04 12.48 5.52
CA LEU C 209 23.82 12.49 4.31
C LEU C 209 23.48 11.25 3.49
N PHE C 210 23.35 10.10 4.13
CA PHE C 210 22.76 8.92 3.43
C PHE C 210 21.35 9.20 2.90
N GLY C 211 20.59 9.93 3.69
CA GLY C 211 19.29 10.44 3.27
C GLY C 211 19.33 11.24 1.98
N VAL C 212 20.33 12.11 1.79
CA VAL C 212 20.48 12.86 0.54
C VAL C 212 20.62 11.92 -0.64
N VAL C 213 21.54 10.98 -0.51
CA VAL C 213 21.85 10.02 -1.61
C VAL C 213 20.62 9.10 -1.90
N ILE C 214 19.96 8.65 -0.86
CA ILE C 214 18.81 7.80 -1.03
C ILE C 214 17.67 8.55 -1.70
N ALA C 215 17.38 9.75 -1.19
CA ALA C 215 16.34 10.56 -1.78
C ALA C 215 16.58 10.76 -3.28
N ARG C 216 17.80 11.10 -3.64
CA ARG C 216 18.20 11.31 -5.05
C ARG C 216 18.02 10.04 -5.88
N SER C 217 18.45 8.94 -5.29
CA SER C 217 18.43 7.61 -5.95
C SER C 217 17.00 7.10 -6.19
N LEU C 218 16.07 7.42 -5.30
CA LEU C 218 14.65 7.04 -5.47
C LEU C 218 13.83 8.01 -6.35
N GLY C 219 14.45 9.11 -6.73
CA GLY C 219 13.91 9.99 -7.74
C GLY C 219 13.28 11.27 -7.26
N ALA C 220 13.60 11.71 -6.05
CA ALA C 220 13.06 12.98 -5.57
C ALA C 220 13.39 14.10 -6.55
N GLU C 221 12.45 15.06 -6.69
CA GLU C 221 12.70 16.25 -7.48
C GLU C 221 13.64 17.25 -6.80
N ASN C 222 13.40 17.50 -5.51
CA ASN C 222 14.20 18.50 -4.80
C ASN C 222 14.63 17.90 -3.48
N VAL C 223 15.88 18.13 -3.10
CA VAL C 223 16.41 17.67 -1.81
C VAL C 223 17.01 18.85 -1.11
N ILE C 224 16.48 19.17 0.06
CA ILE C 224 16.93 20.35 0.84
C ILE C 224 17.37 19.87 2.20
N VAL C 225 18.54 20.32 2.63
CA VAL C 225 19.11 19.90 3.92
C VAL C 225 19.24 21.13 4.83
N ILE C 226 18.77 20.98 6.09
CA ILE C 226 18.88 22.00 7.11
C ILE C 226 19.73 21.42 8.22
N ALA C 227 20.77 22.12 8.58
CA ALA C 227 21.69 21.68 9.66
C ALA C 227 22.45 22.89 10.21
N GLY C 228 23.42 22.68 11.12
CA GLY C 228 24.26 23.84 11.58
C GLY C 228 25.75 23.81 11.27
N SER C 229 26.23 22.78 10.54
CA SER C 229 27.65 22.63 10.26
C SER C 229 27.93 23.05 8.84
N PRO C 230 28.71 24.11 8.61
CA PRO C 230 29.03 24.51 7.24
C PRO C 230 29.66 23.39 6.39
N ASN C 231 30.60 22.64 6.97
CA ASN C 231 31.33 21.62 6.25
C ASN C 231 30.47 20.45 5.93
N ARG C 232 29.60 20.03 6.85
CA ARG C 232 28.65 18.96 6.55
C ARG C 232 27.65 19.37 5.49
N LEU C 233 27.20 20.63 5.54
CA LEU C 233 26.31 21.16 4.49
C LEU C 233 26.96 21.28 3.11
N LYS C 234 28.20 21.65 3.04
CA LYS C 234 28.96 21.58 1.78
C LYS C 234 29.04 20.15 1.20
N LEU C 235 29.32 19.16 2.07
CA LEU C 235 29.32 17.78 1.70
C LEU C 235 27.94 17.34 1.19
N ALA C 236 26.88 17.75 1.88
CA ALA C 236 25.52 17.51 1.42
C ALA C 236 25.28 18.04 -0.01
N GLU C 237 25.80 19.22 -0.34
CA GLU C 237 25.71 19.67 -1.73
C GLU C 237 26.54 18.82 -2.71
N GLU C 238 27.74 18.44 -2.30
CA GLU C 238 28.60 17.63 -3.12
C GLU C 238 27.98 16.26 -3.44
N ILE C 239 27.10 15.77 -2.59
CA ILE C 239 26.51 14.45 -2.81
C ILE C 239 25.07 14.50 -3.31
N GLY C 240 24.57 15.69 -3.63
CA GLY C 240 23.28 15.78 -4.32
C GLY C 240 22.19 16.70 -3.81
N ALA C 241 22.43 17.42 -2.72
CA ALA C 241 21.40 18.34 -2.22
C ALA C 241 21.29 19.47 -3.18
N ASP C 242 20.07 19.90 -3.43
CA ASP C 242 19.82 21.07 -4.26
C ASP C 242 19.99 22.40 -3.51
N LEU C 243 19.78 22.38 -2.21
CA LEU C 243 19.84 23.61 -1.39
C LEU C 243 20.17 23.20 -0.01
N THR C 244 21.09 23.92 0.62
CA THR C 244 21.37 23.74 2.03
C THR C 244 21.06 25.01 2.77
N LEU C 245 20.64 24.85 4.03
CA LEU C 245 20.22 26.01 4.83
C LEU C 245 20.88 25.87 6.19
N ASN C 246 21.69 26.82 6.59
CA ASN C 246 22.46 26.73 7.83
C ASN C 246 21.71 27.50 8.93
N ARG C 247 21.40 26.83 10.03
CA ARG C 247 20.59 27.45 11.09
C ARG C 247 21.26 28.63 11.78
N ARG C 248 22.57 28.75 11.67
CA ARG C 248 23.26 29.94 12.18
C ARG C 248 23.16 31.12 11.22
N GLU C 249 23.04 30.85 9.93
CA GLU C 249 23.11 31.89 8.92
C GLU C 249 21.73 32.35 8.41
N THR C 250 20.72 31.53 8.61
CA THR C 250 19.36 31.83 8.19
C THR C 250 18.39 31.75 9.36
N SER C 251 17.34 32.55 9.29
CA SER C 251 16.27 32.44 10.28
C SER C 251 15.34 31.35 9.88
N VAL C 252 14.59 30.88 10.88
CA VAL C 252 13.54 29.89 10.68
C VAL C 252 12.50 30.35 9.64
N GLU C 253 12.19 31.63 9.63
CA GLU C 253 11.25 32.24 8.68
C GLU C 253 11.83 32.25 7.26
N GLU C 254 13.12 32.60 7.15
CA GLU C 254 13.83 32.51 5.88
C GLU C 254 13.85 31.10 5.36
N ARG C 255 14.05 30.11 6.23
CA ARG C 255 14.00 28.71 5.78
C ARG C 255 12.60 28.28 5.27
N ARG C 256 11.59 28.65 6.03
CA ARG C 256 10.26 28.31 5.66
C ARG C 256 9.87 28.92 4.33
N LYS C 257 10.23 30.19 4.13
CA LYS C 257 9.95 30.83 2.83
C LYS C 257 10.69 30.15 1.66
N ALA C 258 11.90 29.68 1.91
CA ALA C 258 12.65 29.06 0.85
C ALA C 258 11.99 27.77 0.44
N ILE C 259 11.46 27.05 1.40
CA ILE C 259 10.87 25.76 1.15
C ILE C 259 9.46 25.96 0.52
N MET C 260 8.74 27.00 0.94
CA MET C 260 7.43 27.32 0.33
C MET C 260 7.56 27.76 -1.11
N ASP C 261 8.57 28.57 -1.40
CA ASP C 261 8.88 28.94 -2.77
C ASP C 261 9.12 27.70 -3.66
N ILE C 262 9.93 26.74 -3.21
CA ILE C 262 10.24 25.57 -4.02
C ILE C 262 8.99 24.69 -4.22
N THR C 263 8.07 24.69 -3.27
CA THR C 263 6.94 23.75 -3.26
C THR C 263 5.65 24.47 -3.58
N HIS C 264 5.76 25.66 -4.20
CA HIS C 264 4.61 26.45 -4.56
C HIS C 264 3.63 26.71 -3.45
N GLY C 265 4.14 27.04 -2.27
CA GLY C 265 3.28 27.44 -1.21
C GLY C 265 2.77 26.27 -0.40
N ARG C 266 3.12 25.04 -0.74
CA ARG C 266 2.48 23.87 -0.09
C ARG C 266 3.22 23.38 1.18
N GLY C 267 4.54 23.30 1.06
CA GLY C 267 5.39 22.67 2.05
C GLY C 267 6.02 21.41 1.53
N ALA C 268 6.93 20.86 2.33
CA ALA C 268 7.65 19.68 1.92
C ALA C 268 6.71 18.48 1.89
N ASP C 269 6.97 17.55 0.97
CA ASP C 269 6.19 16.33 0.89
C ASP C 269 6.65 15.25 1.86
N PHE C 270 7.95 15.18 2.06
CA PHE C 270 8.61 14.21 2.93
C PHE C 270 9.69 14.94 3.72
N ILE C 271 9.71 14.73 5.04
CA ILE C 271 10.79 15.19 5.88
C ILE C 271 11.42 14.02 6.64
N LEU C 272 12.75 14.06 6.72
CA LEU C 272 13.49 13.16 7.58
C LEU C 272 14.08 13.95 8.75
N GLU C 273 13.75 13.53 9.97
CA GLU C 273 14.44 14.04 11.12
C GLU C 273 15.67 13.15 11.32
N ALA C 274 16.83 13.77 11.21
CA ALA C 274 18.11 13.12 11.41
C ALA C 274 19.05 13.98 12.24
N THR C 275 18.51 14.71 13.23
CA THR C 275 19.32 15.57 14.07
C THR C 275 19.69 14.91 15.40
N GLY C 276 18.86 14.01 15.88
CA GLY C 276 19.05 13.47 17.21
C GLY C 276 18.41 14.30 18.30
N ASP C 277 17.77 15.41 17.90
CA ASP C 277 17.10 16.31 18.84
C ASP C 277 15.58 16.39 18.60
N SER C 278 14.82 16.04 19.62
CA SER C 278 13.34 16.08 19.60
C SER C 278 12.75 17.42 19.15
N ARG C 279 13.44 18.50 19.48
CA ARG C 279 12.99 19.84 19.14
C ARG C 279 13.00 20.12 17.66
N ALA C 280 13.63 19.25 16.85
CA ALA C 280 13.58 19.36 15.38
C ALA C 280 12.14 19.36 14.85
N LEU C 281 11.27 18.62 15.53
CA LEU C 281 9.88 18.53 15.13
C LEU C 281 9.17 19.88 15.13
N LEU C 282 9.63 20.81 15.94
CA LEU C 282 9.01 22.11 16.04
C LEU C 282 9.13 22.83 14.67
N GLU C 283 10.33 22.81 14.09
CA GLU C 283 10.53 23.43 12.80
C GLU C 283 9.96 22.56 11.71
N GLY C 284 10.24 21.26 11.73
CA GLY C 284 9.80 20.37 10.68
C GLY C 284 8.29 20.31 10.48
N SER C 285 7.54 20.35 11.57
CA SER C 285 6.09 20.30 11.47
C SER C 285 5.55 21.50 10.66
N GLU C 286 6.18 22.67 10.78
CA GLU C 286 5.72 23.84 10.10
C GLU C 286 6.22 23.89 8.62
N LEU C 287 7.09 22.98 8.21
CA LEU C 287 7.56 22.90 6.83
C LEU C 287 6.76 21.86 6.04
N LEU C 288 5.98 21.04 6.74
CA LEU C 288 5.31 19.90 6.14
C LEU C 288 4.03 20.32 5.45
N ARG C 289 3.84 19.86 4.20
CA ARG C 289 2.58 20.10 3.54
C ARG C 289 1.43 19.37 4.18
N ARG C 290 0.23 19.88 3.97
CA ARG C 290 -0.95 19.12 4.27
C ARG C 290 -0.91 17.79 3.50
N GLY C 291 -1.04 16.71 4.24
CA GLY C 291 -0.90 15.35 3.72
C GLY C 291 0.53 14.84 3.67
N GLY C 292 1.48 15.62 4.20
CA GLY C 292 2.87 15.26 4.12
C GLY C 292 3.20 14.11 5.06
N PHE C 293 4.44 13.65 4.93
CA PHE C 293 4.96 12.49 5.61
C PHE C 293 6.29 12.84 6.28
N TYR C 294 6.34 12.63 7.59
CA TYR C 294 7.47 13.00 8.43
C TYR C 294 8.06 11.71 9.04
N SER C 295 9.21 11.24 8.58
CA SER C 295 9.92 10.10 9.16
C SER C 295 10.90 10.61 10.20
N VAL C 296 10.72 10.16 11.44
CA VAL C 296 11.51 10.57 12.58
C VAL C 296 12.44 9.40 12.93
N ALA C 297 13.70 9.58 12.62
CA ALA C 297 14.73 8.55 12.71
C ALA C 297 16.00 8.91 13.48
N GLY C 298 16.19 10.16 13.86
CA GLY C 298 17.44 10.59 14.50
C GLY C 298 17.46 10.51 16.01
N VAL C 299 16.36 10.87 16.64
CA VAL C 299 16.31 10.84 18.09
C VAL C 299 16.61 9.43 18.58
N ALA C 300 17.64 9.32 19.42
CA ALA C 300 18.19 8.03 19.78
C ALA C 300 18.29 7.77 21.27
N VAL C 301 17.77 8.70 22.10
CA VAL C 301 17.77 8.55 23.54
C VAL C 301 16.54 9.22 24.08
N PRO C 302 16.06 8.80 25.24
CA PRO C 302 14.97 9.51 25.89
C PRO C 302 15.37 10.99 26.16
N GLN C 303 14.47 11.91 25.83
CA GLN C 303 14.70 13.36 26.00
C GLN C 303 13.46 13.97 26.62
N ASP C 304 13.58 15.23 27.08
CA ASP C 304 12.44 15.95 27.61
C ASP C 304 11.35 15.91 26.56
N PRO C 305 10.08 15.87 26.97
CA PRO C 305 8.99 15.96 25.98
C PRO C 305 8.99 17.31 25.24
N VAL C 306 8.54 17.33 24.00
CA VAL C 306 8.41 18.59 23.27
C VAL C 306 6.95 18.96 23.18
N PRO C 307 6.67 20.26 23.10
CA PRO C 307 5.30 20.72 23.04
C PRO C 307 4.78 20.47 21.66
N PHE C 308 3.77 19.62 21.58
CA PHE C 308 3.29 19.19 20.28
C PHE C 308 1.90 19.75 20.06
N LYS C 309 1.72 20.43 18.94
CA LYS C 309 0.41 21.02 18.58
C LYS C 309 -0.38 20.00 17.78
N VAL C 310 -1.23 19.26 18.47
CA VAL C 310 -1.97 18.15 17.86
C VAL C 310 -2.91 18.62 16.72
N TYR C 311 -3.67 19.68 16.95
CA TYR C 311 -4.55 20.20 15.90
C TYR C 311 -3.79 20.63 14.67
N GLU C 312 -2.89 21.56 14.86
CA GLU C 312 -2.15 22.18 13.77
C GLU C 312 -1.23 21.25 13.04
N TRP C 313 -0.48 20.42 13.75
CA TRP C 313 0.54 19.63 13.11
C TRP C 313 0.08 18.26 12.65
N LEU C 314 -0.93 17.70 13.27
CA LEU C 314 -1.45 16.37 12.87
C LEU C 314 -2.77 16.43 12.16
N VAL C 315 -3.78 16.87 12.88
CA VAL C 315 -5.18 16.76 12.46
C VAL C 315 -5.50 17.64 11.21
N LEU C 316 -5.34 18.95 11.36
CA LEU C 316 -5.60 19.88 10.28
C LEU C 316 -4.70 19.61 9.07
N LYS C 317 -3.47 19.17 9.33
CA LYS C 317 -2.52 18.86 8.30
C LYS C 317 -2.74 17.47 7.66
N ASN C 318 -3.55 16.60 8.29
CA ASN C 318 -3.72 15.24 7.83
C ASN C 318 -2.31 14.67 7.60
N ALA C 319 -1.42 14.93 8.55
CA ALA C 319 -0.03 14.49 8.43
C ALA C 319 0.22 13.08 8.97
N THR C 320 1.26 12.43 8.43
CA THR C 320 1.78 11.18 8.98
C THR C 320 3.07 11.49 9.65
N PHE C 321 3.15 11.14 10.94
CA PHE C 321 4.42 11.10 11.63
C PHE C 321 4.74 9.61 11.85
N LYS C 322 5.88 9.19 11.39
CA LYS C 322 6.29 7.83 11.43
C LYS C 322 7.63 7.70 12.13
N GLY C 323 7.65 7.03 13.28
CA GLY C 323 8.93 6.78 13.92
C GLY C 323 9.63 5.63 13.24
N ILE C 324 10.97 5.63 13.21
CA ILE C 324 11.77 4.64 12.51
C ILE C 324 12.78 4.02 13.46
N TRP C 325 12.66 2.72 13.69
CA TRP C 325 13.53 1.98 14.60
C TRP C 325 14.41 1.02 13.77
N VAL C 326 15.71 1.30 13.82
CA VAL C 326 16.75 0.56 13.18
C VAL C 326 16.30 0.07 11.77
N SER C 327 16.59 -1.19 11.46
CA SER C 327 16.35 -1.73 10.13
C SER C 327 16.39 -3.24 10.18
N ASP C 328 15.94 -3.88 9.12
CA ASP C 328 16.00 -5.30 9.02
C ASP C 328 16.77 -5.79 7.80
N THR C 329 16.76 -7.08 7.53
CA THR C 329 17.49 -7.62 6.38
C THR C 329 17.00 -7.12 5.04
N SER C 330 15.70 -6.81 4.88
CA SER C 330 15.20 -6.23 3.64
C SER C 330 15.85 -4.87 3.43
N HIS C 331 15.95 -4.07 4.50
CA HIS C 331 16.56 -2.73 4.37
C HIS C 331 18.05 -2.83 4.09
N PHE C 332 18.70 -3.78 4.77
CA PHE C 332 20.10 -4.16 4.56
C PHE C 332 20.41 -4.35 3.10
N VAL C 333 19.76 -5.31 2.44
CA VAL C 333 20.09 -5.57 1.06
C VAL C 333 19.82 -4.38 0.15
N LYS C 334 18.72 -3.68 0.38
CA LYS C 334 18.38 -2.56 -0.45
C LYS C 334 19.35 -1.39 -0.29
N THR C 335 19.83 -1.20 0.95
CA THR C 335 20.88 -0.19 1.19
C THR C 335 22.17 -0.54 0.51
N VAL C 336 22.57 -1.81 0.59
CA VAL C 336 23.77 -2.23 -0.09
C VAL C 336 23.62 -1.92 -1.58
N SER C 337 22.45 -2.15 -2.10
CA SER C 337 22.21 -1.96 -3.53
C SER C 337 22.32 -0.48 -3.96
N ILE C 338 21.69 0.48 -3.23
CA ILE C 338 21.84 1.90 -3.52
C ILE C 338 23.28 2.43 -3.31
N THR C 339 23.88 2.02 -2.21
CA THR C 339 25.24 2.36 -1.88
C THR C 339 26.21 1.96 -2.99
N SER C 340 26.02 0.77 -3.53
CA SER C 340 26.91 0.23 -4.58
C SER C 340 26.94 1.10 -5.84
N ARG C 341 25.88 1.86 -6.06
CA ARG C 341 25.85 2.77 -7.18
C ARG C 341 26.35 4.15 -6.87
N ASN C 342 26.80 4.39 -5.63
CA ASN C 342 27.14 5.75 -5.15
C ASN C 342 28.44 5.78 -4.33
N TYR C 343 29.36 4.86 -4.63
CA TYR C 343 30.54 4.67 -3.77
C TYR C 343 31.41 5.89 -3.77
N GLN C 344 31.55 6.54 -4.91
CA GLN C 344 32.42 7.71 -4.98
C GLN C 344 31.87 8.90 -4.13
N LEU C 345 30.57 9.17 -4.22
CA LEU C 345 29.97 10.21 -3.35
C LEU C 345 30.05 9.83 -1.90
N LEU C 346 29.65 8.62 -1.58
CA LEU C 346 29.57 8.20 -0.16
C LEU C 346 30.93 7.97 0.47
N SER C 347 31.99 7.72 -0.33
CA SER C 347 33.33 7.68 0.26
C SER C 347 33.67 9.00 0.95
N LYS C 348 33.10 10.12 0.47
CA LYS C 348 33.43 11.42 1.08
C LYS C 348 33.03 11.57 2.55
N LEU C 349 32.11 10.73 3.02
CA LEU C 349 31.73 10.75 4.42
C LEU C 349 32.84 10.25 5.33
N ILE C 350 33.70 9.38 4.83
CA ILE C 350 34.78 8.82 5.62
C ILE C 350 35.94 9.81 5.71
N THR C 351 36.06 10.46 6.87
CA THR C 351 37.05 11.48 7.04
C THR C 351 38.30 10.99 7.69
N HIS C 352 38.22 9.82 8.33
CA HIS C 352 39.39 9.32 9.06
C HIS C 352 39.42 7.83 8.95
N ARG C 353 40.62 7.29 8.78
CA ARG C 353 40.85 5.83 8.88
C ARG C 353 41.99 5.61 9.85
N LEU C 354 41.75 4.84 10.92
CA LEU C 354 42.71 4.62 12.00
C LEU C 354 42.91 3.11 12.21
N PRO C 355 44.10 2.70 12.63
CA PRO C 355 44.31 1.32 13.02
C PRO C 355 43.41 0.98 14.22
N LEU C 356 43.01 -0.28 14.30
CA LEU C 356 42.18 -0.76 15.43
C LEU C 356 42.68 -0.32 16.79
N LYS C 357 44.00 -0.37 17.02
CA LYS C 357 44.60 0.01 18.29
C LYS C 357 44.31 1.44 18.72
N GLU C 358 43.88 2.27 17.76
CA GLU C 358 43.53 3.65 18.05
C GLU C 358 42.06 3.86 18.26
N ALA C 359 41.34 2.82 18.68
CA ALA C 359 39.90 2.93 18.78
C ALA C 359 39.47 4.00 19.74
N ASN C 360 40.26 4.24 20.79
CA ASN C 360 39.88 5.33 21.72
C ASN C 360 39.87 6.70 21.04
N LYS C 361 40.93 7.02 20.31
CA LYS C 361 41.00 8.26 19.56
C LYS C 361 39.83 8.36 18.57
N ALA C 362 39.51 7.25 17.89
CA ALA C 362 38.35 7.23 16.98
C ALA C 362 37.05 7.57 17.68
N LEU C 363 36.83 7.05 18.89
CA LEU C 363 35.62 7.41 19.62
C LEU C 363 35.63 8.89 20.00
N GLU C 364 36.81 9.39 20.38
CA GLU C 364 37.06 10.80 20.70
C GLU C 364 36.76 11.73 19.52
N LEU C 365 37.28 11.38 18.35
CA LEU C 365 36.93 12.09 17.12
C LEU C 365 35.45 12.12 16.79
N MET C 366 34.75 11.00 17.00
CA MET C 366 33.33 10.95 16.74
C MET C 366 32.57 11.78 17.78
N GLU C 367 32.93 11.67 19.05
CA GLU C 367 32.31 12.49 20.07
C GLU C 367 32.47 13.98 19.82
N SER C 368 33.68 14.43 19.52
CA SER C 368 33.93 15.85 19.31
C SER C 368 33.33 16.38 18.00
N ARG C 369 32.90 15.49 17.11
CA ARG C 369 32.60 15.79 15.71
C ARG C 369 33.79 16.31 14.86
N GLU C 370 35.03 16.05 15.26
CA GLU C 370 36.17 16.34 14.36
C GLU C 370 36.12 15.36 13.18
N ALA C 371 35.64 14.14 13.41
CA ALA C 371 35.35 13.23 12.32
C ALA C 371 33.86 13.23 12.01
N LEU C 372 33.53 12.94 10.76
CA LEU C 372 32.16 12.60 10.35
C LEU C 372 31.95 11.12 10.50
N LYS C 373 32.91 10.36 9.96
CA LYS C 373 32.95 8.93 10.13
C LYS C 373 34.38 8.45 10.15
N VAL C 374 34.68 7.63 11.15
CA VAL C 374 35.94 6.95 11.28
C VAL C 374 35.73 5.44 10.95
N ILE C 375 36.64 4.91 10.17
CA ILE C 375 36.77 3.48 9.91
C ILE C 375 38.03 3.00 10.62
N LEU C 376 37.90 1.90 11.34
CA LEU C 376 39.07 1.22 11.90
C LEU C 376 39.49 0.04 11.03
N TYR C 377 40.79 -0.18 10.95
CA TYR C 377 41.32 -1.36 10.29
C TYR C 377 42.32 -2.09 11.20
N PRO C 378 42.16 -3.41 11.32
CA PRO C 378 43.14 -4.22 12.01
C PRO C 378 44.52 -4.16 11.36
N GLU C 379 45.49 -4.21 12.28
CA GLU C 379 46.95 -4.30 12.11
C GLU C 379 47.63 -2.94 11.94
N GLY D 15 7.60 -46.94 26.21
CA GLY D 15 7.36 -45.71 25.38
C GLY D 15 5.94 -45.67 24.87
N LEU D 16 5.60 -44.59 24.15
CA LEU D 16 4.22 -44.35 23.70
C LEU D 16 3.85 -45.18 22.47
N LYS D 17 2.66 -45.76 22.49
CA LYS D 17 2.17 -46.58 21.37
C LYS D 17 1.32 -45.71 20.46
N ALA D 18 1.83 -45.36 19.29
CA ALA D 18 1.06 -44.56 18.34
C ALA D 18 0.58 -45.45 17.21
N HIS D 19 -0.49 -45.04 16.52
CA HIS D 19 -0.88 -45.70 15.25
C HIS D 19 -1.18 -44.69 14.16
N ALA D 20 -1.03 -45.11 12.91
CA ALA D 20 -1.29 -44.21 11.79
C ALA D 20 -1.68 -44.97 10.56
N MET D 21 -2.22 -44.24 9.60
CA MET D 21 -2.61 -44.82 8.32
C MET D 21 -1.57 -44.34 7.33
N VAL D 22 -0.86 -45.28 6.77
CA VAL D 22 0.37 -45.02 6.03
C VAL D 22 0.18 -45.28 4.53
N LEU D 23 0.63 -44.35 3.71
CA LEU D 23 0.66 -44.49 2.25
C LEU D 23 1.99 -45.14 1.83
N GLU D 24 1.95 -46.42 1.42
CA GLU D 24 3.21 -47.13 1.14
C GLU D 24 3.53 -47.09 -0.35
N LYS D 25 2.48 -47.18 -1.17
CA LYS D 25 2.60 -47.16 -2.64
C LYS D 25 1.39 -46.37 -3.16
N PHE D 26 1.60 -45.57 -4.22
CA PHE D 26 0.52 -44.76 -4.77
C PHE D 26 -0.60 -45.66 -5.34
N ASN D 27 -1.82 -45.16 -5.26
CA ASN D 27 -3.01 -45.90 -5.63
C ASN D 27 -3.25 -47.20 -4.88
N GLN D 28 -2.61 -47.40 -3.74
CA GLN D 28 -2.85 -48.58 -2.94
C GLN D 28 -3.33 -48.14 -1.58
N PRO D 29 -4.31 -48.85 -1.01
CA PRO D 29 -4.94 -48.42 0.23
C PRO D 29 -3.93 -48.09 1.33
N LEU D 30 -4.22 -47.03 2.06
CA LEU D 30 -3.50 -46.76 3.28
C LEU D 30 -3.62 -47.96 4.23
N VAL D 31 -2.52 -48.26 4.89
CA VAL D 31 -2.42 -49.38 5.78
C VAL D 31 -2.15 -48.91 7.21
N TYR D 32 -2.87 -49.52 8.13
CA TYR D 32 -2.63 -49.40 9.54
C TYR D 32 -1.20 -49.82 9.93
N LYS D 33 -0.53 -49.00 10.72
CA LYS D 33 0.76 -49.38 11.23
C LYS D 33 0.94 -48.75 12.59
N GLU D 34 1.65 -49.47 13.47
CA GLU D 34 1.91 -48.98 14.83
C GLU D 34 3.36 -48.56 14.96
N PHE D 35 3.58 -47.54 15.81
CA PHE D 35 4.89 -46.97 16.04
C PHE D 35 5.03 -46.79 17.55
N GLU D 36 6.12 -47.33 18.11
CA GLU D 36 6.47 -47.07 19.51
C GLU D 36 7.35 -45.81 19.57
N ILE D 37 6.87 -44.83 20.31
CA ILE D 37 7.58 -43.56 20.42
C ILE D 37 8.31 -43.56 21.75
N SER D 38 9.62 -43.49 21.67
CA SER D 38 10.41 -43.59 22.88
C SER D 38 10.79 -42.17 23.30
N ASP D 39 11.73 -41.56 22.60
CA ASP D 39 11.93 -40.13 22.77
C ASP D 39 11.83 -39.36 21.48
N ILE D 40 11.84 -38.05 21.64
CA ILE D 40 11.62 -37.19 20.52
C ILE D 40 12.78 -36.25 20.43
N PRO D 41 13.04 -35.70 19.28
CA PRO D 41 14.12 -34.78 19.14
C PRO D 41 14.05 -33.62 20.15
N ARG D 42 15.21 -33.03 20.43
CA ARG D 42 15.34 -31.82 21.26
C ARG D 42 14.47 -30.71 20.76
N GLY D 43 13.62 -30.18 21.64
CA GLY D 43 12.78 -29.03 21.31
C GLY D 43 11.48 -29.40 20.62
N SER D 44 11.33 -30.68 20.26
CA SER D 44 10.16 -31.09 19.54
C SER D 44 8.96 -31.18 20.46
N ILE D 45 7.78 -31.14 19.85
CA ILE D 45 6.52 -31.29 20.55
C ILE D 45 5.75 -32.54 20.06
N LEU D 46 5.48 -33.44 21.01
CA LEU D 46 4.64 -34.60 20.76
C LEU D 46 3.18 -34.20 21.02
N VAL D 47 2.33 -34.39 20.02
CA VAL D 47 0.97 -33.87 19.98
C VAL D 47 0.03 -35.02 19.71
N GLU D 48 -1.01 -35.14 20.54
CA GLU D 48 -2.10 -36.09 20.33
C GLU D 48 -3.07 -35.47 19.33
N ILE D 49 -3.25 -36.08 18.17
CA ILE D 49 -4.15 -35.52 17.17
C ILE D 49 -5.58 -35.73 17.65
N LEU D 50 -6.40 -34.70 17.54
CA LEU D 50 -7.81 -34.77 17.97
C LEU D 50 -8.75 -34.67 16.76
N SER D 51 -8.29 -33.97 15.72
CA SER D 51 -9.03 -33.76 14.51
C SER D 51 -8.01 -33.69 13.40
N ALA D 52 -8.29 -34.39 12.31
CA ALA D 52 -7.42 -34.40 11.14
C ALA D 52 -8.29 -34.22 9.90
N GLY D 53 -8.10 -33.09 9.24
CA GLY D 53 -8.85 -32.83 8.00
C GLY D 53 -8.40 -33.65 6.80
N VAL D 54 -9.37 -34.14 6.05
CA VAL D 54 -9.11 -34.77 4.76
C VAL D 54 -9.33 -33.77 3.59
N CYS D 55 -8.27 -33.54 2.81
CA CYS D 55 -8.24 -32.51 1.80
C CYS D 55 -8.42 -33.13 0.44
N GLY D 56 -9.06 -32.41 -0.48
CA GLY D 56 -9.07 -32.82 -1.86
C GLY D 56 -7.67 -33.14 -2.36
N SER D 57 -6.70 -32.38 -1.92
CA SER D 57 -5.33 -32.58 -2.37
C SER D 57 -4.77 -33.95 -1.89
N ASP D 58 -5.27 -34.47 -0.76
CA ASP D 58 -4.80 -35.78 -0.28
C ASP D 58 -5.13 -36.91 -1.28
N VAL D 59 -6.25 -36.77 -1.99
CA VAL D 59 -6.64 -37.71 -3.05
C VAL D 59 -5.60 -37.68 -4.18
N HIS D 60 -5.32 -36.48 -4.66
CA HIS D 60 -4.27 -36.25 -5.66
C HIS D 60 -2.94 -36.88 -5.21
N MET D 61 -2.52 -36.62 -3.97
CA MET D 61 -1.26 -37.18 -3.45
C MET D 61 -1.26 -38.72 -3.46
N PHE D 62 -2.38 -39.27 -3.00
CA PHE D 62 -2.61 -40.73 -2.97
C PHE D 62 -2.51 -41.38 -4.33
N ARG D 63 -2.90 -40.64 -5.35
CA ARG D 63 -2.94 -41.16 -6.72
C ARG D 63 -1.59 -41.07 -7.41
N GLY D 64 -0.61 -40.51 -6.72
CA GLY D 64 0.74 -40.37 -7.23
C GLY D 64 0.88 -39.24 -8.23
N GLU D 65 0.06 -38.20 -8.11
CA GLU D 65 0.08 -37.08 -9.04
C GLU D 65 0.83 -35.85 -8.49
N ASP D 66 1.20 -35.88 -7.22
CA ASP D 66 1.93 -34.77 -6.57
C ASP D 66 3.39 -35.20 -6.49
N PRO D 67 4.29 -34.45 -7.13
CA PRO D 67 5.66 -34.93 -7.31
C PRO D 67 6.53 -34.70 -6.08
N ARG D 68 6.05 -33.87 -5.15
CA ARG D 68 6.71 -33.62 -3.87
C ARG D 68 6.63 -34.78 -2.88
N VAL D 69 5.85 -35.82 -3.19
CA VAL D 69 5.44 -36.78 -2.18
C VAL D 69 6.34 -38.03 -2.14
N PRO D 70 7.12 -38.16 -1.06
CA PRO D 70 7.95 -39.34 -0.85
C PRO D 70 7.11 -40.48 -0.29
N LEU D 71 7.60 -41.71 -0.46
CA LEU D 71 6.95 -42.87 0.09
C LEU D 71 7.96 -43.61 0.93
N PRO D 72 7.55 -44.13 2.08
CA PRO D 72 6.19 -44.04 2.54
C PRO D 72 5.94 -42.73 3.27
N ILE D 73 4.67 -42.43 3.48
CA ILE D 73 4.28 -41.19 4.09
C ILE D 73 3.00 -41.30 4.89
N ILE D 74 2.95 -40.63 6.03
CA ILE D 74 1.69 -40.42 6.73
C ILE D 74 1.15 -39.10 6.22
N LEU D 75 0.10 -39.20 5.41
CA LEU D 75 -0.60 -38.06 4.88
C LEU D 75 -1.30 -37.24 6.00
N GLY D 76 -1.90 -36.12 5.60
CA GLY D 76 -2.69 -35.32 6.53
C GLY D 76 -1.96 -34.06 6.91
N HIS D 77 -2.43 -32.93 6.37
CA HIS D 77 -1.76 -31.66 6.68
C HIS D 77 -2.58 -30.66 7.43
N GLU D 78 -3.76 -31.07 7.90
CA GLU D 78 -4.71 -30.20 8.61
C GLU D 78 -4.95 -30.88 9.96
N GLY D 79 -4.42 -30.36 11.04
CA GLY D 79 -4.60 -30.98 12.30
C GLY D 79 -4.86 -30.03 13.45
N ALA D 80 -5.53 -30.53 14.47
CA ALA D 80 -5.67 -29.86 15.75
C ALA D 80 -5.44 -30.93 16.80
N GLY D 81 -4.82 -30.56 17.90
CA GLY D 81 -4.39 -31.55 18.87
C GLY D 81 -4.11 -31.02 20.27
N ARG D 82 -3.66 -31.93 21.12
CA ARG D 82 -3.39 -31.66 22.51
C ARG D 82 -1.91 -31.98 22.75
N VAL D 83 -1.21 -31.10 23.41
CA VAL D 83 0.22 -31.30 23.68
C VAL D 83 0.37 -32.45 24.67
N VAL D 84 1.22 -33.41 24.30
CA VAL D 84 1.57 -34.51 25.21
C VAL D 84 2.83 -34.09 25.92
N GLU D 85 3.82 -33.63 25.18
CA GLU D 85 5.14 -33.36 25.75
C GLU D 85 5.94 -32.46 24.81
N VAL D 86 6.57 -31.43 25.38
CA VAL D 86 7.62 -30.66 24.73
C VAL D 86 8.93 -31.11 25.32
N ASN D 87 9.86 -31.58 24.46
CA ASN D 87 11.17 -32.00 24.96
C ASN D 87 12.13 -30.80 25.09
N GLY D 88 11.96 -30.07 26.19
CA GLY D 88 12.50 -28.73 26.33
C GLY D 88 11.36 -27.74 26.52
N GLU D 89 11.46 -26.58 25.89
CA GLU D 89 10.42 -25.57 25.98
C GLU D 89 10.05 -25.11 24.59
N LYS D 90 8.80 -24.73 24.38
CA LYS D 90 8.35 -24.21 23.08
C LYS D 90 7.34 -23.13 23.37
N ARG D 91 7.54 -21.97 22.73
CA ARG D 91 6.57 -20.89 22.85
C ARG D 91 5.61 -20.92 21.63
N ASP D 92 4.34 -20.61 21.87
CA ASP D 92 3.43 -20.32 20.74
C ASP D 92 3.69 -18.91 20.18
N LEU D 93 2.94 -18.51 19.15
CA LEU D 93 3.24 -17.25 18.42
C LEU D 93 3.08 -15.95 19.25
N ASN D 94 2.29 -16.03 20.30
CA ASN D 94 2.08 -14.96 21.28
C ASN D 94 3.08 -14.95 22.41
N GLY D 95 3.97 -15.92 22.39
CA GLY D 95 5.00 -16.02 23.35
C GLY D 95 4.62 -16.90 24.54
N GLU D 96 3.49 -17.57 24.50
CA GLU D 96 3.10 -18.41 25.63
C GLU D 96 3.83 -19.76 25.61
N LEU D 97 4.42 -20.14 26.74
CA LEU D 97 5.09 -21.43 26.86
C LEU D 97 4.06 -22.56 26.91
N LEU D 98 4.20 -23.53 26.01
CA LEU D 98 3.29 -24.66 26.01
C LEU D 98 3.50 -25.61 27.14
N LYS D 99 2.44 -26.31 27.52
CA LYS D 99 2.54 -27.38 28.47
C LYS D 99 1.60 -28.54 28.18
N PRO D 100 1.87 -29.72 28.77
CA PRO D 100 0.99 -30.89 28.52
C PRO D 100 -0.46 -30.50 28.74
N GLY D 101 -1.31 -30.88 27.79
CA GLY D 101 -2.75 -30.65 27.92
C GLY D 101 -3.26 -29.42 27.20
N ASP D 102 -2.35 -28.54 26.78
CA ASP D 102 -2.71 -27.40 25.95
C ASP D 102 -3.31 -27.84 24.64
N LEU D 103 -4.32 -27.12 24.18
CA LEU D 103 -4.88 -27.41 22.87
C LEU D 103 -4.21 -26.44 21.92
N ILE D 104 -3.81 -26.95 20.76
CA ILE D 104 -3.07 -26.15 19.79
C ILE D 104 -3.51 -26.45 18.35
N VAL D 105 -3.28 -25.47 17.47
CA VAL D 105 -3.19 -25.69 16.03
C VAL D 105 -1.84 -25.18 15.59
N TRP D 106 -1.47 -25.47 14.36
CA TRP D 106 -0.14 -25.10 13.88
C TRP D 106 -0.16 -24.90 12.41
N ASN D 107 0.77 -24.07 11.93
CA ASN D 107 1.02 -23.95 10.52
C ASN D 107 1.68 -25.24 10.00
N ARG D 108 1.05 -25.89 9.05
CA ARG D 108 1.63 -27.06 8.41
C ARG D 108 3.05 -26.87 7.76
N GLY D 109 3.36 -25.65 7.31
CA GLY D 109 4.62 -25.37 6.64
C GLY D 109 5.68 -24.70 7.49
N ILE D 110 6.90 -25.19 7.38
CA ILE D 110 8.07 -24.57 8.00
C ILE D 110 8.94 -24.04 6.88
N THR D 111 9.33 -22.76 6.93
CA THR D 111 10.20 -22.20 5.86
C THR D 111 11.60 -22.01 6.43
N CYS D 112 12.59 -21.71 5.59
CA CYS D 112 13.99 -21.76 6.07
C CYS D 112 14.40 -20.57 6.96
N GLY D 113 13.78 -19.41 6.78
CA GLY D 113 14.15 -18.21 7.51
C GLY D 113 15.45 -17.54 7.05
N GLU D 114 15.95 -17.92 5.88
CA GLU D 114 17.28 -17.46 5.44
C GLU D 114 17.37 -17.05 3.99
N CYS D 115 16.36 -17.38 3.18
CA CYS D 115 16.43 -17.10 1.75
C CYS D 115 15.85 -15.73 1.45
N TYR D 116 15.92 -15.40 0.18
CA TYR D 116 15.43 -14.11 -0.39
C TYR D 116 13.97 -13.88 -0.02
N TRP D 117 13.15 -14.91 -0.19
CA TRP D 117 11.70 -14.78 0.06
C TRP D 117 11.36 -14.71 1.57
N CYS D 118 12.06 -15.48 2.41
CA CYS D 118 11.85 -15.44 3.83
C CYS D 118 12.34 -14.13 4.43
N LYS D 119 13.47 -13.63 3.94
CA LYS D 119 14.17 -12.50 4.59
C LYS D 119 14.12 -11.18 3.86
N VAL D 120 14.01 -11.19 2.53
CA VAL D 120 14.13 -9.96 1.75
C VAL D 120 12.76 -9.55 1.26
N SER D 121 12.11 -10.40 0.48
CA SER D 121 10.79 -9.98 -0.02
C SER D 121 9.67 -10.19 1.03
N LYS D 122 9.96 -10.96 2.07
CA LYS D 122 8.99 -11.26 3.15
C LYS D 122 7.73 -11.97 2.64
N GLU D 123 7.97 -12.96 1.79
CA GLU D 123 6.94 -13.79 1.19
C GLU D 123 7.29 -15.25 1.49
N PRO D 124 7.21 -15.68 2.75
CA PRO D 124 7.67 -17.03 3.16
C PRO D 124 6.93 -18.21 2.52
N TYR D 125 5.67 -18.00 2.11
CA TYR D 125 4.94 -18.97 1.23
C TYR D 125 5.68 -19.35 -0.04
N LEU D 126 6.59 -18.48 -0.53
CA LEU D 126 7.42 -18.78 -1.69
C LEU D 126 8.81 -19.40 -1.41
N CYS D 127 9.08 -19.68 -0.14
CA CYS D 127 10.30 -20.34 0.28
C CYS D 127 10.45 -21.61 -0.54
N PRO D 128 11.54 -21.77 -1.28
CA PRO D 128 11.77 -23.04 -2.02
C PRO D 128 12.16 -24.20 -1.09
N ASN D 129 12.42 -23.91 0.20
CA ASN D 129 12.82 -24.94 1.14
C ASN D 129 11.66 -25.30 2.10
N ARG D 130 10.42 -25.02 1.72
CA ARG D 130 9.24 -25.11 2.60
C ARG D 130 8.93 -26.58 2.88
N LYS D 131 8.87 -26.92 4.15
CA LYS D 131 8.72 -28.31 4.65
C LYS D 131 7.32 -28.46 5.22
N VAL D 132 6.53 -29.42 4.67
CA VAL D 132 5.13 -29.46 4.98
C VAL D 132 4.69 -30.84 5.47
N TYR D 133 4.10 -30.85 6.68
CA TYR D 133 3.60 -32.10 7.29
C TYR D 133 2.58 -32.76 6.37
N GLY D 134 2.66 -34.08 6.27
CA GLY D 134 1.75 -34.87 5.44
C GLY D 134 1.90 -34.68 3.94
N ILE D 135 2.89 -33.89 3.50
CA ILE D 135 3.03 -33.64 2.04
C ILE D 135 4.42 -34.00 1.53
N ASN D 136 5.46 -33.38 2.07
CA ASN D 136 6.83 -33.70 1.62
C ASN D 136 7.70 -34.18 2.76
N ARG D 137 7.06 -34.60 3.84
CA ARG D 137 7.74 -35.20 4.95
C ARG D 137 7.26 -36.66 5.17
N GLY D 138 8.11 -37.60 4.79
CA GLY D 138 7.83 -39.04 4.87
C GLY D 138 7.99 -39.57 6.28
N CYS D 139 7.55 -40.81 6.49
CA CYS D 139 7.55 -41.41 7.81
C CYS D 139 8.64 -42.49 8.00
N SER D 140 9.55 -42.62 7.03
CA SER D 140 10.56 -43.66 7.10
C SER D 140 11.50 -43.46 8.28
N GLU D 141 12.06 -42.28 8.40
CA GLU D 141 13.03 -42.09 9.45
C GLU D 141 12.40 -41.60 10.75
N TYR D 142 12.89 -42.15 11.86
CA TYR D 142 12.40 -41.85 13.22
C TYR D 142 12.53 -40.35 13.36
N PRO D 143 11.58 -39.68 14.02
CA PRO D 143 10.50 -40.29 14.78
C PRO D 143 9.22 -40.63 14.00
N HIS D 144 9.29 -40.63 12.66
CA HIS D 144 8.24 -41.17 11.78
C HIS D 144 6.96 -40.35 11.64
N LEU D 145 6.49 -39.78 12.75
CA LEU D 145 5.14 -39.25 12.85
C LEU D 145 5.13 -37.81 12.29
N ARG D 146 5.05 -37.71 10.96
CA ARG D 146 5.14 -36.40 10.30
C ARG D 146 3.88 -36.06 9.51
N GLY D 147 2.75 -36.65 9.86
CA GLY D 147 1.50 -36.24 9.24
C GLY D 147 0.37 -36.46 10.21
N CYS D 148 -0.77 -35.90 9.86
CA CYS D 148 -1.92 -35.89 10.77
C CYS D 148 -2.84 -37.11 10.69
N TYR D 149 -2.66 -38.03 9.73
CA TYR D 149 -3.50 -39.27 9.69
C TYR D 149 -2.94 -40.26 10.71
N SER D 150 -2.95 -39.84 11.98
CA SER D 150 -2.19 -40.54 13.02
C SER D 150 -2.82 -40.23 14.38
N SER D 151 -2.53 -41.07 15.38
CA SER D 151 -2.94 -40.78 16.72
C SER D 151 -2.12 -39.62 17.28
N HIS D 152 -0.91 -39.42 16.71
CA HIS D 152 0.11 -38.52 17.24
C HIS D 152 0.98 -38.05 16.10
N ILE D 153 1.43 -36.81 16.22
CA ILE D 153 2.41 -36.13 15.31
C ILE D 153 3.52 -35.53 16.20
N VAL D 154 4.73 -35.54 15.66
CA VAL D 154 5.87 -34.90 16.29
C VAL D 154 6.14 -33.62 15.52
N LEU D 155 5.98 -32.47 16.19
CA LEU D 155 6.23 -31.16 15.59
C LEU D 155 7.68 -30.71 15.86
N ASP D 156 8.37 -30.27 14.83
CA ASP D 156 9.68 -29.68 15.03
C ASP D 156 9.59 -28.40 15.86
N PRO D 157 10.69 -28.05 16.53
CA PRO D 157 10.74 -26.85 17.35
C PRO D 157 10.47 -25.57 16.52
N GLU D 158 10.77 -25.61 15.21
CA GLU D 158 10.58 -24.47 14.32
C GLU D 158 9.12 -24.29 13.88
N THR D 159 8.22 -25.19 14.27
CA THR D 159 6.83 -25.08 13.90
C THR D 159 6.16 -23.85 14.55
N ASP D 160 5.41 -23.08 13.75
CA ASP D 160 4.56 -21.99 14.28
C ASP D 160 3.27 -22.54 14.88
N VAL D 161 3.10 -22.33 16.18
CA VAL D 161 1.98 -22.93 16.93
C VAL D 161 1.15 -21.83 17.58
N LEU D 162 -0.13 -22.11 17.74
CA LEU D 162 -1.06 -21.20 18.40
C LEU D 162 -1.93 -21.99 19.38
N LYS D 163 -1.92 -21.57 20.64
CA LYS D 163 -2.76 -22.16 21.62
C LYS D 163 -4.19 -21.76 21.36
N VAL D 164 -5.09 -22.69 21.57
CA VAL D 164 -6.51 -22.47 21.49
C VAL D 164 -7.17 -22.99 22.77
N SER D 165 -8.48 -22.89 22.86
CA SER D 165 -9.14 -23.25 24.11
C SER D 165 -10.30 -24.21 23.86
N GLU D 166 -10.88 -24.71 24.93
CA GLU D 166 -12.05 -25.59 24.81
C GLU D 166 -13.27 -24.89 24.19
N LYS D 167 -13.30 -23.56 24.14
CA LYS D 167 -14.37 -22.87 23.38
C LYS D 167 -14.14 -22.87 21.85
N ASP D 168 -13.04 -23.47 21.40
CA ASP D 168 -12.77 -23.49 19.97
C ASP D 168 -13.20 -24.82 19.38
N ASP D 169 -13.74 -24.77 18.16
CA ASP D 169 -14.17 -25.97 17.46
C ASP D 169 -12.97 -26.48 16.68
N LEU D 170 -12.36 -27.56 17.18
CA LEU D 170 -11.11 -28.07 16.64
C LEU D 170 -11.27 -28.67 15.25
N ASP D 171 -12.44 -29.26 15.00
CA ASP D 171 -12.77 -29.75 13.69
C ASP D 171 -12.74 -28.63 12.66
N VAL D 172 -13.44 -27.51 12.94
CA VAL D 172 -13.44 -26.35 12.04
C VAL D 172 -12.04 -25.77 11.85
N LEU D 173 -11.30 -25.62 12.95
CA LEU D 173 -9.94 -25.10 12.85
C LEU D 173 -9.04 -25.96 11.96
N ALA D 174 -9.15 -27.26 12.11
CA ALA D 174 -8.36 -28.17 11.29
C ALA D 174 -8.62 -27.90 9.79
N MET D 175 -9.89 -27.92 9.42
CA MET D 175 -10.32 -27.59 8.07
C MET D 175 -9.81 -26.22 7.61
N ALA D 176 -9.93 -25.22 8.49
CA ALA D 176 -9.59 -23.86 8.13
C ALA D 176 -8.13 -23.67 7.76
N MET D 177 -7.26 -24.52 8.28
CA MET D 177 -5.81 -24.39 8.16
C MET D 177 -5.37 -24.34 6.73
N CYS D 178 -6.02 -25.12 5.91
CA CYS D 178 -5.66 -25.23 4.54
C CYS D 178 -6.53 -24.30 3.66
N SER D 179 -7.75 -24.75 3.28
CA SER D 179 -8.61 -23.95 2.41
C SER D 179 -8.85 -22.50 2.94
N GLY D 180 -9.05 -22.37 4.24
CA GLY D 180 -9.31 -21.07 4.86
C GLY D 180 -8.17 -20.09 4.73
N ALA D 181 -6.94 -20.54 4.96
CA ALA D 181 -5.79 -19.67 5.00
C ALA D 181 -5.40 -19.28 3.58
N THR D 182 -5.65 -20.19 2.63
CA THR D 182 -5.47 -19.83 1.22
C THR D 182 -6.49 -18.77 0.80
N ALA D 183 -7.75 -18.96 1.15
CA ALA D 183 -8.80 -17.98 0.91
C ALA D 183 -8.40 -16.64 1.56
N TYR D 184 -7.87 -16.70 2.77
CA TYR D 184 -7.52 -15.47 3.47
C TYR D 184 -6.41 -14.73 2.71
N HIS D 185 -5.35 -15.45 2.32
CA HIS D 185 -4.28 -14.93 1.48
C HIS D 185 -4.87 -14.23 0.26
N ALA D 186 -5.86 -14.85 -0.38
CA ALA D 186 -6.47 -14.30 -1.59
C ALA D 186 -7.12 -12.93 -1.36
N PHE D 187 -7.77 -12.76 -0.21
CA PHE D 187 -8.42 -11.53 0.13
C PHE D 187 -7.41 -10.53 0.65
N ASP D 188 -6.36 -11.02 1.32
CA ASP D 188 -5.35 -10.16 1.97
C ASP D 188 -4.53 -9.38 0.92
N GLU D 189 -4.41 -9.91 -0.30
CA GLU D 189 -3.71 -9.21 -1.40
C GLU D 189 -4.45 -8.01 -2.01
N TYR D 190 -5.73 -7.87 -1.73
CA TYR D 190 -6.51 -6.73 -2.18
C TYR D 190 -6.04 -5.45 -1.48
N PRO D 191 -5.67 -4.40 -2.22
CA PRO D 191 -5.04 -3.22 -1.63
C PRO D 191 -5.94 -2.14 -1.10
N GLU D 192 -7.22 -2.44 -0.89
CA GLU D 192 -8.18 -1.51 -0.38
C GLU D 192 -9.06 -2.23 0.62
N SER D 193 -9.89 -1.47 1.32
CA SER D 193 -10.94 -2.06 2.16
C SER D 193 -12.03 -2.65 1.25
N PHE D 194 -12.77 -3.62 1.81
CA PHE D 194 -13.88 -4.25 1.11
C PHE D 194 -15.20 -3.47 1.33
N ALA D 195 -15.16 -2.39 2.11
CA ALA D 195 -16.39 -1.59 2.31
C ALA D 195 -16.94 -1.15 0.92
N GLY D 196 -18.23 -1.35 0.67
CA GLY D 196 -18.79 -0.87 -0.57
C GLY D 196 -18.49 -1.71 -1.80
N LYS D 197 -17.83 -2.83 -1.61
CA LYS D 197 -17.33 -3.64 -2.71
C LYS D 197 -18.22 -4.84 -2.99
N THR D 198 -18.27 -5.18 -4.27
CA THR D 198 -18.93 -6.41 -4.75
C THR D 198 -17.89 -7.49 -5.06
N VAL D 199 -18.06 -8.62 -4.38
CA VAL D 199 -17.20 -9.80 -4.49
C VAL D 199 -17.96 -10.93 -5.19
N VAL D 200 -17.30 -11.49 -6.20
CA VAL D 200 -17.80 -12.66 -6.89
C VAL D 200 -16.85 -13.82 -6.59
N ILE D 201 -17.40 -14.95 -6.13
CA ILE D 201 -16.62 -16.15 -5.81
C ILE D 201 -17.02 -17.23 -6.81
N GLN D 202 -16.05 -17.74 -7.56
CA GLN D 202 -16.29 -18.84 -8.50
C GLN D 202 -15.93 -20.16 -7.81
N GLY D 203 -16.91 -21.02 -7.55
CA GLY D 203 -16.66 -22.33 -6.92
C GLY D 203 -17.21 -22.32 -5.52
N ALA D 204 -17.75 -23.45 -5.08
CA ALA D 204 -18.37 -23.53 -3.76
C ALA D 204 -17.94 -24.77 -3.00
N GLY D 205 -16.68 -25.14 -3.17
CA GLY D 205 -16.04 -26.10 -2.30
C GLY D 205 -15.55 -25.34 -1.09
N PRO D 206 -14.77 -25.97 -0.22
CA PRO D 206 -14.34 -25.32 1.02
C PRO D 206 -13.62 -23.99 0.80
N LEU D 207 -12.85 -23.91 -0.29
CA LEU D 207 -12.08 -22.69 -0.53
C LEU D 207 -13.04 -21.51 -0.83
N GLY D 208 -14.00 -21.73 -1.71
CA GLY D 208 -14.96 -20.70 -2.08
C GLY D 208 -15.88 -20.33 -0.92
N LEU D 209 -16.23 -21.32 -0.11
CA LEU D 209 -17.15 -21.12 1.01
C LEU D 209 -16.51 -20.36 2.17
N PHE D 210 -15.24 -20.64 2.46
CA PHE D 210 -14.48 -19.81 3.41
C PHE D 210 -14.39 -18.39 2.85
N GLY D 211 -14.26 -18.28 1.53
CA GLY D 211 -14.19 -16.97 0.89
C GLY D 211 -15.46 -16.18 1.12
N VAL D 212 -16.61 -16.86 1.17
CA VAL D 212 -17.87 -16.19 1.48
C VAL D 212 -17.82 -15.55 2.90
N VAL D 213 -17.39 -16.34 3.88
CA VAL D 213 -17.35 -15.90 5.27
C VAL D 213 -16.25 -14.84 5.46
N ILE D 214 -15.13 -15.01 4.77
CA ILE D 214 -14.05 -14.02 4.82
C ILE D 214 -14.47 -12.73 4.18
N ALA D 215 -15.11 -12.81 3.02
CA ALA D 215 -15.63 -11.58 2.34
C ALA D 215 -16.64 -10.82 3.26
N ARG D 216 -17.59 -11.55 3.83
CA ARG D 216 -18.52 -10.96 4.80
C ARG D 216 -17.81 -10.29 5.98
N SER D 217 -16.87 -11.02 6.56
CA SER D 217 -16.15 -10.59 7.78
C SER D 217 -15.28 -9.34 7.57
N LEU D 218 -14.79 -9.17 6.35
CA LEU D 218 -13.99 -7.99 5.99
C LEU D 218 -14.83 -6.78 5.51
N GLY D 219 -16.16 -6.96 5.41
CA GLY D 219 -17.07 -5.85 5.20
C GLY D 219 -17.54 -5.62 3.78
N ALA D 220 -17.46 -6.64 2.95
CA ALA D 220 -17.91 -6.54 1.58
C ALA D 220 -19.38 -6.21 1.56
N GLU D 221 -19.80 -5.42 0.55
CA GLU D 221 -21.18 -5.06 0.44
C GLU D 221 -22.07 -6.19 -0.11
N ASN D 222 -21.62 -6.80 -1.18
CA ASN D 222 -22.32 -7.83 -1.94
C ASN D 222 -21.38 -9.01 -2.21
N VAL D 223 -21.84 -10.21 -1.83
CA VAL D 223 -21.15 -11.45 -2.06
C VAL D 223 -21.99 -12.37 -2.95
N ILE D 224 -21.44 -12.65 -4.16
CA ILE D 224 -22.10 -13.49 -5.18
C ILE D 224 -21.27 -14.74 -5.43
N VAL D 225 -21.90 -15.90 -5.44
CA VAL D 225 -21.17 -17.17 -5.66
C VAL D 225 -21.72 -17.82 -6.91
N ILE D 226 -20.82 -18.25 -7.76
CA ILE D 226 -21.17 -18.94 -9.01
C ILE D 226 -20.59 -20.35 -8.93
N ALA D 227 -21.44 -21.35 -9.12
CA ALA D 227 -21.00 -22.75 -9.08
C ALA D 227 -22.03 -23.64 -9.78
N GLY D 228 -21.85 -24.96 -9.68
CA GLY D 228 -22.69 -25.87 -10.38
C GLY D 228 -23.46 -26.83 -9.51
N SER D 229 -23.27 -26.81 -8.19
CA SER D 229 -23.96 -27.76 -7.30
C SER D 229 -24.99 -27.00 -6.50
N PRO D 230 -26.27 -27.30 -6.69
CA PRO D 230 -27.30 -26.63 -5.89
C PRO D 230 -27.15 -26.78 -4.37
N ASN D 231 -26.63 -27.92 -3.91
CA ASN D 231 -26.52 -28.18 -2.46
C ASN D 231 -25.44 -27.25 -1.87
N ARG D 232 -24.32 -27.15 -2.58
CA ARG D 232 -23.23 -26.26 -2.21
C ARG D 232 -23.64 -24.80 -2.29
N LEU D 233 -24.43 -24.43 -3.31
CA LEU D 233 -24.97 -23.07 -3.39
C LEU D 233 -25.94 -22.71 -2.27
N LYS D 234 -26.82 -23.63 -1.87
CA LYS D 234 -27.66 -23.40 -0.69
C LYS D 234 -26.81 -23.12 0.55
N LEU D 235 -25.76 -23.90 0.72
CA LEU D 235 -24.81 -23.69 1.82
C LEU D 235 -24.22 -22.31 1.78
N ALA D 236 -23.77 -21.88 0.59
CA ALA D 236 -23.18 -20.55 0.43
C ALA D 236 -24.16 -19.46 0.92
N GLU D 237 -25.44 -19.63 0.60
CA GLU D 237 -26.46 -18.70 1.08
C GLU D 237 -26.61 -18.75 2.58
N GLU D 238 -26.56 -19.95 3.14
CA GLU D 238 -26.73 -20.05 4.62
C GLU D 238 -25.57 -19.42 5.37
N ILE D 239 -24.40 -19.32 4.75
CA ILE D 239 -23.23 -18.78 5.40
C ILE D 239 -22.84 -17.39 4.93
N GLY D 240 -23.73 -16.74 4.17
CA GLY D 240 -23.58 -15.31 3.97
C GLY D 240 -23.70 -14.76 2.58
N ALA D 241 -23.80 -15.62 1.56
CA ALA D 241 -23.89 -15.13 0.19
C ALA D 241 -25.20 -14.40 -0.03
N ASP D 242 -25.12 -13.27 -0.72
CA ASP D 242 -26.30 -12.51 -1.10
C ASP D 242 -27.03 -13.10 -2.30
N LEU D 243 -26.27 -13.66 -3.22
CA LEU D 243 -26.79 -14.20 -4.49
C LEU D 243 -25.98 -15.42 -4.93
N THR D 244 -26.67 -16.47 -5.33
CA THR D 244 -25.95 -17.58 -5.96
C THR D 244 -26.49 -17.83 -7.37
N LEU D 245 -25.59 -18.21 -8.26
CA LEU D 245 -25.90 -18.43 -9.65
C LEU D 245 -25.42 -19.82 -10.02
N ASN D 246 -26.35 -20.65 -10.44
CA ASN D 246 -26.04 -22.04 -10.78
C ASN D 246 -25.71 -22.10 -12.25
N ARG D 247 -24.47 -22.40 -12.57
CA ARG D 247 -24.01 -22.54 -13.97
C ARG D 247 -24.82 -23.49 -14.82
N ARG D 248 -25.47 -24.47 -14.21
CA ARG D 248 -26.30 -25.45 -14.95
C ARG D 248 -27.75 -25.03 -15.20
N GLU D 249 -28.15 -23.91 -14.62
CA GLU D 249 -29.50 -23.39 -14.72
C GLU D 249 -29.58 -22.01 -15.33
N THR D 250 -28.43 -21.40 -15.59
CA THR D 250 -28.33 -20.07 -16.14
C THR D 250 -27.34 -20.04 -17.27
N SER D 251 -27.51 -19.07 -18.16
CA SER D 251 -26.58 -18.80 -19.21
C SER D 251 -25.51 -17.82 -18.75
N VAL D 252 -24.40 -17.82 -19.49
CA VAL D 252 -23.35 -16.87 -19.26
C VAL D 252 -23.86 -15.44 -19.23
N GLU D 253 -24.72 -15.08 -20.17
CA GLU D 253 -25.24 -13.72 -20.27
C GLU D 253 -26.19 -13.39 -19.10
N GLU D 254 -27.01 -14.35 -18.68
CA GLU D 254 -27.83 -14.18 -17.47
C GLU D 254 -27.01 -13.88 -16.22
N ARG D 255 -25.89 -14.59 -16.05
CA ARG D 255 -25.02 -14.32 -14.92
C ARG D 255 -24.35 -12.95 -15.03
N ARG D 256 -23.91 -12.56 -16.22
CA ARG D 256 -23.29 -11.28 -16.44
C ARG D 256 -24.30 -10.16 -16.15
N LYS D 257 -25.52 -10.30 -16.66
CA LYS D 257 -26.53 -9.32 -16.35
C LYS D 257 -26.85 -9.19 -14.86
N ALA D 258 -26.89 -10.30 -14.12
CA ALA D 258 -27.15 -10.21 -12.70
C ALA D 258 -26.03 -9.45 -11.99
N ILE D 259 -24.78 -9.67 -12.42
CA ILE D 259 -23.68 -8.97 -11.77
C ILE D 259 -23.63 -7.46 -12.15
N MET D 260 -23.94 -7.19 -13.42
CA MET D 260 -23.97 -5.85 -13.95
C MET D 260 -25.11 -5.12 -13.27
N ASP D 261 -26.26 -5.76 -13.03
CA ASP D 261 -27.36 -5.08 -12.32
C ASP D 261 -26.97 -4.66 -10.89
N ILE D 262 -26.34 -5.58 -10.18
CA ILE D 262 -25.88 -5.36 -8.81
C ILE D 262 -24.81 -4.27 -8.69
N THR D 263 -24.01 -4.09 -9.75
CA THR D 263 -22.83 -3.20 -9.72
C THR D 263 -23.01 -1.99 -10.66
N HIS D 264 -24.27 -1.67 -10.99
CA HIS D 264 -24.61 -0.51 -11.76
C HIS D 264 -23.86 -0.47 -13.06
N GLY D 265 -23.70 -1.63 -13.67
CA GLY D 265 -23.07 -1.74 -14.96
C GLY D 265 -21.56 -1.78 -14.98
N ARG D 266 -20.91 -1.81 -13.83
CA ARG D 266 -19.45 -1.77 -13.82
C ARG D 266 -18.81 -3.13 -13.90
N GLY D 267 -19.40 -4.11 -13.20
CA GLY D 267 -18.77 -5.35 -12.90
C GLY D 267 -18.29 -5.45 -11.47
N ALA D 268 -17.82 -6.65 -11.13
CA ALA D 268 -17.32 -6.94 -9.80
C ALA D 268 -16.01 -6.26 -9.48
N ASP D 269 -15.86 -5.92 -8.20
CA ASP D 269 -14.63 -5.26 -7.74
C ASP D 269 -13.48 -6.24 -7.51
N PHE D 270 -13.83 -7.42 -6.98
CA PHE D 270 -12.91 -8.46 -6.59
C PHE D 270 -13.56 -9.82 -6.96
N ILE D 271 -12.80 -10.66 -7.64
CA ILE D 271 -13.22 -12.03 -7.96
C ILE D 271 -12.20 -13.00 -7.43
N LEU D 272 -12.71 -14.05 -6.79
CA LEU D 272 -11.89 -15.16 -6.35
C LEU D 272 -12.16 -16.35 -7.25
N GLU D 273 -11.12 -16.84 -7.93
CA GLU D 273 -11.22 -18.14 -8.56
C GLU D 273 -10.98 -19.24 -7.50
N ALA D 274 -12.01 -20.04 -7.23
CA ALA D 274 -11.98 -21.11 -6.28
C ALA D 274 -12.57 -22.39 -6.94
N THR D 275 -12.38 -22.55 -8.26
CA THR D 275 -12.93 -23.71 -8.97
C THR D 275 -11.95 -24.86 -9.13
N GLY D 276 -10.66 -24.58 -9.24
CA GLY D 276 -9.69 -25.60 -9.66
C GLY D 276 -9.56 -25.72 -11.19
N ASP D 277 -10.32 -24.93 -11.94
CA ASP D 277 -10.35 -25.01 -13.39
C ASP D 277 -9.87 -23.74 -14.03
N SER D 278 -8.76 -23.83 -14.77
CA SER D 278 -8.18 -22.63 -15.41
C SER D 278 -9.19 -21.93 -16.29
N ARG D 279 -10.15 -22.66 -16.85
CA ARG D 279 -11.13 -22.03 -17.76
C ARG D 279 -12.08 -21.07 -17.08
N ALA D 280 -12.09 -21.07 -15.76
CA ALA D 280 -12.87 -20.10 -14.98
C ALA D 280 -12.55 -18.65 -15.30
N LEU D 281 -11.32 -18.36 -15.70
CA LEU D 281 -10.92 -17.00 -16.01
C LEU D 281 -11.61 -16.45 -17.25
N LEU D 282 -12.08 -17.32 -18.12
CA LEU D 282 -12.81 -16.90 -19.32
C LEU D 282 -14.16 -16.24 -18.91
N GLU D 283 -14.86 -16.81 -17.93
CA GLU D 283 -16.09 -16.21 -17.41
C GLU D 283 -15.75 -15.04 -16.52
N GLY D 284 -14.81 -15.25 -15.61
CA GLY D 284 -14.46 -14.28 -14.61
C GLY D 284 -13.94 -13.00 -15.18
N SER D 285 -13.12 -13.09 -16.22
CA SER D 285 -12.61 -11.87 -16.86
C SER D 285 -13.70 -10.95 -17.40
N GLU D 286 -14.81 -11.50 -17.88
CA GLU D 286 -15.87 -10.69 -18.43
C GLU D 286 -16.77 -10.10 -17.33
N LEU D 287 -16.65 -10.59 -16.10
CA LEU D 287 -17.42 -10.08 -14.96
C LEU D 287 -16.68 -8.97 -14.15
N LEU D 288 -15.39 -8.77 -14.45
CA LEU D 288 -14.53 -7.94 -13.66
C LEU D 288 -14.66 -6.51 -14.15
N ARG D 289 -14.88 -5.56 -13.25
CA ARG D 289 -14.86 -4.14 -13.63
C ARG D 289 -13.52 -3.66 -14.12
N ARG D 290 -13.54 -2.57 -14.87
CA ARG D 290 -12.29 -1.88 -15.18
C ARG D 290 -11.66 -1.46 -13.89
N GLY D 291 -10.39 -1.79 -13.70
CA GLY D 291 -9.76 -1.50 -12.43
C GLY D 291 -9.90 -2.57 -11.38
N GLY D 292 -10.57 -3.69 -11.69
CA GLY D 292 -10.81 -4.72 -10.70
C GLY D 292 -9.65 -5.65 -10.43
N PHE D 293 -9.87 -6.55 -9.48
CA PHE D 293 -8.85 -7.39 -8.91
C PHE D 293 -9.32 -8.82 -8.92
N TYR D 294 -8.56 -9.68 -9.59
CA TYR D 294 -8.92 -11.06 -9.73
C TYR D 294 -7.87 -11.89 -8.98
N SER D 295 -8.24 -12.52 -7.86
CA SER D 295 -7.35 -13.44 -7.13
C SER D 295 -7.60 -14.86 -7.59
N VAL D 296 -6.56 -15.51 -8.06
CA VAL D 296 -6.68 -16.82 -8.69
C VAL D 296 -6.01 -17.80 -7.75
N ALA D 297 -6.82 -18.60 -7.04
CA ALA D 297 -6.32 -19.46 -5.94
C ALA D 297 -6.73 -20.93 -6.00
N GLY D 298 -7.63 -21.27 -6.93
CA GLY D 298 -8.18 -22.61 -7.06
C GLY D 298 -7.37 -23.58 -7.90
N VAL D 299 -6.92 -23.14 -9.04
CA VAL D 299 -6.15 -24.03 -9.93
C VAL D 299 -4.98 -24.59 -9.13
N ALA D 300 -4.85 -25.91 -9.06
CA ALA D 300 -3.83 -26.56 -8.21
C ALA D 300 -2.97 -27.58 -8.90
N VAL D 301 -3.16 -27.77 -10.21
CA VAL D 301 -2.29 -28.64 -11.02
C VAL D 301 -2.03 -27.99 -12.35
N PRO D 302 -0.96 -28.36 -13.06
CA PRO D 302 -0.79 -27.89 -14.43
C PRO D 302 -1.97 -28.33 -15.29
N GLN D 303 -2.48 -27.39 -16.08
CA GLN D 303 -3.62 -27.71 -16.95
C GLN D 303 -3.33 -27.19 -18.35
N ASP D 304 -4.19 -27.51 -19.32
CA ASP D 304 -4.00 -26.90 -20.64
C ASP D 304 -4.03 -25.39 -20.48
N PRO D 305 -3.27 -24.69 -21.31
CA PRO D 305 -3.32 -23.23 -21.36
C PRO D 305 -4.72 -22.74 -21.76
N VAL D 306 -5.12 -21.59 -21.25
CA VAL D 306 -6.38 -20.96 -21.65
C VAL D 306 -6.12 -19.85 -22.66
N PRO D 307 -7.08 -19.62 -23.55
CA PRO D 307 -6.98 -18.52 -24.51
C PRO D 307 -7.16 -17.18 -23.81
N PHE D 308 -6.06 -16.47 -23.59
CA PHE D 308 -6.13 -15.24 -22.76
C PHE D 308 -6.05 -14.01 -23.67
N LYS D 309 -7.07 -13.15 -23.57
CA LYS D 309 -7.22 -11.93 -24.32
C LYS D 309 -6.54 -10.80 -23.57
N VAL D 310 -5.30 -10.50 -23.97
CA VAL D 310 -4.41 -9.55 -23.23
C VAL D 310 -4.94 -8.12 -23.27
N TYR D 311 -5.35 -7.68 -24.43
CA TYR D 311 -5.85 -6.31 -24.55
C TYR D 311 -7.13 -6.18 -23.78
N GLU D 312 -8.09 -7.07 -24.04
CA GLU D 312 -9.41 -6.96 -23.40
C GLU D 312 -9.46 -7.18 -21.92
N TRP D 313 -8.78 -8.20 -21.43
CA TRP D 313 -8.89 -8.58 -20.04
C TRP D 313 -7.88 -7.93 -19.12
N LEU D 314 -6.74 -7.51 -19.67
CA LEU D 314 -5.70 -6.92 -18.85
C LEU D 314 -5.51 -5.44 -19.13
N VAL D 315 -5.11 -5.08 -20.34
CA VAL D 315 -4.72 -3.71 -20.65
C VAL D 315 -5.89 -2.70 -20.61
N LEU D 316 -6.88 -2.90 -21.49
CA LEU D 316 -8.09 -2.05 -21.53
C LEU D 316 -8.82 -2.00 -20.19
N LYS D 317 -8.85 -3.09 -19.45
CA LYS D 317 -9.52 -3.17 -18.20
C LYS D 317 -8.67 -2.61 -17.06
N ASN D 318 -7.37 -2.41 -17.26
CA ASN D 318 -6.46 -1.98 -16.17
C ASN D 318 -6.66 -2.90 -14.98
N ALA D 319 -6.73 -4.20 -15.25
CA ALA D 319 -7.07 -5.21 -14.27
C ALA D 319 -5.80 -5.75 -13.56
N THR D 320 -5.94 -6.20 -12.33
CA THR D 320 -4.93 -7.02 -11.63
C THR D 320 -5.35 -8.46 -11.57
N PHE D 321 -4.52 -9.36 -12.09
CA PHE D 321 -4.68 -10.78 -11.93
C PHE D 321 -3.56 -11.17 -11.00
N LYS D 322 -3.93 -11.74 -9.85
CA LYS D 322 -2.98 -12.12 -8.82
C LYS D 322 -3.10 -13.58 -8.51
N GLY D 323 -2.05 -14.33 -8.80
CA GLY D 323 -2.02 -15.71 -8.38
C GLY D 323 -1.78 -15.80 -6.89
N ILE D 324 -2.39 -16.80 -6.26
CA ILE D 324 -2.24 -17.01 -4.81
C ILE D 324 -1.64 -18.38 -4.52
N TRP D 325 -0.45 -18.40 -3.91
CA TRP D 325 0.21 -19.67 -3.55
C TRP D 325 0.15 -19.90 -2.05
N VAL D 326 -0.51 -20.97 -1.67
CA VAL D 326 -0.68 -21.31 -0.25
C VAL D 326 -0.86 -20.15 0.75
N SER D 327 -0.19 -20.20 1.89
CA SER D 327 -0.34 -19.20 2.92
C SER D 327 0.85 -19.28 3.84
N ASP D 328 1.05 -18.25 4.64
CA ASP D 328 2.12 -18.24 5.63
C ASP D 328 1.53 -18.06 7.02
N THR D 329 2.38 -17.81 7.99
CA THR D 329 1.96 -17.68 9.38
C THR D 329 1.10 -16.48 9.70
N SER D 330 1.31 -15.38 8.98
CA SER D 330 0.43 -14.23 9.10
C SER D 330 -0.99 -14.57 8.69
N HIS D 331 -1.15 -15.30 7.57
CA HIS D 331 -2.45 -15.73 7.07
C HIS D 331 -3.12 -16.74 8.00
N PHE D 332 -2.33 -17.67 8.53
CA PHE D 332 -2.76 -18.64 9.56
C PHE D 332 -3.38 -17.92 10.75
N VAL D 333 -2.67 -17.02 11.41
CA VAL D 333 -3.27 -16.41 12.60
C VAL D 333 -4.51 -15.58 12.29
N LYS D 334 -4.52 -14.86 11.16
CA LYS D 334 -5.70 -14.08 10.78
C LYS D 334 -6.94 -14.93 10.41
N THR D 335 -6.68 -16.08 9.79
CA THR D 335 -7.68 -17.09 9.50
C THR D 335 -8.30 -17.73 10.77
N VAL D 336 -7.48 -18.03 11.76
CA VAL D 336 -7.98 -18.54 13.04
C VAL D 336 -8.91 -17.48 13.66
N SER D 337 -8.54 -16.22 13.54
CA SER D 337 -9.31 -15.14 14.15
C SER D 337 -10.69 -14.96 13.51
N ILE D 338 -10.76 -14.95 12.19
CA ILE D 338 -12.03 -14.90 11.50
C ILE D 338 -12.85 -16.19 11.73
N THR D 339 -12.17 -17.31 11.65
CA THR D 339 -12.79 -18.61 11.81
C THR D 339 -13.48 -18.65 13.20
N SER D 340 -12.81 -18.16 14.23
CA SER D 340 -13.29 -18.25 15.60
C SER D 340 -14.54 -17.43 15.84
N ARG D 341 -14.80 -16.42 15.02
CA ARG D 341 -16.10 -15.70 15.04
C ARG D 341 -17.20 -16.42 14.23
N ASN D 342 -16.89 -17.55 13.62
CA ASN D 342 -17.80 -18.10 12.60
C ASN D 342 -17.95 -19.61 12.70
N TYR D 343 -17.79 -20.13 13.93
CA TYR D 343 -17.77 -21.56 14.09
C TYR D 343 -19.07 -22.21 13.64
N GLN D 344 -20.20 -21.62 14.00
CA GLN D 344 -21.50 -22.27 13.77
C GLN D 344 -21.72 -22.41 12.28
N LEU D 345 -21.35 -21.39 11.52
CA LEU D 345 -21.61 -21.38 10.07
C LEU D 345 -20.61 -22.34 9.39
N LEU D 346 -19.34 -22.26 9.80
CA LEU D 346 -18.28 -23.05 9.14
C LEU D 346 -18.35 -24.55 9.45
N SER D 347 -18.92 -24.92 10.60
CA SER D 347 -19.11 -26.31 10.94
C SER D 347 -20.07 -26.99 9.92
N LYS D 348 -20.93 -26.23 9.26
CA LYS D 348 -21.79 -26.77 8.21
C LYS D 348 -21.04 -27.38 7.01
N LEU D 349 -19.77 -27.02 6.83
CA LEU D 349 -18.96 -27.60 5.77
C LEU D 349 -18.55 -29.04 6.06
N ILE D 350 -18.48 -29.41 7.34
CA ILE D 350 -18.12 -30.81 7.72
C ILE D 350 -19.33 -31.73 7.54
N THR D 351 -19.30 -32.54 6.47
CA THR D 351 -20.39 -33.42 6.15
C THR D 351 -20.18 -34.79 6.76
N HIS D 352 -18.92 -35.18 6.98
CA HIS D 352 -18.58 -36.49 7.45
C HIS D 352 -17.54 -36.46 8.53
N ARG D 353 -17.75 -37.30 9.53
CA ARG D 353 -16.76 -37.47 10.57
C ARG D 353 -16.52 -38.99 10.73
N LEU D 354 -15.29 -39.46 10.50
CA LEU D 354 -14.94 -40.89 10.44
C LEU D 354 -13.75 -41.22 11.37
N PRO D 355 -13.66 -42.45 11.88
CA PRO D 355 -12.49 -42.87 12.65
C PRO D 355 -11.27 -42.96 11.73
N LEU D 356 -10.10 -42.70 12.31
CA LEU D 356 -8.86 -42.70 11.55
C LEU D 356 -8.71 -43.98 10.71
N LYS D 357 -9.09 -45.11 11.29
CA LYS D 357 -8.94 -46.42 10.63
C LYS D 357 -9.79 -46.52 9.36
N GLU D 358 -10.75 -45.60 9.18
CA GLU D 358 -11.47 -45.45 7.92
C GLU D 358 -10.90 -44.37 6.97
N ALA D 359 -9.58 -44.14 7.02
CA ALA D 359 -8.98 -43.09 6.19
C ALA D 359 -9.22 -43.33 4.69
N ASN D 360 -9.27 -44.60 4.26
CA ASN D 360 -9.47 -44.90 2.84
C ASN D 360 -10.85 -44.49 2.35
N LYS D 361 -11.90 -44.94 3.03
CA LYS D 361 -13.26 -44.47 2.79
C LYS D 361 -13.36 -42.94 2.72
N ALA D 362 -12.66 -42.24 3.63
CA ALA D 362 -12.69 -40.78 3.65
C ALA D 362 -12.14 -40.19 2.40
N LEU D 363 -11.09 -40.80 1.88
CA LEU D 363 -10.49 -40.33 0.63
C LEU D 363 -11.44 -40.58 -0.54
N GLU D 364 -12.10 -41.74 -0.52
CA GLU D 364 -13.13 -42.05 -1.51
C GLU D 364 -14.26 -41.03 -1.51
N LEU D 365 -14.78 -40.72 -0.32
CA LEU D 365 -15.86 -39.73 -0.15
C LEU D 365 -15.50 -38.38 -0.72
N MET D 366 -14.27 -37.97 -0.49
CA MET D 366 -13.77 -36.70 -0.97
C MET D 366 -13.61 -36.77 -2.48
N GLU D 367 -13.00 -37.86 -2.96
CA GLU D 367 -12.79 -38.02 -4.41
C GLU D 367 -14.11 -37.96 -5.17
N SER D 368 -15.09 -38.74 -4.73
CA SER D 368 -16.41 -38.79 -5.37
C SER D 368 -17.30 -37.55 -5.22
N ARG D 369 -16.88 -36.61 -4.38
CA ARG D 369 -17.68 -35.43 -3.99
C ARG D 369 -18.94 -35.78 -3.18
N GLU D 370 -19.04 -37.03 -2.71
CA GLU D 370 -20.11 -37.39 -1.78
C GLU D 370 -19.95 -36.54 -0.50
N ALA D 371 -18.70 -36.33 -0.10
CA ALA D 371 -18.37 -35.46 1.02
C ALA D 371 -17.95 -34.08 0.49
N LEU D 372 -18.32 -33.04 1.24
CA LEU D 372 -17.75 -31.70 1.08
C LEU D 372 -16.47 -31.64 1.87
N LYS D 373 -16.55 -32.05 3.13
CA LYS D 373 -15.36 -32.16 3.93
C LYS D 373 -15.49 -33.30 4.93
N VAL D 374 -14.43 -34.07 5.06
CA VAL D 374 -14.36 -35.13 6.04
C VAL D 374 -13.27 -34.87 7.03
N ILE D 375 -13.60 -35.14 8.27
CA ILE D 375 -12.64 -35.06 9.34
C ILE D 375 -12.48 -36.43 10.01
N LEU D 376 -11.23 -36.82 10.24
CA LEU D 376 -10.87 -38.08 10.91
C LEU D 376 -10.53 -37.83 12.37
N TYR D 377 -10.85 -38.80 13.22
CA TYR D 377 -10.46 -38.75 14.63
C TYR D 377 -9.83 -40.09 15.06
N PRO D 378 -8.70 -40.04 15.76
CA PRO D 378 -8.11 -41.25 16.27
C PRO D 378 -9.03 -41.89 17.31
N GLU D 379 -8.96 -43.21 17.40
CA GLU D 379 -9.75 -44.02 18.35
C GLU D 379 -9.01 -44.26 19.67
#